data_3GK4
# 
_entry.id   3GK4 
# 
_audit_conform.dict_name       mmcif_pdbx.dic 
_audit_conform.dict_version    5.378 
_audit_conform.dict_location   http://mmcif.pdb.org/dictionaries/ascii/mmcif_pdbx.dic 
# 
loop_
_database_2.database_id 
_database_2.database_code 
_database_2.pdbx_database_accession 
_database_2.pdbx_DOI 
PDB   3GK4         pdb_00003gk4 10.2210/pdb3gk4/pdb 
RCSB  RCSB051960   ?            ?                   
WWPDB D_1000051960 ?            ?                   
# 
loop_
_pdbx_database_related.db_name 
_pdbx_database_related.db_id 
_pdbx_database_related.details 
_pdbx_database_related.content_type 
PDB 1MHO 'THE 2.0 A STRUCTURE OF HOLO S100B FROM BOVINE BRAIN'                                                           
unspecified 
PDB 3CR2 'X-ray structure of bovine Zn(2+),Ca(2+)-S100B'                                                                 
unspecified 
PDB 3CR4 'X-ray structure of bovine Pnt,Ca(2+)-S100B'                                                                    
unspecified 
PDB 3CR5 'X-ray structure of bovine Pnt-Zn(2+),Ca(2+)-S100B'                                                             
unspecified 
PDB 1DT7 'SOLUTION STRUCTURE OF THE C-TERMINAL NEGATIVE REGULATORY DOMAIN OF P53 IN A COMPLEX WITH CA2+-BOUND S100B(BB)' 
unspecified 
PDB 3GK1 .                                                                                                               
unspecified 
PDB 3GK2 .                                                                                                               
unspecified 
# 
_pdbx_database_status.entry_id                        3GK4 
_pdbx_database_status.deposit_site                    RCSB 
_pdbx_database_status.process_site                    RCSB 
_pdbx_database_status.recvd_initial_deposition_date   2009-03-09 
_pdbx_database_status.status_code                     REL 
_pdbx_database_status.status_code_sf                  REL 
_pdbx_database_status.status_code_mr                  ? 
_pdbx_database_status.SG_entry                        ? 
_pdbx_database_status.pdb_format_compatible           Y 
_pdbx_database_status.status_code_cs                  ? 
_pdbx_database_status.methods_development_category    ? 
_pdbx_database_status.status_code_nmr_data            ? 
# 
loop_
_audit_author.name 
_audit_author.pdbx_ordinal 
_audit_author.identifier_ORCID 
'Charpentier, T.H.' 1 ? 
'Weber, D.J.'       2 ? 
'Toth, E.A.'        3 ? 
# 
_citation.id                        primary 
_citation.title                     
;Small molecules bound to unique sites in the target protein binding cleft of calcium-bound S100B as characterized by nuclear magnetic resonance and X-ray crystallography.
;
_citation.journal_abbrev            Biochemistry 
_citation.journal_volume            48 
_citation.page_first                6202 
_citation.page_last                 6212 
_citation.year                      2009 
_citation.journal_id_ASTM           BICHAW 
_citation.country                   US 
_citation.journal_id_ISSN           0006-2960 
_citation.journal_id_CSD            0033 
_citation.book_publisher            ? 
_citation.pdbx_database_id_PubMed   19469484 
_citation.pdbx_database_id_DOI      10.1021/bi9005754 
# 
loop_
_citation_author.citation_id 
_citation_author.name 
_citation_author.ordinal 
_citation_author.identifier_ORCID 
primary 'Charpentier, T.H.' 1  ? 
primary 'Wilder, P.T.'      2  ? 
primary 'Liriano, M.A.'     3  ? 
primary 'Varney, K.M.'      4  ? 
primary 'Zhong, S.'         5  ? 
primary 'Coop, A.'          6  ? 
primary 'Pozharski, E.'     7  ? 
primary 'MacKerell, A.D.'   8  ? 
primary 'Toth, E.A.'        9  ? 
primary 'Weber, D.J.'       10 ? 
# 
_cell.length_a           34.459 
_cell.length_b           89.532 
_cell.length_c           59.234 
_cell.angle_alpha        90.000 
_cell.angle_beta         90.000 
_cell.angle_gamma        90.000 
_cell.entry_id           3GK4 
_cell.pdbx_unique_axis   ? 
_cell.Z_PDB              8 
_cell.length_a_esd       ? 
_cell.length_b_esd       ? 
_cell.length_c_esd       ? 
_cell.angle_alpha_esd    ? 
_cell.angle_beta_esd     ? 
_cell.angle_gamma_esd    ? 
# 
_symmetry.space_group_name_H-M             'C 2 2 21' 
_symmetry.entry_id                         3GK4 
_symmetry.Int_Tables_number                20 
_symmetry.pdbx_full_space_group_name_H-M   ? 
_symmetry.cell_setting                     ? 
_symmetry.space_group_name_Hall            ? 
# 
loop_
_entity.id 
_entity.type 
_entity.src_method 
_entity.pdbx_description 
_entity.formula_weight 
_entity.pdbx_number_of_molecules 
_entity.pdbx_ec 
_entity.pdbx_mutation 
_entity.pdbx_fragment 
_entity.details 
1 polymer     man 'Protein S100-B' 10681.974 1  ? ? ? ? 
2 non-polymer syn 'CALCIUM ION' 40.078    2  ? ? ? ? 
3 non-polymer syn 
'ethyl 5-{[(1R)-1-(ethoxycarbonyl)-2-oxopropyl]sulfanyl}-1,2-dihydro[1,2,3]triazolo[1,5-a]quinazoline-3-carboxylate' 404.440   1  
? ? ? ? 
4 water       nat water 18.015    40 ? ? ? ? 
# 
_entity_name_com.entity_id   1 
_entity_name_com.name        'S100 calcium-binding protein B, S-100 protein subunit beta, S-100 protein beta chain' 
# 
_entity_poly.entity_id                      1 
_entity_poly.type                           'polypeptide(L)' 
_entity_poly.nstd_linkage                   no 
_entity_poly.nstd_monomer                   no 
_entity_poly.pdbx_seq_one_letter_code       
;MSELEKAVVALIDVFHQYSGREGDKHKLKKSELKELINNELSHFLEEIKEQEVVDKVMETLDSDGDGECDFQEFMAFVAM
ITTACHEFFEHE
;
_entity_poly.pdbx_seq_one_letter_code_can   
;MSELEKAVVALIDVFHQYSGREGDKHKLKKSELKELINNELSHFLEEIKEQEVVDKVMETLDSDGDGECDFQEFMAFVAM
ITTACHEFFEHE
;
_entity_poly.pdbx_strand_id                 X 
_entity_poly.pdbx_target_identifier         ? 
# 
loop_
_entity_poly_seq.entity_id 
_entity_poly_seq.num 
_entity_poly_seq.mon_id 
_entity_poly_seq.hetero 
1 1  MET n 
1 2  SER n 
1 3  GLU n 
1 4  LEU n 
1 5  GLU n 
1 6  LYS n 
1 7  ALA n 
1 8  VAL n 
1 9  VAL n 
1 10 ALA n 
1 11 LEU n 
1 12 ILE n 
1 13 ASP n 
1 14 VAL n 
1 15 PHE n 
1 16 HIS n 
1 17 GLN n 
1 18 TYR n 
1 19 SER n 
1 20 GLY n 
1 21 ARG n 
1 22 GLU n 
1 23 GLY n 
1 24 ASP n 
1 25 LYS n 
1 26 HIS n 
1 27 LYS n 
1 28 LEU n 
1 29 LYS n 
1 30 LYS n 
1 31 SER n 
1 32 GLU n 
1 33 LEU n 
1 34 LYS n 
1 35 GLU n 
1 36 LEU n 
1 37 ILE n 
1 38 ASN n 
1 39 ASN n 
1 40 GLU n 
1 41 LEU n 
1 42 SER n 
1 43 HIS n 
1 44 PHE n 
1 45 LEU n 
1 46 GLU n 
1 47 GLU n 
1 48 ILE n 
1 49 LYS n 
1 50 GLU n 
1 51 GLN n 
1 52 GLU n 
1 53 VAL n 
1 54 VAL n 
1 55 ASP n 
1 56 LYS n 
1 57 VAL n 
1 58 MET n 
1 59 GLU n 
1 60 THR n 
1 61 LEU n 
1 62 ASP n 
1 63 SER n 
1 64 ASP n 
1 65 GLY n 
1 66 ASP n 
1 67 GLY n 
1 68 GLU n 
1 69 CYS n 
1 70 ASP n 
1 71 PHE n 
1 72 GLN n 
1 73 GLU n 
1 74 PHE n 
1 75 MET n 
1 76 ALA n 
1 77 PHE n 
1 78 VAL n 
1 79 ALA n 
1 80 MET n 
1 81 ILE n 
1 82 THR n 
1 83 THR n 
1 84 ALA n 
1 85 CYS n 
1 86 HIS n 
1 87 GLU n 
1 88 PHE n 
1 89 PHE n 
1 90 GLU n 
1 91 HIS n 
1 92 GLU n 
# 
_entity_src_gen.entity_id                          1 
_entity_src_gen.pdbx_src_id                        1 
_entity_src_gen.pdbx_alt_source_flag               sample 
_entity_src_gen.pdbx_seq_type                      ? 
_entity_src_gen.pdbx_beg_seq_num                   ? 
_entity_src_gen.pdbx_end_seq_num                   ? 
_entity_src_gen.gene_src_common_name               'bovine,cow,domestic cattle,domestic cow' 
_entity_src_gen.gene_src_genus                     ? 
_entity_src_gen.pdbx_gene_src_gene                 S100B 
_entity_src_gen.gene_src_species                   ? 
_entity_src_gen.gene_src_strain                    ? 
_entity_src_gen.gene_src_tissue                    ? 
_entity_src_gen.gene_src_tissue_fraction           ? 
_entity_src_gen.gene_src_details                   ? 
_entity_src_gen.pdbx_gene_src_fragment             ? 
_entity_src_gen.pdbx_gene_src_scientific_name      'Bos taurus' 
_entity_src_gen.pdbx_gene_src_ncbi_taxonomy_id     9913 
_entity_src_gen.pdbx_gene_src_variant              ? 
_entity_src_gen.pdbx_gene_src_cell_line            ? 
_entity_src_gen.pdbx_gene_src_atcc                 ? 
_entity_src_gen.pdbx_gene_src_organ                ? 
_entity_src_gen.pdbx_gene_src_organelle            ? 
_entity_src_gen.pdbx_gene_src_cell                 ? 
_entity_src_gen.pdbx_gene_src_cellular_location    ? 
_entity_src_gen.host_org_common_name               ? 
_entity_src_gen.pdbx_host_org_scientific_name      'Escherichia coli' 
_entity_src_gen.pdbx_host_org_ncbi_taxonomy_id     562 
_entity_src_gen.host_org_genus                     ? 
_entity_src_gen.pdbx_host_org_gene                 ? 
_entity_src_gen.pdbx_host_org_organ                ? 
_entity_src_gen.host_org_species                   ? 
_entity_src_gen.pdbx_host_org_tissue               ? 
_entity_src_gen.pdbx_host_org_tissue_fraction      ? 
_entity_src_gen.pdbx_host_org_strain               'BL21(DE3)' 
_entity_src_gen.pdbx_host_org_variant              ? 
_entity_src_gen.pdbx_host_org_cell_line            ? 
_entity_src_gen.pdbx_host_org_atcc                 ? 
_entity_src_gen.pdbx_host_org_culture_collection   ? 
_entity_src_gen.pdbx_host_org_cell                 ? 
_entity_src_gen.pdbx_host_org_organelle            ? 
_entity_src_gen.pdbx_host_org_cellular_location    ? 
_entity_src_gen.pdbx_host_org_vector_type          plasmid 
_entity_src_gen.pdbx_host_org_vector               ? 
_entity_src_gen.host_org_details                   ? 
_entity_src_gen.expression_system_id               ? 
_entity_src_gen.plasmid_name                       pET11b 
_entity_src_gen.plasmid_details                    ? 
_entity_src_gen.pdbx_description                   ? 
# 
_struct_ref.id                         1 
_struct_ref.db_name                    UNP 
_struct_ref.db_code                    S100B_BOVIN 
_struct_ref.pdbx_db_accession          P02638 
_struct_ref.entity_id                  1 
_struct_ref.pdbx_seq_one_letter_code   
;MSELEKAVVALIDVFHQYSGREGDKHKLKKSELKELINNELSHFLEEIKEQEVVDKVMETLDSDGDGECDFQEFMAFVAM
ITTACHEFFEHE
;
_struct_ref.pdbx_align_begin           1 
_struct_ref.pdbx_db_isoform            ? 
# 
_struct_ref_seq.align_id                      1 
_struct_ref_seq.ref_id                        1 
_struct_ref_seq.pdbx_PDB_id_code              3GK4 
_struct_ref_seq.pdbx_strand_id                X 
_struct_ref_seq.seq_align_beg                 1 
_struct_ref_seq.pdbx_seq_align_beg_ins_code   ? 
_struct_ref_seq.seq_align_end                 92 
_struct_ref_seq.pdbx_seq_align_end_ins_code   ? 
_struct_ref_seq.pdbx_db_accession             P02638 
_struct_ref_seq.db_align_beg                  1 
_struct_ref_seq.pdbx_db_align_beg_ins_code    ? 
_struct_ref_seq.db_align_end                  92 
_struct_ref_seq.pdbx_db_align_end_ins_code    ? 
_struct_ref_seq.pdbx_auth_seq_align_beg       0 
_struct_ref_seq.pdbx_auth_seq_align_end       91 
# 
loop_
_chem_comp.id 
_chem_comp.type 
_chem_comp.mon_nstd_flag 
_chem_comp.name 
_chem_comp.pdbx_synonyms 
_chem_comp.formula 
_chem_comp.formula_weight 
53A non-polymer         . 
'ethyl 5-{[(1R)-1-(ethoxycarbonyl)-2-oxopropyl]sulfanyl}-1,2-dihydro[1,2,3]triazolo[1,5-a]quinazoline-3-carboxylate' ? 
'C18 H20 N4 O5 S' 404.440 
ALA 'L-peptide linking' y ALANINE ? 'C3 H7 N O2'      89.093  
ARG 'L-peptide linking' y ARGININE ? 'C6 H15 N4 O2 1'  175.209 
ASN 'L-peptide linking' y ASPARAGINE ? 'C4 H8 N2 O3'     132.118 
ASP 'L-peptide linking' y 'ASPARTIC ACID' ? 'C4 H7 N O4'      133.103 
CA  non-polymer         . 'CALCIUM ION' ? 'Ca 2'            40.078  
CYS 'L-peptide linking' y CYSTEINE ? 'C3 H7 N O2 S'    121.158 
GLN 'L-peptide linking' y GLUTAMINE ? 'C5 H10 N2 O3'    146.144 
GLU 'L-peptide linking' y 'GLUTAMIC ACID' ? 'C5 H9 N O4'      147.129 
GLY 'peptide linking'   y GLYCINE ? 'C2 H5 N O2'      75.067  
HIS 'L-peptide linking' y HISTIDINE ? 'C6 H10 N3 O2 1'  156.162 
HOH non-polymer         . WATER ? 'H2 O'            18.015  
ILE 'L-peptide linking' y ISOLEUCINE ? 'C6 H13 N O2'     131.173 
LEU 'L-peptide linking' y LEUCINE ? 'C6 H13 N O2'     131.173 
LYS 'L-peptide linking' y LYSINE ? 'C6 H15 N2 O2 1'  147.195 
MET 'L-peptide linking' y METHIONINE ? 'C5 H11 N O2 S'   149.211 
PHE 'L-peptide linking' y PHENYLALANINE ? 'C9 H11 N O2'     165.189 
SER 'L-peptide linking' y SERINE ? 'C3 H7 N O3'      105.093 
THR 'L-peptide linking' y THREONINE ? 'C4 H9 N O3'      119.119 
TYR 'L-peptide linking' y TYROSINE ? 'C9 H11 N O3'     181.189 
VAL 'L-peptide linking' y VALINE ? 'C5 H11 N O2'     117.146 
# 
_exptl.crystals_number   1 
_exptl.entry_id          3GK4 
_exptl.method            'X-RAY DIFFRACTION' 
# 
_exptl_crystal.id                    1 
_exptl_crystal.density_Matthews      2.14 
_exptl_crystal.density_meas          ? 
_exptl_crystal.density_percent_sol   42.48 
_exptl_crystal.description           ? 
_exptl_crystal.F_000                 ? 
_exptl_crystal.preparation           ? 
# 
_exptl_crystal_grow.crystal_id      1 
_exptl_crystal_grow.method          'VAPOR DIFFUSION, SITTING DROP' 
_exptl_crystal_grow.pH              6.0 
_exptl_crystal_grow.temp            295 
_exptl_crystal_grow.pdbx_details    
'35% PEGMME550, 7.5mM CaCl2, 100mM Bis-Tris buffer, 2.5% Glycerol, pH 6.0, VAPOR DIFFUSION, SITTING DROP, temperature 295K' 
_exptl_crystal_grow.temp_details    ? 
_exptl_crystal_grow.pdbx_pH_range   ? 
# 
_diffrn.id                     1 
_diffrn.ambient_temp           100 
_diffrn.ambient_temp_details   ? 
_diffrn.crystal_id             1 
# 
_diffrn_detector.diffrn_id              1 
_diffrn_detector.detector               CCD 
_diffrn_detector.type                   'ADSC QUANTUM 315r' 
_diffrn_detector.pdbx_collection_date   2008-04-03 
_diffrn_detector.details                ? 
# 
_diffrn_radiation.diffrn_id                        1 
_diffrn_radiation.pdbx_diffrn_protocol             'SINGLE WAVELENGTH' 
_diffrn_radiation.monochromator                    ? 
_diffrn_radiation.wavelength_id                    1 
_diffrn_radiation.pdbx_monochromatic_or_laue_m_l   M 
_diffrn_radiation.pdbx_scattering_type             x-ray 
# 
_diffrn_radiation_wavelength.id           1 
_diffrn_radiation_wavelength.wavelength   0.98 
_diffrn_radiation_wavelength.wt           1.0 
# 
_diffrn_source.diffrn_id                   1 
_diffrn_source.source                      SYNCHROTRON 
_diffrn_source.type                        'SSRL BEAMLINE BL9-1' 
_diffrn_source.pdbx_wavelength_list        0.98 
_diffrn_source.pdbx_wavelength             ? 
_diffrn_source.pdbx_synchrotron_site       SSRL 
_diffrn_source.pdbx_synchrotron_beamline   BL9-1 
# 
_reflns.entry_id                     3GK4 
_reflns.d_resolution_high            1.900 
_reflns.d_resolution_low             50.000 
_reflns.number_obs                   7056 
_reflns.pdbx_Rmerge_I_obs            0.037 
_reflns.pdbx_netI_over_sigmaI        44.176 
_reflns.pdbx_chi_squared             1.058 
_reflns.pdbx_redundancy              6.300 
_reflns.percent_possible_obs         93.600 
_reflns.observed_criterion_sigma_F   ? 
_reflns.observed_criterion_sigma_I   ? 
_reflns.number_all                   ? 
_reflns.pdbx_Rsym_value              ? 
_reflns.B_iso_Wilson_estimate        ? 
_reflns.R_free_details               ? 
_reflns.limit_h_max                  ? 
_reflns.limit_h_min                  ? 
_reflns.limit_k_max                  ? 
_reflns.limit_k_min                  ? 
_reflns.limit_l_max                  ? 
_reflns.limit_l_min                  ? 
_reflns.observed_criterion_F_max     ? 
_reflns.observed_criterion_F_min     ? 
_reflns.pdbx_scaling_rejects         ? 
_reflns.pdbx_ordinal                 1 
_reflns.pdbx_diffrn_id               1 
# 
loop_
_reflns_shell.d_res_high 
_reflns_shell.d_res_low 
_reflns_shell.number_measured_obs 
_reflns_shell.number_measured_all 
_reflns_shell.number_unique_obs 
_reflns_shell.Rmerge_I_obs 
_reflns_shell.meanI_over_sigI_obs 
_reflns_shell.pdbx_Rsym_value 
_reflns_shell.pdbx_chi_squared 
_reflns_shell.pdbx_redundancy 
_reflns_shell.percent_possible_obs 
_reflns_shell.number_unique_all 
_reflns_shell.percent_possible_all 
_reflns_shell.pdbx_ordinal 
_reflns_shell.pdbx_diffrn_id 
1.90 1.97  ? ? ? 0.273 ? ? 0.847 3.60 ? 473 64.80  1  1 
1.97 2.05  ? ? ? 0.243 ? ? 0.937 4.80 ? 599 80.60  2  1 
2.05 2.14  ? ? ? 0.171 ? ? 1.016 5.60 ? 699 95.40  3  1 
2.14 2.25  ? ? ? 0.122 ? ? 1.065 6.50 ? 733 99.20  4  1 
2.25 2.39  ? ? ? 0.100 ? ? 1.151 6.90 ? 749 99.70  5  1 
2.39 2.58  ? ? ? 0.068 ? ? 1.183 7.10 ? 740 100.00 6  1 
2.58 2.84  ? ? ? 0.052 ? ? 1.135 7.10 ? 766 100.00 7  1 
2.84 3.25  ? ? ? 0.050 ? ? 1.025 7.00 ? 744 99.90  8  1 
3.25 4.09  ? ? ? 0.034 ? ? 0.934 6.80 ? 761 99.10  9  1 
4.09 50.00 ? ? ? 0.024 ? ? 1.060 6.50 ? 792 95.80  10 1 
# 
_refine.entry_id                                 3GK4 
_refine.ls_d_res_high                            1.900 
_refine.ls_d_res_low                             44.770 
_refine.pdbx_ls_sigma_F                          0.00 
_refine.ls_percent_reflns_obs                    93.570 
_refine.ls_number_reflns_obs                     7045 
_refine.pdbx_ls_cross_valid_method               THROUGHOUT 
_refine.pdbx_R_Free_selection_details            RANDOM 
_refine.details                                  'HYDROGENS HAVE BEEN ADDED IN THE RIDING POSITIONS' 
_refine.ls_R_factor_obs                          0.210 
_refine.ls_R_factor_R_work                       0.209 
_refine.ls_wR_factor_R_work                      0.240 
_refine.ls_R_factor_R_free                       0.228 
_refine.ls_wR_factor_R_free                      0.262 
_refine.ls_percent_reflns_R_free                 4.600 
_refine.ls_number_reflns_R_free                  326 
_refine.B_iso_mean                               47.206 
_refine.aniso_B[1][1]                            1.440 
_refine.aniso_B[2][2]                            -1.830 
_refine.aniso_B[3][3]                            0.390 
_refine.aniso_B[1][2]                            0.000 
_refine.aniso_B[1][3]                            0.000 
_refine.aniso_B[2][3]                            0.000 
_refine.correlation_coeff_Fo_to_Fc               0.955 
_refine.correlation_coeff_Fo_to_Fc_free          0.947 
_refine.overall_SU_R_Cruickshank_DPI             0.214 
_refine.overall_SU_R_free                        0.172 
_refine.pdbx_overall_ESU_R                       0.196 
_refine.pdbx_overall_ESU_R_Free                  0.155 
_refine.overall_SU_ML                            0.126 
_refine.overall_SU_B                             8.279 
_refine.solvent_model_details                    MASK 
_refine.pdbx_solvent_vdw_probe_radii             1.200 
_refine.pdbx_solvent_ion_probe_radii             0.800 
_refine.pdbx_solvent_shrinkage_radii             0.800 
_refine.pdbx_method_to_determine_struct          'MOLECULAR REPLACEMENT' 
_refine.pdbx_stereochemistry_target_values       'MAXIMUM LIKELIHOOD' 
_refine.overall_FOM_work_R_set                   0.818 
_refine.B_iso_max                                77.50 
_refine.B_iso_min                                37.49 
_refine.occupancy_max                            1.00 
_refine.occupancy_min                            0.50 
_refine.pdbx_ls_sigma_I                          ? 
_refine.ls_number_reflns_all                     ? 
_refine.ls_R_factor_all                          ? 
_refine.ls_redundancy_reflns_obs                 ? 
_refine.pdbx_data_cutoff_high_absF               ? 
_refine.pdbx_data_cutoff_low_absF                ? 
_refine.ls_number_parameters                     ? 
_refine.ls_number_restraints                     ? 
_refine.ls_R_factor_R_free_error                 ? 
_refine.ls_R_factor_R_free_error_details         ? 
_refine.pdbx_starting_model                      'PDB ENTRY 1MHO' 
_refine.pdbx_stereochem_target_val_spec_case     ? 
_refine.solvent_model_param_bsol                 ? 
_refine.solvent_model_param_ksol                 ? 
_refine.pdbx_isotropic_thermal_model             ? 
_refine.pdbx_data_cutoff_high_rms_absF           ? 
_refine.overall_FOM_free_R_set                   ? 
_refine.pdbx_overall_phase_error                 ? 
_refine.pdbx_refine_id                           'X-RAY DIFFRACTION' 
_refine.pdbx_TLS_residual_ADP_flag               'LIKELY RESIDUAL' 
_refine.pdbx_diffrn_id                           1 
_refine.pdbx_overall_SU_R_free_Cruickshank_DPI   ? 
_refine.pdbx_overall_SU_R_Blow_DPI               ? 
_refine.pdbx_overall_SU_R_free_Blow_DPI          ? 
# 
_refine_hist.pdbx_refine_id                   'X-RAY DIFFRACTION' 
_refine_hist.cycle_id                         LAST 
_refine_hist.pdbx_number_atoms_protein        727 
_refine_hist.pdbx_number_atoms_nucleic_acid   0 
_refine_hist.pdbx_number_atoms_ligand         30 
_refine_hist.number_atoms_solvent             40 
_refine_hist.number_atoms_total               797 
_refine_hist.d_res_high                       1.900 
_refine_hist.d_res_low                        44.770 
# 
loop_
_refine_ls_restr.type 
_refine_ls_restr.number 
_refine_ls_restr.dev_ideal 
_refine_ls_restr.dev_ideal_target 
_refine_ls_restr.weight 
_refine_ls_restr.pdbx_refine_id 
_refine_ls_restr.pdbx_restraint_function 
r_bond_refined_d         768  0.015  0.022  ? 'X-RAY DIFFRACTION' ? 
r_angle_refined_deg      1029 1.620  1.997  ? 'X-RAY DIFFRACTION' ? 
r_dihedral_angle_1_deg   89   5.069  5.000  ? 'X-RAY DIFFRACTION' ? 
r_dihedral_angle_2_deg   40   35.999 26.500 ? 'X-RAY DIFFRACTION' ? 
r_dihedral_angle_3_deg   145  15.601 15.000 ? 'X-RAY DIFFRACTION' ? 
r_dihedral_angle_4_deg   1    17.574 15.000 ? 'X-RAY DIFFRACTION' ? 
r_chiral_restr           109  0.133  0.200  ? 'X-RAY DIFFRACTION' ? 
r_gen_planes_refined     577  0.006  0.020  ? 'X-RAY DIFFRACTION' ? 
r_nbd_refined            382  0.233  0.200  ? 'X-RAY DIFFRACTION' ? 
r_nbtor_refined          534  0.304  0.200  ? 'X-RAY DIFFRACTION' ? 
r_xyhbond_nbd_refined    31   0.229  0.200  ? 'X-RAY DIFFRACTION' ? 
r_metal_ion_refined      9    0.138  0.200  ? 'X-RAY DIFFRACTION' ? 
r_symmetry_vdw_refined   63   0.239  0.200  ? 'X-RAY DIFFRACTION' ? 
r_symmetry_hbond_refined 12   0.199  0.200  ? 'X-RAY DIFFRACTION' ? 
r_mcbond_it              459  0.763  1.500  ? 'X-RAY DIFFRACTION' ? 
r_mcangle_it             714  1.144  2.000  ? 'X-RAY DIFFRACTION' ? 
r_scbond_it              376  1.979  3.000  ? 'X-RAY DIFFRACTION' ? 
r_scangle_it             315  3.173  4.500  ? 'X-RAY DIFFRACTION' ? 
# 
_refine_ls_shell.d_res_high                       1.901 
_refine_ls_shell.d_res_low                        1.950 
_refine_ls_shell.pdbx_total_number_of_bins_used   20 
_refine_ls_shell.percent_reflns_obs               60.850 
_refine_ls_shell.number_reflns_R_work             317 
_refine_ls_shell.R_factor_all                     ? 
_refine_ls_shell.R_factor_R_work                  0.226 
_refine_ls_shell.R_factor_R_free                  0.343 
_refine_ls_shell.percent_reflns_R_free            ? 
_refine_ls_shell.number_reflns_R_free             11 
_refine_ls_shell.R_factor_R_free_error            ? 
_refine_ls_shell.number_reflns_all                328 
_refine_ls_shell.number_reflns_obs                ? 
_refine_ls_shell.redundancy_reflns_obs            ? 
_refine_ls_shell.pdbx_refine_id                   'X-RAY DIFFRACTION' 
# 
_struct.entry_id                  3GK4 
_struct.title                     'X-ray structure of bovine SBi523,Ca(2+)-S100B' 
_struct.pdbx_model_details        ? 
_struct.pdbx_CASP_flag            ? 
_struct.pdbx_model_type_details   ? 
# 
_struct_keywords.entry_id        3GK4 
_struct_keywords.text            'EF hand, Alpha helical, Metal-binding, Nucleus, METAL BINDING PROTEIN' 
_struct_keywords.pdbx_keywords   'METAL BINDING PROTEIN' 
# 
loop_
_struct_asym.id 
_struct_asym.pdbx_blank_PDB_chainid_flag 
_struct_asym.pdbx_modified 
_struct_asym.entity_id 
_struct_asym.details 
A N N 1 ? 
B N N 2 ? 
C N N 2 ? 
D N N 3 ? 
E N N 4 ? 
# 
loop_
_struct_conf.conf_type_id 
_struct_conf.id 
_struct_conf.pdbx_PDB_helix_id 
_struct_conf.beg_label_comp_id 
_struct_conf.beg_label_asym_id 
_struct_conf.beg_label_seq_id 
_struct_conf.pdbx_beg_PDB_ins_code 
_struct_conf.end_label_comp_id 
_struct_conf.end_label_asym_id 
_struct_conf.end_label_seq_id 
_struct_conf.pdbx_end_PDB_ins_code 
_struct_conf.beg_auth_comp_id 
_struct_conf.beg_auth_asym_id 
_struct_conf.beg_auth_seq_id 
_struct_conf.end_auth_comp_id 
_struct_conf.end_auth_asym_id 
_struct_conf.end_auth_seq_id 
_struct_conf.pdbx_PDB_helix_class 
_struct_conf.details 
_struct_conf.pdbx_PDB_helix_length 
HELX_P HELX_P1 1 SER A 2  ? GLY A 20 ? SER X 1  GLY X 19 1 ? 19 
HELX_P HELX_P2 2 LYS A 29 ? LEU A 41 ? LYS X 28 LEU X 40 1 ? 13 
HELX_P HELX_P3 3 GLU A 50 ? ASP A 62 ? GLU X 49 ASP X 61 1 ? 13 
HELX_P HELX_P4 4 ASP A 70 ? GLU A 90 ? ASP X 69 GLU X 89 1 ? 21 
# 
_struct_conf_type.id          HELX_P 
_struct_conf_type.criteria    ? 
_struct_conf_type.reference   ? 
# 
loop_
_struct_conn.id 
_struct_conn.conn_type_id 
_struct_conn.pdbx_leaving_atom_flag 
_struct_conn.pdbx_PDB_id 
_struct_conn.ptnr1_label_asym_id 
_struct_conn.ptnr1_label_comp_id 
_struct_conn.ptnr1_label_seq_id 
_struct_conn.ptnr1_label_atom_id 
_struct_conn.pdbx_ptnr1_label_alt_id 
_struct_conn.pdbx_ptnr1_PDB_ins_code 
_struct_conn.pdbx_ptnr1_standard_comp_id 
_struct_conn.ptnr1_symmetry 
_struct_conn.ptnr2_label_asym_id 
_struct_conn.ptnr2_label_comp_id 
_struct_conn.ptnr2_label_seq_id 
_struct_conn.ptnr2_label_atom_id 
_struct_conn.pdbx_ptnr2_label_alt_id 
_struct_conn.pdbx_ptnr2_PDB_ins_code 
_struct_conn.ptnr1_auth_asym_id 
_struct_conn.ptnr1_auth_comp_id 
_struct_conn.ptnr1_auth_seq_id 
_struct_conn.ptnr2_auth_asym_id 
_struct_conn.ptnr2_auth_comp_id 
_struct_conn.ptnr2_auth_seq_id 
_struct_conn.ptnr2_symmetry 
_struct_conn.pdbx_ptnr3_label_atom_id 
_struct_conn.pdbx_ptnr3_label_seq_id 
_struct_conn.pdbx_ptnr3_label_comp_id 
_struct_conn.pdbx_ptnr3_label_asym_id 
_struct_conn.pdbx_ptnr3_label_alt_id 
_struct_conn.pdbx_ptnr3_PDB_ins_code 
_struct_conn.details 
_struct_conn.pdbx_dist_value 
_struct_conn.pdbx_value_order 
_struct_conn.pdbx_role 
metalc1  metalc ? ? A SER 19 O   ? ? ? 1_555 B CA  . CA ? ? X SER 18 X CA  92  1_555 ? ? ? ? ? ? ? 2.316 ? ? 
metalc2  metalc ? ? A GLU 22 O   ? ? ? 1_555 B CA  . CA ? ? X GLU 21 X CA  92  1_555 ? ? ? ? ? ? ? 2.345 ? ? 
metalc3  metalc ? ? A ASP 24 O   ? ? ? 1_555 B CA  . CA ? ? X ASP 23 X CA  92  1_555 ? ? ? ? ? ? ? 2.321 ? ? 
metalc4  metalc ? ? A LYS 27 O   ? ? ? 1_555 B CA  . CA ? ? X LYS 26 X CA  92  1_555 ? ? ? ? ? ? ? 2.462 ? ? 
metalc5  metalc ? ? A GLU 32 OE1 ? ? ? 1_555 B CA  . CA ? ? X GLU 31 X CA  92  1_555 ? ? ? ? ? ? ? 2.429 ? ? 
metalc6  metalc ? ? A GLU 32 OE2 ? ? ? 1_555 B CA  . CA ? ? X GLU 31 X CA  92  1_555 ? ? ? ? ? ? ? 2.608 ? ? 
metalc7  metalc ? ? A ASP 62 OD1 ? ? ? 1_555 C CA  . CA ? ? X ASP 61 X CA  93  1_555 ? ? ? ? ? ? ? 2.197 ? ? 
metalc8  metalc ? ? A ASP 64 OD1 ? ? ? 1_555 C CA  . CA ? ? X ASP 63 X CA  93  1_555 ? ? ? ? ? ? ? 2.386 ? ? 
metalc9  metalc ? ? A ASP 66 OD1 ? ? ? 1_555 C CA  . CA ? ? X ASP 65 X CA  93  1_555 ? ? ? ? ? ? ? 2.273 ? ? 
metalc10 metalc ? ? A GLU 68 O   ? ? ? 1_555 C CA  . CA ? ? X GLU 67 X CA  93  1_555 ? ? ? ? ? ? ? 2.410 ? ? 
metalc11 metalc ? ? A GLU 73 OE1 ? ? ? 1_555 C CA  . CA ? ? X GLU 72 X CA  93  1_555 ? ? ? ? ? ? ? 2.446 ? ? 
metalc12 metalc ? ? A GLU 73 OE2 ? ? ? 1_555 C CA  . CA ? ? X GLU 72 X CA  93  1_555 ? ? ? ? ? ? ? 2.683 ? ? 
metalc13 metalc ? ? B CA  .  CA  ? ? ? 1_555 E HOH . O  ? ? X CA  92 X HOH 117 1_555 ? ? ? ? ? ? ? 2.418 ? ? 
metalc14 metalc ? ? C CA  .  CA  ? ? ? 1_555 E HOH . O  ? ? X CA  93 X HOH 113 1_555 ? ? ? ? ? ? ? 2.151 ? ? 
# 
_struct_conn_type.id          metalc 
_struct_conn_type.criteria    ? 
_struct_conn_type.reference   ? 
# 
loop_
_struct_site.id 
_struct_site.pdbx_evidence_code 
_struct_site.pdbx_auth_asym_id 
_struct_site.pdbx_auth_comp_id 
_struct_site.pdbx_auth_seq_id 
_struct_site.pdbx_auth_ins_code 
_struct_site.pdbx_num_residues 
_struct_site.details 
AC1 Software X CA  92 ? 6  'BINDING SITE FOR RESIDUE CA X 92'  
AC2 Software X CA  93 ? 6  'BINDING SITE FOR RESIDUE CA X 93'  
AC3 Software X 53A 94 ? 10 'BINDING SITE FOR RESIDUE 53A X 94' 
# 
loop_
_struct_site_gen.id 
_struct_site_gen.site_id 
_struct_site_gen.pdbx_num_res 
_struct_site_gen.label_comp_id 
_struct_site_gen.label_asym_id 
_struct_site_gen.label_seq_id 
_struct_site_gen.pdbx_auth_ins_code 
_struct_site_gen.auth_comp_id 
_struct_site_gen.auth_asym_id 
_struct_site_gen.auth_seq_id 
_struct_site_gen.label_atom_id 
_struct_site_gen.label_alt_id 
_struct_site_gen.symmetry 
_struct_site_gen.details 
1  AC1 6  SER A 19 ? SER X 18  . ? 1_555 ? 
2  AC1 6  GLU A 22 ? GLU X 21  . ? 1_555 ? 
3  AC1 6  ASP A 24 ? ASP X 23  . ? 1_555 ? 
4  AC1 6  LYS A 27 ? LYS X 26  . ? 1_555 ? 
5  AC1 6  GLU A 32 ? GLU X 31  . ? 1_555 ? 
6  AC1 6  HOH E .  ? HOH X 117 . ? 1_555 ? 
7  AC2 6  ASP A 62 ? ASP X 61  . ? 1_555 ? 
8  AC2 6  ASP A 64 ? ASP X 63  . ? 1_555 ? 
9  AC2 6  ASP A 66 ? ASP X 65  . ? 1_555 ? 
10 AC2 6  GLU A 68 ? GLU X 67  . ? 1_555 ? 
11 AC2 6  GLU A 73 ? GLU X 72  . ? 1_555 ? 
12 AC2 6  HOH E .  ? HOH X 113 . ? 1_555 ? 
13 AC3 10 SER A 42 ? SER X 41  . ? 3_555 ? 
14 AC3 10 HIS A 43 ? HIS X 42  . ? 1_555 ? 
15 AC3 10 HIS A 43 ? HIS X 42  . ? 3_555 ? 
16 AC3 10 PHE A 44 ? PHE X 43  . ? 1_555 ? 
17 AC3 10 LEU A 45 ? LEU X 44  . ? 1_555 ? 
18 AC3 10 GLU A 46 ? GLU X 45  . ? 3_555 ? 
19 AC3 10 GLU A 46 ? GLU X 45  . ? 1_555 ? 
20 AC3 10 HOH E .  ? HOH X 132 . ? 3_555 ? 
21 AC3 10 HOH E .  ? HOH X 132 . ? 1_555 ? 
22 AC3 10 HOH E .  ? HOH X 133 . ? 3_555 ? 
# 
_atom_sites.entry_id                    3GK4 
_atom_sites.fract_transf_matrix[1][1]   0.00398478 
_atom_sites.fract_transf_matrix[1][2]   -0.02849889 
_atom_sites.fract_transf_matrix[1][3]   0.00375435 
_atom_sites.fract_transf_matrix[2][1]   -0.01096958 
_atom_sites.fract_transf_matrix[2][2]   -0.00131824 
_atom_sites.fract_transf_matrix[2][3]   0.00163620 
_atom_sites.fract_transf_matrix[3][1]   -0.00217094 
_atom_sites.fract_transf_matrix[3][2]   -0.00248464 
_atom_sites.fract_transf_matrix[3][3]   -0.01655643 
_atom_sites.fract_transf_vector[1]      -0.212611 
_atom_sites.fract_transf_vector[2]      -0.118588 
_atom_sites.fract_transf_vector[3]      -0.000565 
# 
loop_
_atom_type.symbol 
C  
CA 
N  
O  
S  
# 
loop_
_atom_site.group_PDB 
_atom_site.id 
_atom_site.type_symbol 
_atom_site.label_atom_id 
_atom_site.label_alt_id 
_atom_site.label_comp_id 
_atom_site.label_asym_id 
_atom_site.label_entity_id 
_atom_site.label_seq_id 
_atom_site.pdbx_PDB_ins_code 
_atom_site.Cartn_x 
_atom_site.Cartn_y 
_atom_site.Cartn_z 
_atom_site.occupancy 
_atom_site.B_iso_or_equiv 
_atom_site.pdbx_formal_charge 
_atom_site.auth_seq_id 
_atom_site.auth_comp_id 
_atom_site.auth_asym_id 
_atom_site.auth_atom_id 
_atom_site.pdbx_PDB_model_num 
ATOM   1   N  N   . MET A 1 1  ? -15.478 -15.990 11.390  1.00 52.20 ? 0   MET X N   1 
ATOM   2   C  CA  . MET A 1 1  ? -15.085 -14.769 10.630  1.00 51.28 ? 0   MET X CA  1 
ATOM   3   C  C   . MET A 1 1  ? -15.311 -15.012 9.141   1.00 50.23 ? 0   MET X C   1 
ATOM   4   O  O   . MET A 1 1  ? -14.722 -15.940 8.571   1.00 51.02 ? 0   MET X O   1 
ATOM   5   C  CB  . MET A 1 1  ? -13.616 -14.509 10.875  1.00 52.52 ? 0   MET X CB  1 
ATOM   6   C  CG  . MET A 1 1  ? -13.179 -13.081 10.873  1.00 52.25 ? 0   MET X CG  1 
ATOM   7   S  SD  . MET A 1 1  ? -11.388 -13.172 10.844  0.50 52.21 ? 0   MET X SD  1 
ATOM   8   C  CE  . MET A 1 1  ? -10.992 -11.466 10.649  0.50 53.18 ? 0   MET X CE  1 
ATOM   9   N  N   . SER A 1 2  ? -16.148 -14.171 8.521   1.00 48.04 ? 1   SER X N   1 
ATOM   10  C  CA  . SER A 1 2  ? -16.469 -14.237 7.101   1.00 45.59 ? 1   SER X CA  1 
ATOM   11  C  C   . SER A 1 2  ? -15.265 -13.797 6.262   1.00 45.36 ? 1   SER X C   1 
ATOM   12  O  O   . SER A 1 2  ? -14.308 -13.225 6.789   1.00 43.87 ? 1   SER X O   1 
ATOM   13  C  CB  . SER A 1 2  ? -17.630 -13.287 6.813   1.00 45.46 ? 1   SER X CB  1 
ATOM   14  O  OG  . SER A 1 2  ? -17.210 -11.912 6.882   1.00 45.78 ? 1   SER X OG  1 
ATOM   15  N  N   . GLU A 1 3  ? -15.326 -14.032 4.954   1.00 44.91 ? 2   GLU X N   1 
ATOM   16  C  CA  . GLU A 1 3  ? -14.319 -13.500 4.020   1.00 45.54 ? 2   GLU X CA  1 
ATOM   17  C  C   . GLU A 1 3  ? -14.083 -11.993 4.090   1.00 45.18 ? 2   GLU X C   1 
ATOM   18  O  O   . GLU A 1 3  ? -12.937 -11.569 4.007   1.00 45.28 ? 2   GLU X O   1 
ATOM   19  C  CB  . GLU A 1 3  ? -14.652 -13.892 2.572   1.00 45.77 ? 2   GLU X CB  1 
ATOM   20  C  CG  . GLU A 1 3  ? -14.733 -15.397 2.327   1.00 48.17 ? 2   GLU X CG  1 
ATOM   21  C  CD  . GLU A 1 3  ? -13.396 -16.110 2.495   1.00 52.06 ? 2   GLU X CD  1 
ATOM   22  O  OE1 . GLU A 1 3  ? -12.355 -15.564 2.073   1.00 53.57 ? 2   GLU X OE1 1 
ATOM   23  O  OE2 . GLU A 1 3  ? -13.387 -17.238 3.042   1.00 55.27 ? 2   GLU X OE2 1 
ATOM   24  N  N   . LEU A 1 4  ? -15.145 -11.181 4.227   1.00 45.43 ? 3   LEU X N   1 
ATOM   25  C  CA  . LEU A 1 4  ? -15.006 -9.733  4.342   1.00 46.27 ? 3   LEU X CA  1 
ATOM   26  C  C   . LEU A 1 4  ? -14.264 -9.390  5.629   1.00 46.77 ? 3   LEU X C   1 
ATOM   27  O  O   . LEU A 1 4  ? -13.386 -8.498  5.663   1.00 47.20 ? 3   LEU X O   1 
ATOM   28  C  CB  . LEU A 1 4  ? -16.371 -9.030  4.410   1.00 45.62 ? 3   LEU X CB  1 
ATOM   29  C  CG  . LEU A 1 4  ? -16.596 -7.603  3.863   1.00 47.57 ? 3   LEU X CG  1 
ATOM   30  C  CD1 . LEU A 1 4  ? -17.846 -6.947  4.445   1.00 45.23 ? 3   LEU X CD1 1 
ATOM   31  C  CD2 . LEU A 1 4  ? -15.415 -6.633  3.783   1.00 46.43 ? 3   LEU X CD2 1 
ATOM   32  N  N   . GLU A 1 5  ? -14.635 -10.059 6.709   1.00 47.01 ? 4   GLU X N   1 
ATOM   33  C  CA  . GLU A 1 5  ? -13.966 -9.783  7.978   1.00 46.60 ? 4   GLU X CA  1 
ATOM   34  C  C   . GLU A 1 5  ? -12.489 -10.142 7.903   1.00 45.79 ? 4   GLU X C   1 
ATOM   35  O  O   . GLU A 1 5  ? -11.625 -9.379  8.334   1.00 45.79 ? 4   GLU X O   1 
ATOM   36  C  CB  . GLU A 1 5  ? -14.682 -10.425 9.165   1.00 46.81 ? 4   GLU X CB  1 
ATOM   37  C  CG  . GLU A 1 5  ? -16.000 -9.691  9.497   1.00 45.95 ? 4   GLU X CG  1 
ATOM   38  C  CD  . GLU A 1 5  ? -16.944 -10.506 10.359  1.00 46.33 ? 4   GLU X CD  1 
ATOM   39  O  OE1 . GLU A 1 5  ? -16.941 -11.740 10.236  1.00 48.00 ? 4   GLU X OE1 1 
ATOM   40  O  OE2 . GLU A 1 5  ? -17.706 -9.918  11.146  1.00 42.76 ? 4   GLU X OE2 1 
ATOM   41  N  N   . LYS A 1 6  ? -12.187 -11.274 7.290   1.00 45.47 ? 5   LYS X N   1 
ATOM   42  C  CA  . LYS A 1 6  ? -10.801 -11.617 7.035   1.00 44.23 ? 5   LYS X CA  1 
ATOM   43  C  C   . LYS A 1 6  ? -10.085 -10.536 6.254   1.00 44.43 ? 5   LYS X C   1 
ATOM   44  O  O   . LYS A 1 6  ? -8.884  -10.267 6.496   1.00 44.13 ? 5   LYS X O   1 
ATOM   45  C  CB  . LYS A 1 6  ? -10.725 -12.960 6.321   1.00 45.00 ? 5   LYS X CB  1 
ATOM   46  C  CG  . LYS A 1 6  ? -11.024 -14.113 7.275   1.00 44.05 ? 5   LYS X CG  1 
ATOM   47  C  CD  . LYS A 1 6  ? -10.652 -15.454 6.693   1.00 45.27 ? 5   LYS X CD  1 
ATOM   48  C  CE  . LYS A 1 6  ? -11.728 -15.975 5.756   1.00 48.29 ? 5   LYS X CE  1 
ATOM   49  N  NZ  . LYS A 1 6  ? -11.770 -17.463 5.698   1.00 49.60 ? 5   LYS X NZ  1 
ATOM   50  N  N   . ALA A 1 7  ? -10.790 -9.945  5.284   1.00 43.02 ? 6   ALA X N   1 
ATOM   51  C  CA  . ALA A 1 7  ? -10.170 -8.947  4.395   1.00 42.94 ? 6   ALA X CA  1 
ATOM   52  C  C   . ALA A 1 7  ? -9.856  -7.710  5.233   1.00 42.81 ? 6   ALA X C   1 
ATOM   53  O  O   . ALA A 1 7  ? -8.766  -7.175  5.132   1.00 44.59 ? 6   ALA X O   1 
ATOM   54  C  CB  . ALA A 1 7  ? -11.087 -8.614  3.243   1.00 42.24 ? 6   ALA X CB  1 
ATOM   55  N  N   . VAL A 1 8  ? -10.792 -7.283  6.080   1.00 43.64 ? 7   VAL X N   1 
ATOM   56  C  CA  . VAL A 1 8  ? -10.554 -6.173  7.028   1.00 43.24 ? 7   VAL X CA  1 
ATOM   57  C  C   . VAL A 1 8  ? -9.302  -6.412  7.898   1.00 44.51 ? 7   VAL X C   1 
ATOM   58  O  O   . VAL A 1 8  ? -8.433  -5.543  8.003   1.00 44.13 ? 7   VAL X O   1 
ATOM   59  C  CB  . VAL A 1 8  ? -11.771 -5.895  7.904   1.00 42.46 ? 7   VAL X CB  1 
ATOM   60  C  CG1 . VAL A 1 8  ? -11.411 -4.920  8.989   1.00 43.26 ? 7   VAL X CG1 1 
ATOM   61  C  CG2 . VAL A 1 8  ? -12.947 -5.370  7.064   1.00 41.62 ? 7   VAL X CG2 1 
ATOM   62  N  N   . VAL A 1 9  ? -9.213  -7.592  8.506   1.00 43.66 ? 8   VAL X N   1 
ATOM   63  C  CA  . VAL A 1 9  ? -8.048  -7.962  9.328   1.00 43.78 ? 8   VAL X CA  1 
ATOM   64  C  C   . VAL A 1 9  ? -6.735  -7.983  8.575   1.00 44.06 ? 8   VAL X C   1 
ATOM   65  O  O   . VAL A 1 9  ? -5.717  -7.508  9.089   1.00 44.96 ? 8   VAL X O   1 
ATOM   66  C  CB  . VAL A 1 9  ? -8.308  -9.293  10.064  1.00 43.55 ? 8   VAL X CB  1 
ATOM   67  C  CG1 . VAL A 1 9  ? -7.051  -9.841  10.685  1.00 43.70 ? 8   VAL X CG1 1 
ATOM   68  C  CG2 . VAL A 1 9  ? -9.408  -9.067  11.131  1.00 42.37 ? 8   VAL X CG2 1 
ATOM   69  N  N   . ALA A 1 10 ? -6.759  -8.528  7.365   1.00 43.30 ? 9   ALA X N   1 
ATOM   70  C  CA  . ALA A 1 10 ? -5.590  -8.565  6.504   1.00 44.03 ? 9   ALA X CA  1 
ATOM   71  C  C   . ALA A 1 10 ? -5.093  -7.148  6.189   1.00 44.53 ? 9   ALA X C   1 
ATOM   72  O  O   . ALA A 1 10 ? -3.882  -6.904  6.211   1.00 42.85 ? 9   ALA X O   1 
ATOM   73  C  CB  . ALA A 1 10 ? -5.886  -9.347  5.220   1.00 42.89 ? 9   ALA X CB  1 
ATOM   74  N  N   . LEU A 1 11 ? -6.022  -6.221  5.933   1.00 43.89 ? 10  LEU X N   1 
ATOM   75  C  CA  . LEU A 1 11 ? -5.639  -4.838  5.610   1.00 44.37 ? 10  LEU X CA  1 
ATOM   76  C  C   . LEU A 1 11 ? -4.861  -4.202  6.741   1.00 44.69 ? 10  LEU X C   1 
ATOM   77  O  O   . LEU A 1 11 ? -3.776  -3.657  6.532   1.00 45.42 ? 10  LEU X O   1 
ATOM   78  C  CB  . LEU A 1 11 ? -6.886  -3.988  5.264   1.00 44.85 ? 10  LEU X CB  1 
ATOM   79  C  CG  . LEU A 1 11 ? -7.559  -4.399  3.959   1.00 42.66 ? 10  LEU X CG  1 
ATOM   80  C  CD1 . LEU A 1 11 ? -8.897  -3.651  3.744   1.00 46.49 ? 10  LEU X CD1 1 
ATOM   81  C  CD2 . LEU A 1 11 ? -6.639  -4.237  2.759   1.00 40.56 ? 10  LEU X CD2 1 
ATOM   82  N  N   . ILE A 1 12 ? -5.403  -4.304  7.955   1.00 44.43 ? 11  ILE X N   1 
ATOM   83  C  CA  . ILE A 1 12 ? -4.729  -3.825  9.161   1.00 43.58 ? 11  ILE X CA  1 
ATOM   84  C  C   . ILE A 1 12 ? -3.386  -4.533  9.363   1.00 43.86 ? 11  ILE X C   1 
ATOM   85  O  O   . ILE A 1 12 ? -2.374  -3.887  9.643   1.00 42.60 ? 11  ILE X O   1 
ATOM   86  C  CB  . ILE A 1 12 ? -5.655  -3.989  10.396  1.00 43.71 ? 11  ILE X CB  1 
ATOM   87  C  CG1 . ILE A 1 12 ? -6.945  -3.186  10.171  1.00 44.56 ? 11  ILE X CG1 1 
ATOM   88  C  CG2 . ILE A 1 12 ? -4.947  -3.559  11.706  1.00 43.85 ? 11  ILE X CG2 1 
ATOM   89  C  CD1 . ILE A 1 12 ? -8.108  -3.431  11.196  1.00 44.66 ? 11  ILE X CD1 1 
ATOM   90  N  N   . ASP A 1 13 ? -3.379  -5.850  9.150   1.00 43.45 ? 12  ASP X N   1 
ATOM   91  C  CA  . ASP A 1 13 ? -2.213  -6.696  9.452   1.00 44.54 ? 12  ASP X CA  1 
ATOM   92  C  C   . ASP A 1 13 ? -1.073  -6.352  8.507   1.00 43.66 ? 12  ASP X C   1 
ATOM   93  O  O   . ASP A 1 13 ? 0.062   -6.169  8.938   1.00 43.28 ? 12  ASP X O   1 
ATOM   94  C  CB  . ASP A 1 13 ? -2.566  -8.122  9.139   1.00 44.93 ? 12  ASP X CB  1 
ATOM   95  C  CG  . ASP A 1 13 ? -2.284  -9.023  10.231  1.00 48.78 ? 12  ASP X CG  1 
ATOM   96  O  OD1 . ASP A 1 13 ? -1.074  -9.291  10.527  1.00 49.54 ? 12  ASP X OD1 1 
ATOM   97  O  OD2 . ASP A 1 13 ? -3.313  -9.485  10.780  1.00 49.87 ? 12  ASP X OD2 1 
ATOM   98  N  N   . VAL A 1 14 ? -1.375  -6.298  7.212   1.00 43.46 ? 13  VAL X N   1 
ATOM   99  C  CA  . VAL A 1 14 ? -0.300  -6.017  6.243   1.00 43.86 ? 13  VAL X CA  1 
ATOM   100 C  C   . VAL A 1 14 ? 0.263   -4.625  6.481   1.00 44.14 ? 13  VAL X C   1 
ATOM   101 O  O   . VAL A 1 14 ? 1.466   -4.447  6.445   1.00 44.38 ? 13  VAL X O   1 
ATOM   102 C  CB  . VAL A 1 14 ? -0.647  -6.285  4.748   1.00 43.99 ? 13  VAL X CB  1 
ATOM   103 C  CG1 . VAL A 1 14 ? -1.622  -5.235  4.164   1.00 46.52 ? 13  VAL X CG1 1 
ATOM   104 C  CG2 . VAL A 1 14 ? 0.610   -6.280  3.883   1.00 41.52 ? 13  VAL X CG2 1 
ATOM   105 N  N   . PHE A 1 15 ? -0.588  -3.644  6.724   1.00 44.02 ? 14  PHE X N   1 
ATOM   106 C  CA  . PHE A 1 15 ? -0.087  -2.279  6.873   1.00 44.41 ? 14  PHE X CA  1 
ATOM   107 C  C   . PHE A 1 15 ? 0.900   -2.181  8.047   1.00 45.42 ? 14  PHE X C   1 
ATOM   108 O  O   . PHE A 1 15 ? 1.892   -1.468  7.987   1.00 45.41 ? 14  PHE X O   1 
ATOM   109 C  CB  . PHE A 1 15 ? -1.230  -1.276  7.067   1.00 44.38 ? 14  PHE X CB  1 
ATOM   110 C  CG  . PHE A 1 15 ? -0.740  0.135   7.280   1.00 42.02 ? 14  PHE X CG  1 
ATOM   111 C  CD1 . PHE A 1 15 ? -0.420  0.949   6.187   1.00 41.97 ? 14  PHE X CD1 1 
ATOM   112 C  CD2 . PHE A 1 15 ? -0.527  0.621   8.558   1.00 43.85 ? 14  PHE X CD2 1 
ATOM   113 C  CE1 . PHE A 1 15 ? 0.056   2.253   6.372   1.00 42.12 ? 14  PHE X CE1 1 
ATOM   114 C  CE2 . PHE A 1 15 ? -0.022  1.922   8.750   1.00 42.75 ? 14  PHE X CE2 1 
ATOM   115 C  CZ  . PHE A 1 15 ? 0.262   2.730   7.649   1.00 42.54 ? 14  PHE X CZ  1 
ATOM   116 N  N   . HIS A 1 16 ? 0.586   -2.885  9.125   1.00 45.98 ? 15  HIS X N   1 
ATOM   117 C  CA  . HIS A 1 16 ? 1.388   -2.813  10.304  1.00 46.20 ? 15  HIS X CA  1 
ATOM   118 C  C   . HIS A 1 16 ? 2.677   -3.579  10.172  1.00 45.93 ? 15  HIS X C   1 
ATOM   119 O  O   . HIS A 1 16 ? 3.712   -3.123  10.632  1.00 45.40 ? 15  HIS X O   1 
ATOM   120 C  CB  . HIS A 1 16 ? 0.566   -3.207  11.503  1.00 46.96 ? 15  HIS X CB  1 
ATOM   121 C  CG  . HIS A 1 16 ? 0.037   -2.014  12.222  1.00 49.71 ? 15  HIS X CG  1 
ATOM   122 N  ND1 . HIS A 1 16 ? -1.261  -1.575  12.090  1.00 53.19 ? 15  HIS X ND1 1 
ATOM   123 C  CD2 . HIS A 1 16 ? 0.673   -1.097  12.985  1.00 51.34 ? 15  HIS X CD2 1 
ATOM   124 C  CE1 . HIS A 1 16 ? -1.413  -0.466  12.790  1.00 52.60 ? 15  HIS X CE1 1 
ATOM   125 N  NE2 . HIS A 1 16 ? -0.253  -0.152  13.337  1.00 52.95 ? 15  HIS X NE2 1 
ATOM   126 N  N   . GLN A 1 17 ? 2.621   -4.710  9.487   1.00 45.57 ? 16  GLN X N   1 
ATOM   127 C  CA  . GLN A 1 17 ? 3.816   -5.481  9.228   1.00 45.83 ? 16  GLN X CA  1 
ATOM   128 C  C   . GLN A 1 17 ? 4.831   -4.572  8.584   1.00 45.31 ? 16  GLN X C   1 
ATOM   129 O  O   . GLN A 1 17 ? 5.958   -4.493  9.011   1.00 44.93 ? 16  GLN X O   1 
ATOM   130 C  CB  . GLN A 1 17 ? 3.506   -6.641  8.289   1.00 45.59 ? 16  GLN X CB  1 
ATOM   131 C  CG  . GLN A 1 17 ? 2.815   -7.797  8.968   1.00 51.38 ? 16  GLN X CG  1 
ATOM   132 C  CD  . GLN A 1 17 ? 2.439   -8.912  8.004   1.00 57.54 ? 16  GLN X CD  1 
ATOM   133 O  OE1 . GLN A 1 17 ? 2.770   -8.865  6.803   1.00 58.83 ? 16  GLN X OE1 1 
ATOM   134 N  NE2 . GLN A 1 17 ? 1.759   -9.937  8.530   1.00 58.23 ? 16  GLN X NE2 1 
ATOM   135 N  N   . TYR A 1 18 ? 4.401   -3.849  7.557   1.00 45.05 ? 17  TYR X N   1 
ATOM   136 C  CA  . TYR A 1 18 ? 5.348   -3.056  6.796   1.00 44.58 ? 17  TYR X CA  1 
ATOM   137 C  C   . TYR A 1 18 ? 5.678   -1.726  7.478   1.00 44.54 ? 17  TYR X C   1 
ATOM   138 O  O   . TYR A 1 18 ? 6.839   -1.354  7.516   1.00 44.66 ? 17  TYR X O   1 
ATOM   139 C  CB  . TYR A 1 18 ? 4.888   -2.929  5.331   1.00 44.45 ? 17  TYR X CB  1 
ATOM   140 C  CG  . TYR A 1 18 ? 5.130   -4.241  4.555   1.00 45.46 ? 17  TYR X CG  1 
ATOM   141 C  CD1 . TYR A 1 18 ? 4.202   -5.283  4.586   1.00 42.01 ? 17  TYR X CD1 1 
ATOM   142 C  CD2 . TYR A 1 18 ? 6.319   -4.433  3.830   1.00 44.25 ? 17  TYR X CD2 1 
ATOM   143 C  CE1 . TYR A 1 18 ? 4.454   -6.521  3.908   1.00 45.47 ? 17  TYR X CE1 1 
ATOM   144 C  CE2 . TYR A 1 18 ? 6.576   -5.603  3.165   1.00 45.58 ? 17  TYR X CE2 1 
ATOM   145 C  CZ  . TYR A 1 18 ? 5.643   -6.651  3.188   1.00 46.92 ? 17  TYR X CZ  1 
ATOM   146 O  OH  . TYR A 1 18 ? 5.982   -7.823  2.513   1.00 44.95 ? 17  TYR X OH  1 
ATOM   147 N  N   . SER A 1 19 ? 4.689   -1.054  8.082   1.00 44.73 ? 18  SER X N   1 
ATOM   148 C  CA  . SER A 1 19 ? 4.913   0.291   8.618   1.00 43.55 ? 18  SER X CA  1 
ATOM   149 C  C   . SER A 1 19 ? 5.806   0.302   9.857   1.00 44.25 ? 18  SER X C   1 
ATOM   150 O  O   . SER A 1 19 ? 6.556   1.286   10.123  1.00 43.97 ? 18  SER X O   1 
ATOM   151 C  CB  . SER A 1 19 ? 3.581   0.997   8.903   1.00 43.71 ? 18  SER X CB  1 
ATOM   152 O  OG  . SER A 1 19 ? 2.881   0.345   9.944   1.00 44.24 ? 18  SER X OG  1 
ATOM   153 N  N   . GLY A 1 20 ? 5.716   -0.776  10.627  1.00 43.20 ? 19  GLY X N   1 
ATOM   154 C  CA  . GLY A 1 20 ? 6.512   -0.900  11.837  1.00 43.85 ? 19  GLY X CA  1 
ATOM   155 C  C   . GLY A 1 20 ? 7.961   -1.335  11.611  1.00 44.31 ? 19  GLY X C   1 
ATOM   156 O  O   . GLY A 1 20 ? 8.694   -1.539  12.577  1.00 43.44 ? 19  GLY X O   1 
ATOM   157 N  N   . ARG A 1 21 ? 8.387   -1.493  10.361  1.00 44.12 ? 20  ARG X N   1 
ATOM   158 C  CA  . ARG A 1 21 ? 9.809   -1.788  10.115  1.00 44.75 ? 20  ARG X CA  1 
ATOM   159 C  C   . ARG A 1 21 ? 10.739  -0.660  10.578  1.00 44.70 ? 20  ARG X C   1 
ATOM   160 O  O   . ARG A 1 21 ? 11.672  -0.898  11.353  1.00 44.25 ? 20  ARG X O   1 
ATOM   161 C  CB  . ARG A 1 21 ? 10.056  -2.119  8.636   1.00 45.30 ? 20  ARG X CB  1 
ATOM   162 C  CG  . ARG A 1 21 ? 9.419   -3.434  8.218   1.00 46.52 ? 20  ARG X CG  1 
ATOM   163 C  CD  . ARG A 1 21 ? 9.556   -3.686  6.741   1.00 45.11 ? 20  ARG X CD  1 
ATOM   164 N  NE  . ARG A 1 21 ? 9.103   -5.037  6.414   1.00 47.34 ? 20  ARG X NE  1 
ATOM   165 C  CZ  . ARG A 1 21 ? 9.407   -5.664  5.280   1.00 46.34 ? 20  ARG X CZ  1 
ATOM   166 N  NH1 . ARG A 1 21 ? 10.137  -5.055  4.356   1.00 43.72 ? 20  ARG X NH1 1 
ATOM   167 N  NH2 . ARG A 1 21 ? 9.001   -6.900  5.081   1.00 45.22 ? 20  ARG X NH2 1 
ATOM   168 N  N   . GLU A 1 22 ? 10.496  0.563   10.115  1.00 44.89 ? 21  GLU X N   1 
ATOM   169 C  CA  . GLU A 1 22 ? 11.479  1.644   10.284  1.00 46.28 ? 21  GLU X CA  1 
ATOM   170 C  C   . GLU A 1 22 ? 10.831  2.976   10.571  1.00 46.22 ? 21  GLU X C   1 
ATOM   171 O  O   . GLU A 1 22 ? 9.654   3.204   10.222  1.00 45.21 ? 21  GLU X O   1 
ATOM   172 C  CB  . GLU A 1 22 ? 12.307  1.806   9.004   1.00 47.08 ? 21  GLU X CB  1 
ATOM   173 C  CG  . GLU A 1 22 ? 13.244  0.673   8.697   1.00 51.33 ? 21  GLU X CG  1 
ATOM   174 C  CD  . GLU A 1 22 ? 13.906  0.842   7.359   1.00 55.99 ? 21  GLU X CD  1 
ATOM   175 O  OE1 . GLU A 1 22 ? 14.525  1.898   7.119   1.00 58.44 ? 21  GLU X OE1 1 
ATOM   176 O  OE2 . GLU A 1 22 ? 13.794  -0.078  6.538   1.00 59.25 ? 21  GLU X OE2 1 
ATOM   177 N  N   . GLY A 1 23 ? 11.611  3.878   11.164  1.00 45.59 ? 22  GLY X N   1 
ATOM   178 C  CA  . GLY A 1 23 ? 11.156  5.229   11.445  1.00 46.11 ? 22  GLY X CA  1 
ATOM   179 C  C   . GLY A 1 23 ? 9.799   5.203   12.112  1.00 46.41 ? 22  GLY X C   1 
ATOM   180 O  O   . GLY A 1 23 ? 9.560   4.364   12.987  1.00 45.63 ? 22  GLY X O   1 
ATOM   181 N  N   . ASP A 1 24 ? 8.903   6.095   11.672  1.00 47.12 ? 23  ASP X N   1 
ATOM   182 C  CA  . ASP A 1 24 ? 7.548   6.149   12.199  1.00 47.73 ? 23  ASP X CA  1 
ATOM   183 C  C   . ASP A 1 24 ? 6.889   4.810   11.967  1.00 48.05 ? 23  ASP X C   1 
ATOM   184 O  O   . ASP A 1 24 ? 6.790   4.341   10.830  1.00 48.05 ? 23  ASP X O   1 
ATOM   185 C  CB  . ASP A 1 24 ? 6.709   7.244   11.539  1.00 47.84 ? 23  ASP X CB  1 
ATOM   186 C  CG  . ASP A 1 24 ? 5.377   7.471   12.261  1.00 49.71 ? 23  ASP X CG  1 
ATOM   187 O  OD1 . ASP A 1 24 ? 4.764   6.487   12.748  1.00 50.97 ? 23  ASP X OD1 1 
ATOM   188 O  OD2 . ASP A 1 24 ? 4.941   8.638   12.353  1.00 51.65 ? 23  ASP X OD2 1 
ATOM   189 N  N   . LYS A 1 25 ? 6.416   4.207   13.051  1.00 48.10 ? 24  LYS X N   1 
ATOM   190 C  CA  . LYS A 1 25 ? 5.950   2.837   12.986  1.00 48.39 ? 24  LYS X CA  1 
ATOM   191 C  C   . LYS A 1 25 ? 4.471   2.713   12.728  1.00 48.21 ? 24  LYS X C   1 
ATOM   192 O  O   . LYS A 1 25 ? 3.927   1.605   12.718  1.00 48.09 ? 24  LYS X O   1 
ATOM   193 C  CB  . LYS A 1 25 ? 6.390   2.079   14.233  1.00 49.08 ? 24  LYS X CB  1 
ATOM   194 C  CG  . LYS A 1 25 ? 7.861   2.315   14.502  1.00 49.98 ? 24  LYS X CG  1 
ATOM   195 C  CD  . LYS A 1 25 ? 8.629   1.034   14.638  1.00 53.12 ? 24  LYS X CD  1 
ATOM   196 C  CE  . LYS A 1 25 ? 8.479   0.444   16.023  1.00 52.43 ? 24  LYS X CE  1 
ATOM   197 N  NZ  . LYS A 1 25 ? 8.913   -0.967  15.944  1.00 54.62 ? 24  LYS X NZ  1 
ATOM   198 N  N   . HIS A 1 26 ? 3.835   3.851   12.471  1.00 48.12 ? 25  HIS X N   1 
ATOM   199 C  CA  . HIS A 1 26 ? 2.455   3.886   11.995  1.00 48.17 ? 25  HIS X CA  1 
ATOM   200 C  C   . HIS A 1 26 ? 2.381   4.483   10.599  1.00 47.48 ? 25  HIS X C   1 
ATOM   201 O  O   . HIS A 1 26 ? 1.306   4.815   10.132  1.00 48.55 ? 25  HIS X O   1 
ATOM   202 C  CB  . HIS A 1 26 ? 1.574   4.726   12.918  1.00 48.67 ? 25  HIS X CB  1 
ATOM   203 C  CG  . HIS A 1 26 ? 1.372   4.134   14.277  1.00 52.02 ? 25  HIS X CG  1 
ATOM   204 N  ND1 . HIS A 1 26 ? 0.673   2.960   14.487  1.00 55.09 ? 25  HIS X ND1 1 
ATOM   205 C  CD2 . HIS A 1 26 ? 1.754   4.570   15.501  1.00 51.93 ? 25  HIS X CD2 1 
ATOM   206 C  CE1 . HIS A 1 26 ? 0.652   2.693   15.781  1.00 53.37 ? 25  HIS X CE1 1 
ATOM   207 N  NE2 . HIS A 1 26 ? 1.303   3.651   16.416  1.00 53.06 ? 25  HIS X NE2 1 
ATOM   208 N  N   . LYS A 1 27 ? 3.514   4.643   9.930   1.00 46.27 ? 26  LYS X N   1 
ATOM   209 C  CA  . LYS A 1 27 ? 3.478   5.137   8.566   1.00 44.97 ? 26  LYS X CA  1 
ATOM   210 C  C   . LYS A 1 27 ? 4.425   4.303   7.729   1.00 45.16 ? 26  LYS X C   1 
ATOM   211 O  O   . LYS A 1 27 ? 5.417   3.796   8.242   1.00 44.98 ? 26  LYS X O   1 
ATOM   212 C  CB  . LYS A 1 27 ? 3.900   6.599   8.482   1.00 44.92 ? 26  LYS X CB  1 
ATOM   213 C  CG  . LYS A 1 27 ? 2.997   7.585   9.211   1.00 44.60 ? 26  LYS X CG  1 
ATOM   214 C  CD  . LYS A 1 27 ? 3.515   8.994   8.993   1.00 47.85 ? 26  LYS X CD  1 
ATOM   215 C  CE  . LYS A 1 27 ? 2.646   9.994   9.696   1.00 49.56 ? 26  LYS X CE  1 
ATOM   216 N  NZ  . LYS A 1 27 ? 2.959   11.347  9.196   1.00 53.44 ? 26  LYS X NZ  1 
ATOM   217 N  N   . LEU A 1 28 ? 4.111   4.185   6.441   1.00 43.08 ? 27  LEU X N   1 
ATOM   218 C  CA  . LEU A 1 28 ? 4.990   3.552   5.483   1.00 43.70 ? 27  LEU X CA  1 
ATOM   219 C  C   . LEU A 1 28 ? 5.930   4.583   4.861   1.00 43.83 ? 27  LEU X C   1 
ATOM   220 O  O   . LEU A 1 28 ? 5.456   5.510   4.167   1.00 43.53 ? 27  LEU X O   1 
ATOM   221 C  CB  . LEU A 1 28 ? 4.155   2.913   4.369   1.00 43.57 ? 27  LEU X CB  1 
ATOM   222 C  CG  . LEU A 1 28 ? 3.194   1.790   4.813   1.00 44.61 ? 27  LEU X CG  1 
ATOM   223 C  CD1 . LEU A 1 28 ? 2.198   1.562   3.681   1.00 46.94 ? 27  LEU X CD1 1 
ATOM   224 C  CD2 . LEU A 1 28 ? 3.973   0.491   5.050   1.00 43.81 ? 27  LEU X CD2 1 
ATOM   225 N  N   . LYS A 1 29 ? 7.241   4.442   5.088   1.00 43.16 ? 28  LYS X N   1 
ATOM   226 C  CA  . LYS A 1 29 ? 8.208   5.247   4.331   1.00 44.34 ? 28  LYS X CA  1 
ATOM   227 C  C   . LYS A 1 29 ? 8.370   4.631   2.947   1.00 44.12 ? 28  LYS X C   1 
ATOM   228 O  O   . LYS A 1 29 ? 7.840   3.580   2.676   1.00 44.43 ? 28  LYS X O   1 
ATOM   229 C  CB  . LYS A 1 29 ? 9.582   5.327   5.010   1.00 44.69 ? 28  LYS X CB  1 
ATOM   230 C  CG  . LYS A 1 29 ? 10.101  4.001   5.567   1.00 45.50 ? 28  LYS X CG  1 
ATOM   231 C  CD  . LYS A 1 29 ? 11.610  3.991   5.823   1.00 46.37 ? 28  LYS X CD  1 
ATOM   232 C  CE  . LYS A 1 29 ? 12.125  5.281   6.397   1.00 51.98 ? 28  LYS X CE  1 
ATOM   233 N  NZ  . LYS A 1 29 ? 11.596  5.516   7.778   1.00 57.61 ? 28  LYS X NZ  1 
ATOM   234 N  N   . LYS A 1 30 ? 9.107   5.286   2.067   1.00 43.84 ? 29  LYS X N   1 
ATOM   235 C  CA  . LYS A 1 30 ? 9.219   4.760   0.713   1.00 44.31 ? 29  LYS X CA  1 
ATOM   236 C  C   . LYS A 1 30 ? 9.727   3.319   0.648   1.00 44.50 ? 29  LYS X C   1 
ATOM   237 O  O   . LYS A 1 30 ? 9.136   2.533   -0.061  1.00 44.30 ? 29  LYS X O   1 
ATOM   238 C  CB  . LYS A 1 30 ? 10.019  5.692   -0.192  1.00 43.14 ? 29  LYS X CB  1 
ATOM   239 C  CG  . LYS A 1 30 ? 9.290   7.011   -0.442  1.00 42.58 ? 29  LYS X CG  1 
ATOM   240 C  CD  . LYS A 1 30 ? 9.986   7.883   -1.494  1.00 42.72 ? 29  LYS X CD  1 
ATOM   241 C  CE  . LYS A 1 30 ? 11.262  8.394   -0.989  1.00 41.11 ? 29  LYS X CE  1 
ATOM   242 N  NZ  . LYS A 1 30 ? 11.985  9.301   -1.957  1.00 41.30 ? 29  LYS X NZ  1 
ATOM   243 N  N   . SER A 1 31 ? 10.794  2.973   1.379   1.00 44.86 ? 30  SER X N   1 
ATOM   244 C  CA  . SER A 1 31 ? 11.312  1.574   1.340   1.00 46.13 ? 30  SER X CA  1 
ATOM   245 C  C   . SER A 1 31 ? 10.309  0.510   1.829   1.00 45.86 ? 30  SER X C   1 
ATOM   246 O  O   . SER A 1 31 ? 10.206  -0.596  1.270   1.00 46.65 ? 30  SER X O   1 
ATOM   247 C  CB  . SER A 1 31 ? 12.618  1.461   2.143   1.00 45.74 ? 30  SER X CB  1 
ATOM   248 O  OG  . SER A 1 31 ? 12.352  1.698   3.518   1.00 46.59 ? 30  SER X OG  1 
ATOM   249 N  N   . GLU A 1 32 ? 9.551   0.843   2.864   1.00 45.62 ? 31  GLU X N   1 
ATOM   250 C  CA  . GLU A 1 32 ? 8.493   -0.061  3.357   1.00 44.98 ? 31  GLU X CA  1 
ATOM   251 C  C   . GLU A 1 32 ? 7.347   -0.199  2.344   1.00 46.01 ? 31  GLU X C   1 
ATOM   252 O  O   . GLU A 1 32 ? 6.818   -1.294  2.151   1.00 46.52 ? 31  GLU X O   1 
ATOM   253 C  CB  . GLU A 1 32 ? 7.930   0.454   4.686   1.00 43.80 ? 31  GLU X CB  1 
ATOM   254 C  CG  . GLU A 1 32 ? 8.978   0.502   5.795   1.00 43.50 ? 31  GLU X CG  1 
ATOM   255 C  CD  . GLU A 1 32 ? 8.479   1.271   7.002   1.00 38.94 ? 31  GLU X CD  1 
ATOM   256 O  OE1 . GLU A 1 32 ? 7.612   2.134   6.832   1.00 40.62 ? 31  GLU X OE1 1 
ATOM   257 O  OE2 . GLU A 1 32 ? 8.958   1.042   8.121   1.00 42.04 ? 31  GLU X OE2 1 
ATOM   258 N  N   . LEU A 1 33 ? 6.962   0.906   1.710   1.00 45.94 ? 32  LEU X N   1 
ATOM   259 C  CA  . LEU A 1 33 ? 5.873   0.870   0.707   1.00 46.08 ? 32  LEU X CA  1 
ATOM   260 C  C   . LEU A 1 33 ? 6.297   0.009   -0.483  1.00 45.75 ? 32  LEU X C   1 
ATOM   261 O  O   . LEU A 1 33 ? 5.504   -0.800  -1.010  1.00 45.59 ? 32  LEU X O   1 
ATOM   262 C  CB  . LEU A 1 33 ? 5.641   2.278   0.194   1.00 46.08 ? 32  LEU X CB  1 
ATOM   263 C  CG  . LEU A 1 33 ? 4.287   2.794   -0.318  1.00 48.81 ? 32  LEU X CG  1 
ATOM   264 C  CD1 . LEU A 1 33 ? 4.466   3.750   -1.493  1.00 46.02 ? 32  LEU X CD1 1 
ATOM   265 C  CD2 . LEU A 1 33 ? 3.139   1.775   -0.524  1.00 47.24 ? 32  LEU X CD2 1 
ATOM   266 N  N   . LYS A 1 34 ? 7.524   0.221   -0.938  1.00 45.11 ? 33  LYS X N   1 
ATOM   267 C  CA  . LYS A 1 34 ? 8.090   -0.564  -2.065  1.00 46.16 ? 33  LYS X CA  1 
ATOM   268 C  C   . LYS A 1 34 ? 8.022   -2.084  -1.801  1.00 46.91 ? 33  LYS X C   1 
ATOM   269 O  O   . LYS A 1 34 ? 7.546   -2.855  -2.652  1.00 47.35 ? 33  LYS X O   1 
ATOM   270 C  CB  . LYS A 1 34 ? 9.529   -0.126  -2.343  1.00 45.60 ? 33  LYS X CB  1 
ATOM   271 C  CG  . LYS A 1 34 ? 10.300  -1.014  -3.322  1.00 44.95 ? 33  LYS X CG  1 
ATOM   272 C  CD  . LYS A 1 34 ? 11.744  -0.518  -3.478  1.00 48.15 ? 33  LYS X CD  1 
ATOM   273 C  CE  . LYS A 1 34 ? 12.741  -1.674  -3.615  1.00 52.29 ? 33  LYS X CE  1 
ATOM   274 N  NZ  . LYS A 1 34 ? 14.174  -1.206  -3.814  1.00 50.77 ? 33  LYS X NZ  1 
ATOM   275 N  N   . GLU A 1 35 ? 8.491   -2.504  -0.623  1.00 46.78 ? 34  GLU X N   1 
ATOM   276 C  CA  . GLU A 1 35 ? 8.511   -3.917  -0.262  1.00 47.04 ? 34  GLU X CA  1 
ATOM   277 C  C   . GLU A 1 35 ? 7.094   -4.454  -0.135  1.00 47.19 ? 34  GLU X C   1 
ATOM   278 O  O   . GLU A 1 35 ? 6.822   -5.579  -0.569  1.00 47.67 ? 34  GLU X O   1 
ATOM   279 C  CB  . GLU A 1 35 ? 9.311   -4.165  1.033   1.00 46.48 ? 34  GLU X CB  1 
ATOM   280 C  CG  . GLU A 1 35 ? 10.803  -3.694  1.031   1.00 46.95 ? 34  GLU X CG  1 
ATOM   281 C  CD  . GLU A 1 35 ? 11.711  -4.406  0.039   1.00 51.44 ? 34  GLU X CD  1 
ATOM   282 O  OE1 . GLU A 1 35 ? 11.216  -5.094  -0.891  1.00 51.17 ? 34  GLU X OE1 1 
ATOM   283 O  OE2 . GLU A 1 35 ? 12.966  -4.255  0.176   1.00 53.48 ? 34  GLU X OE2 1 
ATOM   284 N  N   . LEU A 1 36 ? 6.174   -3.629  0.391   1.00 47.68 ? 35  LEU X N   1 
ATOM   285 C  CA  . LEU A 1 36 ? 4.784   -4.033  0.522   1.00 46.21 ? 35  LEU X CA  1 
ATOM   286 C  C   . LEU A 1 36 ? 4.252   -4.327  -0.871  1.00 46.40 ? 35  LEU X C   1 
ATOM   287 O  O   . LEU A 1 36 ? 3.649   -5.388  -1.101  1.00 47.91 ? 35  LEU X O   1 
ATOM   288 C  CB  . LEU A 1 36 ? 3.926   -2.949  1.209   1.00 46.12 ? 35  LEU X CB  1 
ATOM   289 C  CG  . LEU A 1 36 ? 2.469   -3.355  1.508   1.00 45.81 ? 35  LEU X CG  1 
ATOM   290 C  CD1 . LEU A 1 36 ? 1.929   -2.679  2.780   1.00 48.66 ? 35  LEU X CD1 1 
ATOM   291 C  CD2 . LEU A 1 36 ? 1.457   -3.105  0.344   1.00 45.92 ? 35  LEU X CD2 1 
ATOM   292 N  N   . ILE A 1 37 ? 4.466   -3.397  -1.804  1.00 45.17 ? 36  ILE X N   1 
ATOM   293 C  CA  . ILE A 1 37 ? 3.991   -3.580  -3.191  1.00 45.12 ? 36  ILE X CA  1 
ATOM   294 C  C   . ILE A 1 37 ? 4.656   -4.780  -3.870  1.00 44.94 ? 36  ILE X C   1 
ATOM   295 O  O   . ILE A 1 37 ? 3.996   -5.598  -4.505  1.00 44.66 ? 36  ILE X O   1 
ATOM   296 C  CB  . ILE A 1 37 ? 4.228   -2.307  -4.031  1.00 45.51 ? 36  ILE X CB  1 
ATOM   297 C  CG1 . ILE A 1 37 ? 3.196   -1.254  -3.636  1.00 44.20 ? 36  ILE X CG1 1 
ATOM   298 C  CG2 . ILE A 1 37 ? 4.083   -2.611  -5.576  1.00 46.60 ? 36  ILE X CG2 1 
ATOM   299 C  CD1 . ILE A 1 37 ? 3.565   0.193   -4.107  1.00 45.10 ? 36  ILE X CD1 1 
ATOM   300 N  N   . ASN A 1 38 ? 5.971   -4.885  -3.720  1.00 44.25 ? 37  ASN X N   1 
ATOM   301 C  CA  . ASN A 1 38 ? 6.747   -5.982  -4.307  1.00 44.55 ? 37  ASN X CA  1 
ATOM   302 C  C   . ASN A 1 38 ? 6.383   -7.393  -3.783  1.00 45.08 ? 37  ASN X C   1 
ATOM   303 O  O   . ASN A 1 38 ? 6.345   -8.337  -4.560  1.00 45.10 ? 37  ASN X O   1 
ATOM   304 C  CB  . ASN A 1 38 ? 8.262   -5.701  -4.157  1.00 43.88 ? 37  ASN X CB  1 
ATOM   305 C  CG  . ASN A 1 38 ? 8.776   -4.669  -5.163  1.00 44.98 ? 37  ASN X CG  1 
ATOM   306 O  OD1 . ASN A 1 38 ? 9.987   -4.309  -5.198  1.00 46.90 ? 37  ASN X OD1 1 
ATOM   307 N  ND2 . ASN A 1 38 ? 7.873   -4.189  -5.995  1.00 38.12 ? 37  ASN X ND2 1 
ATOM   308 N  N   . ASN A 1 39 ? 6.196   -7.530  -2.473  1.00 45.08 ? 38  ASN X N   1 
ATOM   309 C  CA  . ASN A 1 39 ? 5.950   -8.833  -1.820  1.00 45.46 ? 38  ASN X CA  1 
ATOM   310 C  C   . ASN A 1 39 ? 4.494   -9.242  -1.800  1.00 45.54 ? 38  ASN X C   1 
ATOM   311 O  O   . ASN A 1 39 ? 4.195   -10.424 -1.869  1.00 44.94 ? 38  ASN X O   1 
ATOM   312 C  CB  . ASN A 1 39 ? 6.443   -8.837  -0.350  1.00 44.72 ? 38  ASN X CB  1 
ATOM   313 C  CG  . ASN A 1 39 ? 7.921   -8.518  -0.224  1.00 45.75 ? 38  ASN X CG  1 
ATOM   314 O  OD1 . ASN A 1 39 ? 8.680   -8.671  -1.185  1.00 43.02 ? 38  ASN X OD1 1 
ATOM   315 N  ND2 . ASN A 1 39 ? 8.337   -8.061  0.958   1.00 41.80 ? 38  ASN X ND2 1 
ATOM   316 N  N   . GLU A 1 40 ? 3.598   -8.261  -1.684  1.00 45.96 ? 39  GLU X N   1 
ATOM   317 C  CA  . GLU A 1 40 ? 2.188   -8.508  -1.394  1.00 45.55 ? 39  GLU X CA  1 
ATOM   318 C  C   . GLU A 1 40 ? 1.252   -8.148  -2.517  1.00 45.30 ? 39  GLU X C   1 
ATOM   319 O  O   . GLU A 1 40 ? 0.073   -8.518  -2.460  1.00 45.36 ? 39  GLU X O   1 
ATOM   320 C  CB  . GLU A 1 40 ? 1.741   -7.698  -0.146  1.00 45.94 ? 39  GLU X CB  1 
ATOM   321 C  CG  . GLU A 1 40 ? 2.693   -7.814  1.062   1.00 46.89 ? 39  GLU X CG  1 
ATOM   322 C  CD  . GLU A 1 40 ? 3.007   -9.239  1.487   1.00 48.45 ? 39  GLU X CD  1 
ATOM   323 O  OE1 . GLU A 1 40 ? 2.154   -10.138 1.323   1.00 47.92 ? 39  GLU X OE1 1 
ATOM   324 O  OE2 . GLU A 1 40 ? 4.124   -9.452  2.024   1.00 47.63 ? 39  GLU X OE2 1 
ATOM   325 N  N   . LEU A 1 41 ? 1.732   -7.372  -3.485  1.00 44.38 ? 40  LEU X N   1 
ATOM   326 C  CA  . LEU A 1 41 ? 0.892   -7.011  -4.653  1.00 44.76 ? 40  LEU X CA  1 
ATOM   327 C  C   . LEU A 1 41 ? 1.428   -7.477  -6.020  1.00 44.28 ? 40  LEU X C   1 
ATOM   328 O  O   . LEU A 1 41 ? 1.096   -6.885  -7.069  1.00 44.53 ? 40  LEU X O   1 
ATOM   329 C  CB  . LEU A 1 41 ? 0.581   -5.505  -4.667  1.00 44.57 ? 40  LEU X CB  1 
ATOM   330 C  CG  . LEU A 1 41 ? -0.348  -5.057  -3.527  1.00 44.60 ? 40  LEU X CG  1 
ATOM   331 C  CD1 . LEU A 1 41 ? -0.444  -3.539  -3.505  1.00 41.64 ? 40  LEU X CD1 1 
ATOM   332 C  CD2 . LEU A 1 41 ? -1.758  -5.680  -3.656  1.00 45.62 ? 40  LEU X CD2 1 
ATOM   333 N  N   . SER A 1 42 ? 2.195   -8.571  -6.008  1.00 44.12 ? 41  SER X N   1 
ATOM   334 C  CA  . SER A 1 42 ? 2.921   -9.012  -7.185  1.00 44.22 ? 41  SER X CA  1 
ATOM   335 C  C   . SER A 1 42 ? 2.035   -9.492  -8.309  1.00 44.66 ? 41  SER X C   1 
ATOM   336 O  O   . SER A 1 42 ? 2.518   -9.635  -9.430  1.00 44.65 ? 41  SER X O   1 
ATOM   337 C  CB  . SER A 1 42 ? 3.953   -10.123 -6.856  1.00 44.67 ? 41  SER X CB  1 
ATOM   338 O  OG  . SER A 1 42 ? 3.388   -11.226 -6.156  1.00 42.92 ? 41  SER X OG  1 
ATOM   339 N  N   . HIS A 1 43 ? 0.768   -9.789  -8.021  1.00 44.34 ? 42  HIS X N   1 
ATOM   340 C  CA  . HIS A 1 43 ? -0.155  -10.223 -9.075  1.00 45.04 ? 42  HIS X CA  1 
ATOM   341 C  C   . HIS A 1 43 ? -0.970  -9.075  -9.634  1.00 45.06 ? 42  HIS X C   1 
ATOM   342 O  O   . HIS A 1 43 ? -1.644  -9.220  -10.641 1.00 45.18 ? 42  HIS X O   1 
ATOM   343 C  CB  . HIS A 1 43 ? -1.052  -11.372 -8.581  1.00 45.59 ? 42  HIS X CB  1 
ATOM   344 C  CG  . HIS A 1 43 ? -0.268  -12.551 -8.095  1.00 46.63 ? 42  HIS X CG  1 
ATOM   345 N  ND1 . HIS A 1 43 ? -0.027  -12.789 -6.758  1.00 47.25 ? 42  HIS X ND1 1 
ATOM   346 C  CD2 . HIS A 1 43 ? 0.379   -13.531 -8.774  1.00 48.75 ? 42  HIS X CD2 1 
ATOM   347 C  CE1 . HIS A 1 43 ? 0.702   -13.885 -6.630  1.00 46.97 ? 42  HIS X CE1 1 
ATOM   348 N  NE2 . HIS A 1 43 ? 0.972   -14.347 -7.838  1.00 48.42 ? 42  HIS X NE2 1 
ATOM   349 N  N   . PHE A 1 44 ? -0.894  -7.926  -8.981  1.00 44.31 ? 43  PHE X N   1 
ATOM   350 C  CA  . PHE A 1 44 ? -1.689  -6.785  -9.368  1.00 45.50 ? 43  PHE X CA  1 
ATOM   351 C  C   . PHE A 1 44 ? -0.866  -5.650  -9.917  1.00 45.70 ? 43  PHE X C   1 
ATOM   352 O  O   . PHE A 1 44 ? -1.331  -4.945  -10.803 1.00 46.24 ? 43  PHE X O   1 
ATOM   353 C  CB  . PHE A 1 44 ? -2.546  -6.263  -8.207  1.00 45.88 ? 43  PHE X CB  1 
ATOM   354 C  CG  . PHE A 1 44 ? -3.710  -7.156  -7.854  1.00 44.99 ? 43  PHE X CG  1 
ATOM   355 C  CD1 . PHE A 1 44 ? -4.572  -7.628  -8.833  1.00 47.07 ? 43  PHE X CD1 1 
ATOM   356 C  CD2 . PHE A 1 44 ? -3.952  -7.507  -6.556  1.00 46.77 ? 43  PHE X CD2 1 
ATOM   357 C  CE1 . PHE A 1 44 ? -5.642  -8.445  -8.499  1.00 46.99 ? 43  PHE X CE1 1 
ATOM   358 C  CE2 . PHE A 1 44 ? -5.029  -8.340  -6.218  1.00 44.84 ? 43  PHE X CE2 1 
ATOM   359 C  CZ  . PHE A 1 44 ? -5.856  -8.806  -7.186  1.00 45.46 ? 43  PHE X CZ  1 
ATOM   360 N  N   . LEU A 1 45 ? 0.336   -5.466  -9.380  1.00 45.07 ? 44  LEU X N   1 
ATOM   361 C  CA  . LEU A 1 45 ? 1.177   -4.335  -9.751  1.00 45.28 ? 44  LEU X CA  1 
ATOM   362 C  C   . LEU A 1 45 ? 2.547   -4.798  -10.193 1.00 45.67 ? 44  LEU X C   1 
ATOM   363 O  O   . LEU A 1 45 ? 3.077   -5.757  -9.649  1.00 44.46 ? 44  LEU X O   1 
ATOM   364 C  CB  . LEU A 1 45 ? 1.352   -3.374  -8.559  1.00 45.27 ? 44  LEU X CB  1 
ATOM   365 C  CG  . LEU A 1 45 ? 0.126   -2.660  -7.954  1.00 46.21 ? 44  LEU X CG  1 
ATOM   366 C  CD1 . LEU A 1 45 ? 0.562   -1.818  -6.721  1.00 47.33 ? 44  LEU X CD1 1 
ATOM   367 C  CD2 . LEU A 1 45 ? -0.674  -1.808  -8.936  1.00 47.61 ? 44  LEU X CD2 1 
ATOM   368 N  N   . GLU A 1 46 ? 3.137   -4.054  -11.134 1.00 45.82 ? 45  GLU X N   1 
ATOM   369 C  CA  . GLU A 1 46 ? 4.496   -4.314  -11.639 1.00 47.58 ? 45  GLU X CA  1 
ATOM   370 C  C   . GLU A 1 46 ? 5.479   -4.199  -10.488 1.00 46.00 ? 45  GLU X C   1 
ATOM   371 O  O   . GLU A 1 46 ? 5.341   -3.315  -9.655  1.00 45.96 ? 45  GLU X O   1 
ATOM   372 C  CB  . GLU A 1 46 ? 4.834   -3.279  -12.723 1.00 47.83 ? 45  GLU X CB  1 
ATOM   373 C  CG  . GLU A 1 46 ? 6.094   -3.533  -13.528 1.00 51.50 ? 45  GLU X CG  1 
ATOM   374 C  CD  . GLU A 1 46 ? 6.207   -2.607  -14.756 1.00 52.59 ? 45  GLU X CD  1 
ATOM   375 O  OE1 . GLU A 1 46 ? 5.260   -2.546  -15.589 1.00 56.82 ? 45  GLU X OE1 1 
ATOM   376 O  OE2 . GLU A 1 46 ? 7.264   -1.950  -14.891 1.00 60.77 ? 45  GLU X OE2 1 
ATOM   377 N  N   . GLU A 1 47 ? 6.423   -5.125  -10.401 1.00 44.55 ? 46  GLU X N   1 
ATOM   378 C  CA  . GLU A 1 47 ? 7.489   -5.027  -9.429  1.00 43.88 ? 46  GLU X CA  1 
ATOM   379 C  C   . GLU A 1 47 ? 8.172   -3.676  -9.598  1.00 43.24 ? 46  GLU X C   1 
ATOM   380 O  O   . GLU A 1 47 ? 8.452   -3.274  -10.716 1.00 43.60 ? 46  GLU X O   1 
ATOM   381 C  CB  . GLU A 1 47 ? 8.513   -6.135  -9.666  1.00 43.64 ? 46  GLU X CB  1 
ATOM   382 C  CG  . GLU A 1 47 ? 9.512   -6.264  -8.527  1.00 45.15 ? 46  GLU X CG  1 
ATOM   383 C  CD  . GLU A 1 47 ? 10.628  -7.219  -8.830  1.00 45.90 ? 46  GLU X CD  1 
ATOM   384 O  OE1 . GLU A 1 47 ? 10.598  -7.834  -9.910  1.00 45.87 ? 46  GLU X OE1 1 
ATOM   385 O  OE2 . GLU A 1 47 ? 11.544  -7.346  -7.997  1.00 46.21 ? 46  GLU X OE2 1 
ATOM   386 N  N   . ILE A 1 48 ? 8.433   -2.987  -8.492  1.00 42.53 ? 47  ILE X N   1 
ATOM   387 C  CA  . ILE A 1 48 ? 9.076   -1.681  -8.533  1.00 43.29 ? 47  ILE X CA  1 
ATOM   388 C  C   . ILE A 1 48 ? 10.582  -1.893  -8.466  1.00 42.50 ? 47  ILE X C   1 
ATOM   389 O  O   . ILE A 1 48 ? 11.068  -2.434  -7.478  1.00 42.41 ? 47  ILE X O   1 
ATOM   390 C  CB  . ILE A 1 48 ? 8.633   -0.785  -7.335  1.00 43.02 ? 47  ILE X CB  1 
ATOM   391 C  CG1 . ILE A 1 48 ? 7.165   -0.357  -7.505  1.00 44.53 ? 47  ILE X CG1 1 
ATOM   392 C  CG2 . ILE A 1 48 ? 9.577   0.416   -7.221  1.00 44.49 ? 47  ILE X CG2 1 
ATOM   393 C  CD1 . ILE A 1 48 ? 6.552   0.357   -6.309  1.00 44.55 ? 47  ILE X CD1 1 
ATOM   394 N  N   . LYS A 1 49 ? 11.322  -1.449  -9.485  1.00 41.80 ? 48  LYS X N   1 
ATOM   395 C  CA  . LYS A 1 49 ? 12.768  -1.731  -9.549  1.00 43.09 ? 48  LYS X CA  1 
ATOM   396 C  C   . LYS A 1 49 ? 13.614  -0.477  -9.608  1.00 43.60 ? 48  LYS X C   1 
ATOM   397 O  O   . LYS A 1 49 ? 14.818  -0.559  -9.867  1.00 44.35 ? 48  LYS X O   1 
ATOM   398 C  CB  . LYS A 1 49 ? 13.129  -2.555  -10.799 1.00 41.99 ? 48  LYS X CB  1 
ATOM   399 C  CG  . LYS A 1 49 ? 12.605  -3.937  -10.819 1.00 42.64 ? 48  LYS X CG  1 
ATOM   400 C  CD  . LYS A 1 49 ? 13.252  -4.735  -11.954 1.00 48.10 ? 48  LYS X CD  1 
ATOM   401 C  CE  . LYS A 1 49 ? 12.359  -5.893  -12.357 1.00 49.31 ? 48  LYS X CE  1 
ATOM   402 N  NZ  . LYS A 1 49 ? 12.815  -6.542  -13.633 1.00 50.06 ? 48  LYS X NZ  1 
ATOM   403 N  N   . GLU A 1 50 ? 12.991  0.672   -9.420  1.00 43.76 ? 49  GLU X N   1 
ATOM   404 C  CA  . GLU A 1 50 ? 13.658  1.929   -9.689  1.00 44.85 ? 49  GLU X CA  1 
ATOM   405 C  C   . GLU A 1 50 ? 13.255  2.983   -8.714  1.00 43.89 ? 49  GLU X C   1 
ATOM   406 O  O   . GLU A 1 50 ? 12.080  3.117   -8.431  1.00 43.88 ? 49  GLU X O   1 
ATOM   407 C  CB  . GLU A 1 50 ? 13.208  2.440   -11.031 1.00 45.17 ? 49  GLU X CB  1 
ATOM   408 C  CG  . GLU A 1 50 ? 13.627  1.596   -12.146 1.00 48.85 ? 49  GLU X CG  1 
ATOM   409 C  CD  . GLU A 1 50 ? 13.991  2.442   -13.255 1.00 52.93 ? 49  GLU X CD  1 
ATOM   410 O  OE1 . GLU A 1 50 ? 15.215  2.688   -13.413 1.00 56.49 ? 49  GLU X OE1 1 
ATOM   411 O  OE2 . GLU A 1 50 ? 13.042  2.918   -13.913 1.00 55.88 ? 49  GLU X OE2 1 
ATOM   412 N  N   . GLN A 1 51 ? 14.210  3.804   -8.288  1.00 43.34 ? 50  GLN X N   1 
ATOM   413 C  CA  . GLN A 1 51 ? 13.889  4.864   -7.340  1.00 44.08 ? 50  GLN X CA  1 
ATOM   414 C  C   . GLN A 1 51 ? 12.814  5.825   -7.864  1.00 43.49 ? 50  GLN X C   1 
ATOM   415 O  O   . GLN A 1 51 ? 11.969  6.278   -7.103  1.00 43.91 ? 50  GLN X O   1 
ATOM   416 C  CB  . GLN A 1 51 ? 15.146  5.649   -6.965  1.00 43.92 ? 50  GLN X CB  1 
ATOM   417 C  CG  . GLN A 1 51 ? 14.924  6.602   -5.785  1.00 44.98 ? 50  GLN X CG  1 
ATOM   418 C  CD  . GLN A 1 51 ? 14.641  5.875   -4.476  1.00 44.46 ? 50  GLN X CD  1 
ATOM   419 O  OE1 . GLN A 1 51 ? 15.424  5.033   -4.029  1.00 47.40 ? 50  GLN X OE1 1 
ATOM   420 N  NE2 . GLN A 1 51 ? 13.559  6.232   -3.840  1.00 39.48 ? 50  GLN X NE2 1 
ATOM   421 N  N   . GLU A 1 52 ? 12.846  6.161   -9.153  1.00 43.59 ? 51  GLU X N   1 
ATOM   422 C  CA  . GLU A 1 52 ? 11.883  7.139   -9.639  1.00 44.43 ? 51  GLU X CA  1 
ATOM   423 C  C   . GLU A 1 52 ? 10.440  6.639   -9.599  1.00 44.49 ? 51  GLU X C   1 
ATOM   424 O  O   . GLU A 1 52 ? 9.532   7.429   -9.405  1.00 45.48 ? 51  GLU X O   1 
ATOM   425 C  CB  . GLU A 1 52 ? 12.292  7.762   -10.979 1.00 45.00 ? 51  GLU X CB  1 
ATOM   426 C  CG  . GLU A 1 52 ? 11.854  7.050   -12.198 1.00 47.78 ? 51  GLU X CG  1 
ATOM   427 C  CD  . GLU A 1 52 ? 12.241  7.826   -13.449 1.00 49.94 ? 51  GLU X CD  1 
ATOM   428 O  OE1 . GLU A 1 52 ? 13.434  7.811   -13.818 1.00 50.12 ? 51  GLU X OE1 1 
ATOM   429 O  OE2 . GLU A 1 52 ? 11.358  8.473   -14.052 1.00 51.74 ? 51  GLU X OE2 1 
ATOM   430 N  N   . VAL A 1 53 ? 10.241  5.328   -9.705  1.00 43.79 ? 52  VAL X N   1 
ATOM   431 C  CA  . VAL A 1 53 ? 8.897   4.742   -9.562  1.00 43.98 ? 52  VAL X CA  1 
ATOM   432 C  C   . VAL A 1 53 ? 8.444   4.723   -8.083  1.00 45.28 ? 52  VAL X C   1 
ATOM   433 O  O   . VAL A 1 53 ? 7.311   5.100   -7.776  1.00 45.84 ? 52  VAL X O   1 
ATOM   434 C  CB  . VAL A 1 53 ? 8.814   3.347   -10.265 1.00 42.93 ? 52  VAL X CB  1 
ATOM   435 C  CG1 . VAL A 1 53 ? 7.431   2.655   -10.017 1.00 42.64 ? 52  VAL X CG1 1 
ATOM   436 C  CG2 . VAL A 1 53 ? 9.095   3.510   -11.773 1.00 42.22 ? 52  VAL X CG2 1 
ATOM   437 N  N   . VAL A 1 54 ? 9.344   4.340   -7.174  1.00 45.96 ? 53  VAL X N   1 
ATOM   438 C  CA  . VAL A 1 54 ? 9.106   4.431   -5.720  1.00 47.23 ? 53  VAL X CA  1 
ATOM   439 C  C   . VAL A 1 54 ? 8.653   5.881   -5.383  1.00 46.62 ? 53  VAL X C   1 
ATOM   440 O  O   . VAL A 1 54 ? 7.606   6.109   -4.739  1.00 45.91 ? 53  VAL X O   1 
ATOM   441 C  CB  . VAL A 1 54 ? 10.457  4.138   -4.950  1.00 48.78 ? 53  VAL X CB  1 
ATOM   442 C  CG1 . VAL A 1 54 ? 10.360  4.422   -3.469  1.00 49.47 ? 53  VAL X CG1 1 
ATOM   443 C  CG2 . VAL A 1 54 ? 10.978  2.697   -5.192  1.00 51.07 ? 53  VAL X CG2 1 
ATOM   444 N  N   . ASP A 1 55 ? 9.453   6.851   -5.827  1.00 45.26 ? 54  ASP X N   1 
ATOM   445 C  CA  . ASP A 1 55 ? 9.168   8.249   -5.602  1.00 44.40 ? 54  ASP X CA  1 
ATOM   446 C  C   . ASP A 1 55 ? 7.784   8.649   -6.128  1.00 44.88 ? 54  ASP X C   1 
ATOM   447 O  O   . ASP A 1 55 ? 7.020   9.274   -5.409  1.00 44.84 ? 54  ASP X O   1 
ATOM   448 C  CB  . ASP A 1 55 ? 10.262  9.131   -6.224  1.00 43.58 ? 54  ASP X CB  1 
ATOM   449 C  CG  . ASP A 1 55 ? 11.627  9.000   -5.500  1.00 43.34 ? 54  ASP X CG  1 
ATOM   450 O  OD1 . ASP A 1 55 ? 11.715  8.319   -4.465  1.00 45.10 ? 54  ASP X OD1 1 
ATOM   451 O  OD2 . ASP A 1 55 ? 12.617  9.565   -5.978  1.00 37.49 ? 54  ASP X OD2 1 
ATOM   452 N  N   . LYS A 1 56 ? 7.466   8.290   -7.371  1.00 44.98 ? 55  LYS X N   1 
ATOM   453 C  CA  . LYS A 1 56 ? 6.185   8.687   -7.998  1.00 44.62 ? 55  LYS X CA  1 
ATOM   454 C  C   . LYS A 1 56 ? 4.968   8.075   -7.290  1.00 45.25 ? 55  LYS X C   1 
ATOM   455 O  O   . LYS A 1 56 ? 3.952   8.741   -7.110  1.00 42.71 ? 55  LYS X O   1 
ATOM   456 C  CB  . LYS A 1 56 ? 6.147   8.314   -9.492  1.00 45.40 ? 55  LYS X CB  1 
ATOM   457 C  CG  . LYS A 1 56 ? 5.001   9.023   -10.287 1.00 45.56 ? 55  LYS X CG  1 
ATOM   458 C  CD  . LYS A 1 56 ? 5.363   10.505  -10.499 1.00 47.06 ? 55  LYS X CD  1 
ATOM   459 C  CE  . LYS A 1 56 ? 4.143   11.380  -10.765 1.00 49.56 ? 55  LYS X CE  1 
ATOM   460 N  NZ  . LYS A 1 56 ? 4.527   12.834  -10.850 1.00 50.26 ? 55  LYS X NZ  1 
ATOM   461 N  N   . VAL A 1 57 ? 5.077   6.792   -6.930  1.00 45.60 ? 56  VAL X N   1 
ATOM   462 C  CA  . VAL A 1 57 ? 3.998   6.112   -6.223  1.00 46.26 ? 56  VAL X CA  1 
ATOM   463 C  C   . VAL A 1 57 ? 3.744   6.785   -4.875  1.00 45.85 ? 56  VAL X C   1 
ATOM   464 O  O   . VAL A 1 57 ? 2.585   7.106   -4.535  1.00 46.07 ? 56  VAL X O   1 
ATOM   465 C  CB  . VAL A 1 57 ? 4.275   4.581   -6.042  1.00 46.42 ? 56  VAL X CB  1 
ATOM   466 C  CG1 . VAL A 1 57 ? 3.189   3.933   -5.178  1.00 47.22 ? 56  VAL X CG1 1 
ATOM   467 C  CG2 . VAL A 1 57 ? 4.298   3.873   -7.395  1.00 46.67 ? 56  VAL X CG2 1 
ATOM   468 N  N   . MET A 1 58 ? 4.809   6.992   -4.096  1.00 45.75 ? 57  MET X N   1 
ATOM   469 C  CA  . MET A 1 58 ? 4.661   7.741   -2.856  1.00 45.62 ? 57  MET X CA  1 
ATOM   470 C  C   . MET A 1 58 ? 4.067   9.124   -3.112  1.00 46.12 ? 57  MET X C   1 
ATOM   471 O  O   . MET A 1 58 ? 3.178   9.541   -2.383  1.00 46.16 ? 57  MET X O   1 
ATOM   472 C  CB  . MET A 1 58 ? 5.987   7.865   -2.105  1.00 45.32 ? 57  MET X CB  1 
ATOM   473 C  CG  . MET A 1 58 ? 5.841   8.676   -0.809  1.00 45.02 ? 57  MET X CG  1 
ATOM   474 S  SD  . MET A 1 58 ? 4.773   7.782   0.377   1.00 46.19 ? 57  MET X SD  1 
ATOM   475 C  CE  . MET A 1 58 ? 5.939   6.570   1.006   1.00 45.29 ? 57  MET X CE  1 
ATOM   476 N  N   . GLU A 1 59 ? 4.567   9.853   -4.126  1.00 47.08 ? 58  GLU X N   1 
ATOM   477 C  CA  . GLU A 1 59 ? 4.001   11.175  -4.488  1.00 47.37 ? 58  GLU X CA  1 
ATOM   478 C  C   . GLU A 1 59 ? 2.483   11.107  -4.681  1.00 47.10 ? 58  GLU X C   1 
ATOM   479 O  O   . GLU A 1 59 ? 1.723   11.975  -4.237  1.00 46.70 ? 58  GLU X O   1 
ATOM   480 C  CB  . GLU A 1 59 ? 4.620   11.715  -5.794  1.00 47.14 ? 58  GLU X CB  1 
ATOM   481 C  CG  . GLU A 1 59 ? 4.008   13.071  -6.192  1.00 48.99 ? 58  GLU X CG  1 
ATOM   482 C  CD  . GLU A 1 59 ? 4.582   13.692  -7.469  1.00 49.41 ? 58  GLU X CD  1 
ATOM   483 O  OE1 . GLU A 1 59 ? 3.889   13.667  -8.496  1.00 52.18 ? 58  GLU X OE1 1 
ATOM   484 O  OE2 . GLU A 1 59 ? 5.702   14.217  -7.450  1.00 50.73 ? 58  GLU X OE2 1 
ATOM   485 N  N   . THR A 1 60 ? 2.063   10.058  -5.361  1.00 47.24 ? 59  THR X N   1 
ATOM   486 C  CA  . THR A 1 60 ? 0.653   9.811   -5.659  1.00 47.07 ? 59  THR X CA  1 
ATOM   487 C  C   . THR A 1 60 ? -0.188  9.519   -4.397  1.00 46.69 ? 59  THR X C   1 
ATOM   488 O  O   . THR A 1 60 ? -1.266  10.116  -4.222  1.00 46.35 ? 59  THR X O   1 
ATOM   489 C  CB  . THR A 1 60 ? 0.565   8.678   -6.677  1.00 47.98 ? 59  THR X CB  1 
ATOM   490 O  OG1 . THR A 1 60 ? 1.348   9.056   -7.826  1.00 50.26 ? 59  THR X OG1 1 
ATOM   491 C  CG2 . THR A 1 60 ? -0.874  8.399   -7.096  1.00 47.14 ? 59  THR X CG2 1 
ATOM   492 N  N   . LEU A 1 61 ? 0.322   8.670   -3.496  1.00 45.66 ? 60  LEU X N   1 
ATOM   493 C  CA  . LEU A 1 61 ? -0.451  8.208   -2.334  1.00 45.21 ? 60  LEU X CA  1 
ATOM   494 C  C   . LEU A 1 61 ? -0.462  9.198   -1.164  1.00 45.02 ? 60  LEU X C   1 
ATOM   495 O  O   . LEU A 1 61 ? -1.336  9.148   -0.291  1.00 43.39 ? 60  LEU X O   1 
ATOM   496 C  CB  . LEU A 1 61 ? 0.079   6.842   -1.852  1.00 45.92 ? 60  LEU X CB  1 
ATOM   497 C  CG  . LEU A 1 61 ? 0.118   5.721   -2.882  1.00 45.39 ? 60  LEU X CG  1 
ATOM   498 C  CD1 . LEU A 1 61 ? 0.487   4.412   -2.184  1.00 45.98 ? 60  LEU X CD1 1 
ATOM   499 C  CD2 . LEU A 1 61 ? -1.272  5.609   -3.598  1.00 45.42 ? 60  LEU X CD2 1 
ATOM   500 N  N   . ASP A 1 62 ? 0.522   10.094  -1.173  1.00 44.18 ? 61  ASP X N   1 
ATOM   501 C  CA  . ASP A 1 62 ? 0.824   10.988  -0.063  1.00 44.77 ? 61  ASP X CA  1 
ATOM   502 C  C   . ASP A 1 62 ? -0.032  12.248  -0.122  1.00 44.57 ? 61  ASP X C   1 
ATOM   503 O  O   . ASP A 1 62 ? 0.464   13.332  -0.443  1.00 44.23 ? 61  ASP X O   1 
ATOM   504 C  CB  . ASP A 1 62 ? 2.313   11.370  -0.099  1.00 43.59 ? 61  ASP X CB  1 
ATOM   505 C  CG  . ASP A 1 62 ? 2.751   12.176  1.098   1.00 45.96 ? 61  ASP X CG  1 
ATOM   506 O  OD1 . ASP A 1 62 ? 2.093   12.088  2.154   1.00 46.55 ? 61  ASP X OD1 1 
ATOM   507 O  OD2 . ASP A 1 62 ? 3.777   12.896  0.980   1.00 46.18 ? 61  ASP X OD2 1 
ATOM   508 N  N   . SER A 1 63 ? -1.311  12.108  0.217   1.00 44.98 ? 62  SER X N   1 
ATOM   509 C  CA  . SER A 1 63 ? -2.269  13.227  0.160   1.00 44.62 ? 62  SER X CA  1 
ATOM   510 C  C   . SER A 1 63 ? -1.942  14.369  1.088   1.00 45.43 ? 62  SER X C   1 
ATOM   511 O  O   . SER A 1 63 ? -2.228  15.536  0.765   1.00 45.51 ? 62  SER X O   1 
ATOM   512 C  CB  . SER A 1 63 ? -3.688  12.739  0.463   1.00 44.44 ? 62  SER X CB  1 
ATOM   513 O  OG  . SER A 1 63 ? -3.990  11.667  -0.389  1.00 44.80 ? 62  SER X OG  1 
ATOM   514 N  N   . ASP A 1 64 ? -1.389  14.066  2.261   1.00 45.70 ? 63  ASP X N   1 
ATOM   515 C  CA  . ASP A 1 64 ? -1.098  15.175  3.189   1.00 46.48 ? 63  ASP X CA  1 
ATOM   516 C  C   . ASP A 1 64 ? 0.316   15.720  2.976   1.00 46.11 ? 63  ASP X C   1 
ATOM   517 O  O   . ASP A 1 64 ? 0.741   16.610  3.670   1.00 46.32 ? 63  ASP X O   1 
ATOM   518 C  CB  . ASP A 1 64 ? -1.391  14.812  4.664   1.00 46.52 ? 63  ASP X CB  1 
ATOM   519 C  CG  . ASP A 1 64 ? -0.506  13.691  5.201   1.00 47.90 ? 63  ASP X CG  1 
ATOM   520 O  OD1 . ASP A 1 64 ? 0.583   13.424  4.643   1.00 48.46 ? 63  ASP X OD1 1 
ATOM   521 O  OD2 . ASP A 1 64 ? -0.899  13.066  6.202   1.00 49.40 ? 63  ASP X OD2 1 
ATOM   522 N  N   . GLY A 1 65 ? 1.051   15.160  2.016   1.00 45.94 ? 64  GLY X N   1 
ATOM   523 C  CA  . GLY A 1 65 ? 2.365   15.708  1.639   1.00 45.78 ? 64  GLY X CA  1 
ATOM   524 C  C   . GLY A 1 65 ? 3.479   15.672  2.678   1.00 45.85 ? 64  GLY X C   1 
ATOM   525 O  O   . GLY A 1 65 ? 4.391   16.501  2.627   1.00 45.59 ? 64  GLY X O   1 
ATOM   526 N  N   . ASP A 1 66 ? 3.416   14.726  3.617   1.00 45.59 ? 65  ASP X N   1 
ATOM   527 C  CA  . ASP A 1 66 ? 4.455   14.575  4.653   1.00 45.49 ? 65  ASP X CA  1 
ATOM   528 C  C   . ASP A 1 66 ? 5.568   13.566  4.269   1.00 45.39 ? 65  ASP X C   1 
ATOM   529 O  O   . ASP A 1 66 ? 6.455   13.262  5.059   1.00 45.84 ? 65  ASP X O   1 
ATOM   530 C  CB  . ASP A 1 66 ? 3.820   14.194  6.006   1.00 45.35 ? 65  ASP X CB  1 
ATOM   531 C  CG  . ASP A 1 66 ? 3.264   12.764  6.031   1.00 46.42 ? 65  ASP X CG  1 
ATOM   532 O  OD1 . ASP A 1 66 ? 3.153   12.122  4.975   1.00 47.17 ? 65  ASP X OD1 1 
ATOM   533 O  OD2 . ASP A 1 66 ? 2.919   12.260  7.117   1.00 47.18 ? 65  ASP X OD2 1 
ATOM   534 N  N   . GLY A 1 67 ? 5.519   13.035  3.060   1.00 45.18 ? 66  GLY X N   1 
ATOM   535 C  CA  . GLY A 1 67 ? 6.592   12.158  2.605   1.00 45.14 ? 66  GLY X CA  1 
ATOM   536 C  C   . GLY A 1 67 ? 6.356   10.664  2.804   1.00 45.37 ? 66  GLY X C   1 
ATOM   537 O  O   . GLY A 1 67 ? 7.112   9.852   2.263   1.00 45.78 ? 66  GLY X O   1 
ATOM   538 N  N   . GLU A 1 68 ? 5.318   10.295  3.554   1.00 45.28 ? 67  GLU X N   1 
ATOM   539 C  CA  . GLU A 1 68 ? 5.062   8.881   3.914   1.00 45.34 ? 67  GLU X CA  1 
ATOM   540 C  C   . GLU A 1 68 ? 3.611   8.558   3.685   1.00 45.01 ? 67  GLU X C   1 
ATOM   541 O  O   . GLU A 1 68 ? 2.813   9.459   3.429   1.00 45.52 ? 67  GLU X O   1 
ATOM   542 C  CB  . GLU A 1 68 ? 5.404   8.615   5.387   1.00 44.94 ? 67  GLU X CB  1 
ATOM   543 C  CG  . GLU A 1 68 ? 6.845   8.992   5.750   1.00 45.39 ? 67  GLU X CG  1 
ATOM   544 C  CD  . GLU A 1 68 ? 7.423   8.208   6.916   1.00 47.05 ? 67  GLU X CD  1 
ATOM   545 O  OE1 . GLU A 1 68 ? 6.856   7.167   7.309   1.00 45.88 ? 67  GLU X OE1 1 
ATOM   546 O  OE2 . GLU A 1 68 ? 8.489   8.621   7.416   1.00 48.82 ? 67  GLU X OE2 1 
ATOM   547 N  N   . CYS A 1 69 ? 3.274   7.275   3.779   1.00 45.34 ? 68  CYS X N   1 
ATOM   548 C  CA  . CYS A 1 69 ? 1.923   6.793   3.542   1.00 45.05 ? 68  CYS X CA  1 
ATOM   549 C  C   . CYS A 1 69 ? 1.337   6.364   4.876   1.00 45.03 ? 68  CYS X C   1 
ATOM   550 O  O   . CYS A 1 69 ? 1.778   5.359   5.441   1.00 45.31 ? 68  CYS X O   1 
ATOM   551 C  CB  . CYS A 1 69 ? 1.936   5.604   2.552   1.00 45.24 ? 68  CYS X CB  1 
ATOM   552 S  SG  . CYS A 1 69 ? 0.236   5.067   2.095   1.00 45.71 ? 68  CYS X SG  1 
ATOM   553 N  N   . ASP A 1 70 ? 0.379   7.124   5.401   1.00 44.94 ? 69  ASP X N   1 
ATOM   554 C  CA  . ASP A 1 70 ? -0.271  6.735   6.677   1.00 44.91 ? 69  ASP X CA  1 
ATOM   555 C  C   . ASP A 1 70 ? -1.393  5.742   6.450   1.00 44.94 ? 69  ASP X C   1 
ATOM   556 O  O   . ASP A 1 70 ? -1.592  5.289   5.316   1.00 44.96 ? 69  ASP X O   1 
ATOM   557 C  CB  . ASP A 1 70 ? -0.732  7.949   7.516   1.00 45.27 ? 69  ASP X CB  1 
ATOM   558 C  CG  . ASP A 1 70 ? -1.839  8.755   6.852   1.00 46.21 ? 69  ASP X CG  1 
ATOM   559 O  OD1 . ASP A 1 70 ? -2.521  8.272   5.900   1.00 46.04 ? 69  ASP X OD1 1 
ATOM   560 O  OD2 . ASP A 1 70 ? -2.035  9.893   7.311   1.00 44.05 ? 69  ASP X OD2 1 
ATOM   561 N  N   . PHE A 1 71 ? -2.114  5.378   7.508   1.00 44.14 ? 70  PHE X N   1 
ATOM   562 C  CA  . PHE A 1 71 ? -3.112  4.320   7.366   1.00 44.42 ? 70  PHE X CA  1 
ATOM   563 C  C   . PHE A 1 71 ? -4.263  4.704   6.415   1.00 44.81 ? 70  PHE X C   1 
ATOM   564 O  O   . PHE A 1 71 ? -4.655  3.902   5.561   1.00 44.28 ? 70  PHE X O   1 
ATOM   565 C  CB  . PHE A 1 71 ? -3.640  3.823   8.711   1.00 44.36 ? 70  PHE X CB  1 
ATOM   566 C  CG  . PHE A 1 71 ? -4.585  2.662   8.585   1.00 46.14 ? 70  PHE X CG  1 
ATOM   567 C  CD1 . PHE A 1 71 ? -4.105  1.374   8.319   1.00 47.79 ? 70  PHE X CD1 1 
ATOM   568 C  CD2 . PHE A 1 71 ? -5.965  2.850   8.694   1.00 47.79 ? 70  PHE X CD2 1 
ATOM   569 C  CE1 . PHE A 1 71 ? -4.988  0.289   8.181   1.00 48.65 ? 70  PHE X CE1 1 
ATOM   570 C  CE2 . PHE A 1 71 ? -6.849  1.764   8.561   1.00 45.55 ? 70  PHE X CE2 1 
ATOM   571 C  CZ  . PHE A 1 71 ? -6.358  0.489   8.308   1.00 45.75 ? 70  PHE X CZ  1 
ATOM   572 N  N   . GLN A 1 72 ? -4.760  5.934   6.540   1.00 45.10 ? 71  GLN X N   1 
ATOM   573 C  CA  . GLN A 1 72 ? -5.812  6.432   5.650   1.00 46.17 ? 71  GLN X CA  1 
ATOM   574 C  C   . GLN A 1 72 ? -5.374  6.497   4.210   1.00 46.03 ? 71  GLN X C   1 
ATOM   575 O  O   . GLN A 1 72 ? -6.156  6.195   3.311   1.00 47.03 ? 71  GLN X O   1 
ATOM   576 C  CB  . GLN A 1 72 ? -6.339  7.815   6.084   1.00 46.13 ? 71  GLN X CB  1 
ATOM   577 C  CG  . GLN A 1 72 ? -7.208  7.818   7.317   1.00 49.94 ? 71  GLN X CG  1 
ATOM   578 C  CD  . GLN A 1 72 ? -8.198  6.657   7.410   1.00 52.53 ? 71  GLN X CD  1 
ATOM   579 O  OE1 . GLN A 1 72 ? -9.187  6.568   6.657   1.00 55.12 ? 71  GLN X OE1 1 
ATOM   580 N  NE2 . GLN A 1 72 ? -7.961  5.787   8.376   1.00 52.56 ? 71  GLN X NE2 1 
ATOM   581 N  N   . GLU A 1 73 ? -4.129  6.898   3.975   1.00 46.87 ? 72  GLU X N   1 
ATOM   582 C  CA  . GLU A 1 73 ? -3.605  6.945   2.619   1.00 46.24 ? 72  GLU X CA  1 
ATOM   583 C  C   . GLU A 1 73 ? -3.431  5.521   2.069   1.00 45.99 ? 72  GLU X C   1 
ATOM   584 O  O   . GLU A 1 73 ? -3.663  5.268   0.883   1.00 45.58 ? 72  GLU X O   1 
ATOM   585 C  CB  . GLU A 1 73 ? -2.310  7.766   2.589   1.00 46.56 ? 72  GLU X CB  1 
ATOM   586 C  CG  . GLU A 1 73 ? -2.536  9.272   2.893   1.00 45.52 ? 72  GLU X CG  1 
ATOM   587 C  CD  . GLU A 1 73 ? -1.233  9.995   3.219   1.00 47.16 ? 72  GLU X CD  1 
ATOM   588 O  OE1 . GLU A 1 73 ? -0.257  9.367   3.716   1.00 43.33 ? 72  GLU X OE1 1 
ATOM   589 O  OE2 . GLU A 1 73 ? -1.181  11.207  2.975   1.00 45.99 ? 72  GLU X OE2 1 
ATOM   590 N  N   . PHE A 1 74 ? -3.019  4.598   2.931   1.00 45.52 ? 73  PHE X N   1 
ATOM   591 C  CA  . PHE A 1 74 ? -2.975  3.176   2.553   1.00 45.28 ? 73  PHE X CA  1 
ATOM   592 C  C   . PHE A 1 74 ? -4.360  2.664   2.138   1.00 45.68 ? 73  PHE X C   1 
ATOM   593 O  O   . PHE A 1 74 ? -4.497  1.974   1.101   1.00 46.14 ? 73  PHE X O   1 
ATOM   594 C  CB  . PHE A 1 74 ? -2.381  2.301   3.669   1.00 45.06 ? 73  PHE X CB  1 
ATOM   595 C  CG  . PHE A 1 74 ? -2.332  0.839   3.313   1.00 45.22 ? 73  PHE X CG  1 
ATOM   596 C  CD1 . PHE A 1 74 ? -1.416  0.370   2.351   1.00 45.50 ? 73  PHE X CD1 1 
ATOM   597 C  CD2 . PHE A 1 74 ? -3.183  -0.075  3.931   1.00 42.36 ? 73  PHE X CD2 1 
ATOM   598 C  CE1 . PHE A 1 74 ? -1.366  -0.980  2.015   1.00 44.39 ? 73  PHE X CE1 1 
ATOM   599 C  CE2 . PHE A 1 74 ? -3.142  -1.446  3.600   1.00 44.08 ? 73  PHE X CE2 1 
ATOM   600 C  CZ  . PHE A 1 74 ? -2.225  -1.902  2.649   1.00 44.46 ? 73  PHE X CZ  1 
ATOM   601 N  N   . MET A 1 75 ? -5.379  2.977   2.944   1.00 45.54 ? 74  MET X N   1 
ATOM   602 C  CA  . MET A 1 75 ? -6.775  2.602   2.624   1.00 45.45 ? 74  MET X CA  1 
ATOM   603 C  C   . MET A 1 75 ? -7.226  3.147   1.266   1.00 44.92 ? 74  MET X C   1 
ATOM   604 O  O   . MET A 1 75 ? -7.938  2.437   0.509   1.00 44.87 ? 74  MET X O   1 
ATOM   605 C  CB  . MET A 1 75 ? -7.786  3.013   3.734   1.00 46.52 ? 74  MET X CB  1 
ATOM   606 C  CG  . MET A 1 75 ? -7.868  2.095   4.974   1.00 47.03 ? 74  MET X CG  1 
ATOM   607 S  SD  . MET A 1 75 ? -7.914  0.325   4.615   1.00 55.82 ? 74  MET X SD  1 
ATOM   608 C  CE  . MET A 1 75 ? -9.385  0.130   3.597   1.00 54.08 ? 74  MET X CE  1 
ATOM   609 N  N   . ALA A 1 76 ? -6.846  4.393   0.956   1.00 44.62 ? 75  ALA X N   1 
ATOM   610 C  CA  . ALA A 1 76 ? -7.126  4.964   -0.371  1.00 44.33 ? 75  ALA X CA  1 
ATOM   611 C  C   . ALA A 1 76 ? -6.376  4.211   -1.463  1.00 44.33 ? 75  ALA X C   1 
ATOM   612 O  O   . ALA A 1 76 ? -6.929  3.977   -2.531  1.00 45.37 ? 75  ALA X O   1 
ATOM   613 C  CB  . ALA A 1 76 ? -6.783  6.408   -0.409  1.00 44.84 ? 75  ALA X CB  1 
ATOM   614 N  N   . PHE A 1 77 ? -5.126  3.803   -1.201  1.00 44.03 ? 76  PHE X N   1 
ATOM   615 C  CA  . PHE A 1 77 ? -4.347  2.983   -2.145  1.00 45.23 ? 76  PHE X CA  1 
ATOM   616 C  C   . PHE A 1 77 ? -5.057  1.651   -2.424  1.00 44.57 ? 76  PHE X C   1 
ATOM   617 O  O   . PHE A 1 77 ? -5.287  1.273   -3.594  1.00 46.75 ? 76  PHE X O   1 
ATOM   618 C  CB  . PHE A 1 77 ? -2.949  2.763   -1.560  1.00 44.99 ? 76  PHE X CB  1 
ATOM   619 C  CG  . PHE A 1 77 ? -2.022  1.924   -2.393  1.00 46.38 ? 76  PHE X CG  1 
ATOM   620 C  CD1 . PHE A 1 77 ? -1.873  2.124   -3.766  1.00 47.06 ? 76  PHE X CD1 1 
ATOM   621 C  CD2 . PHE A 1 77 ? -1.212  0.977   -1.770  1.00 45.71 ? 76  PHE X CD2 1 
ATOM   622 C  CE1 . PHE A 1 77 ? -0.960  1.341   -4.519  1.00 45.67 ? 76  PHE X CE1 1 
ATOM   623 C  CE2 . PHE A 1 77 ? -0.284  0.185   -2.515  1.00 44.62 ? 76  PHE X CE2 1 
ATOM   624 C  CZ  . PHE A 1 77 ? -0.170  0.373   -3.886  1.00 45.20 ? 76  PHE X CZ  1 
ATOM   625 N  N   . VAL A 1 78 ? -5.463  0.955   -1.367  1.00 44.15 ? 77  VAL X N   1 
ATOM   626 C  CA  . VAL A 1 78 ? -6.246  -0.268  -1.516  1.00 43.31 ? 77  VAL X CA  1 
ATOM   627 C  C   . VAL A 1 78 ? -7.503  -0.011  -2.354  1.00 44.54 ? 77  VAL X C   1 
ATOM   628 O  O   . VAL A 1 78 ? -7.830  -0.837  -3.220  1.00 44.73 ? 77  VAL X O   1 
ATOM   629 C  CB  . VAL A 1 78 ? -6.534  -0.943  -0.154  1.00 43.81 ? 77  VAL X CB  1 
ATOM   630 C  CG1 . VAL A 1 78 ? -7.508  -2.087  -0.288  1.00 43.10 ? 77  VAL X CG1 1 
ATOM   631 C  CG2 . VAL A 1 78 ? -5.215  -1.450  0.459   1.00 41.49 ? 77  VAL X CG2 1 
ATOM   632 N  N   . ALA A 1 79 ? -8.216  1.101   -2.114  1.00 43.68 ? 78  ALA X N   1 
ATOM   633 C  CA  . ALA A 1 79 ? -9.433  1.370   -2.894  1.00 44.65 ? 78  ALA X CA  1 
ATOM   634 C  C   . ALA A 1 79 ? -9.093  1.532   -4.387  1.00 44.10 ? 78  ALA X C   1 
ATOM   635 O  O   . ALA A 1 79 ? -9.822  1.035   -5.222  1.00 44.55 ? 78  ALA X O   1 
ATOM   636 C  CB  . ALA A 1 79 ? -10.174 2.612   -2.398  1.00 44.60 ? 78  ALA X CB  1 
ATOM   637 N  N   . MET A 1 80 ? -8.005  2.236   -4.694  1.00 44.33 ? 79  MET X N   1 
ATOM   638 C  CA  . MET A 1 80 ? -7.568  2.416   -6.079  1.00 44.67 ? 79  MET X CA  1 
ATOM   639 C  C   . MET A 1 80 ? -7.357  1.057   -6.747  1.00 43.95 ? 79  MET X C   1 
ATOM   640 O  O   . MET A 1 80 ? -7.824  0.794   -7.859  1.00 42.65 ? 79  MET X O   1 
ATOM   641 C  CB  . MET A 1 80 ? -6.264  3.201   -6.135  1.00 44.55 ? 79  MET X CB  1 
ATOM   642 C  CG  . MET A 1 80 ? -6.320  4.637   -5.608  1.00 45.55 ? 79  MET X CG  1 
ATOM   643 S  SD  . MET A 1 80 ? -4.639  5.348   -5.532  1.00 47.54 ? 79  MET X SD  1 
ATOM   644 C  CE  . MET A 1 80 ? -4.722  6.427   -4.089  1.00 46.42 ? 79  MET X CE  1 
ATOM   645 N  N   . ILE A 1 81 ? -6.634  0.192   -6.054  1.00 43.81 ? 80  ILE X N   1 
ATOM   646 C  CA  . ILE A 1 81 ? -6.267  -1.099  -6.598  1.00 44.12 ? 80  ILE X CA  1 
ATOM   647 C  C   . ILE A 1 81 ? -7.527  -1.931  -6.822  1.00 44.64 ? 80  ILE X C   1 
ATOM   648 O  O   . ILE A 1 81 ? -7.683  -2.612  -7.865  1.00 43.70 ? 80  ILE X O   1 
ATOM   649 C  CB  . ILE A 1 81 ? -5.361  -1.862  -5.622  1.00 44.07 ? 80  ILE X CB  1 
ATOM   650 C  CG1 . ILE A 1 81 ? -4.051  -1.100  -5.435  1.00 46.56 ? 80  ILE X CG1 1 
ATOM   651 C  CG2 . ILE A 1 81 ? -5.109  -3.308  -6.147  1.00 42.21 ? 80  ILE X CG2 1 
ATOM   652 C  CD1 . ILE A 1 81 ? -3.069  -1.792  -4.538  1.00 47.35 ? 80  ILE X CD1 1 
ATOM   653 N  N   . THR A 1 82 ? -8.394  -1.916  -5.811  1.00 44.48 ? 81  THR X N   1 
ATOM   654 C  CA  . THR A 1 82 ? -9.646  -2.681  -5.847  1.00 45.04 ? 81  THR X CA  1 
ATOM   655 C  C   . THR A 1 82 ? -10.574 -2.190  -6.973  1.00 45.59 ? 81  THR X C   1 
ATOM   656 O  O   . THR A 1 82 ? -11.196 -2.997  -7.682  1.00 45.66 ? 81  THR X O   1 
ATOM   657 C  CB  . THR A 1 82 ? -10.336 -2.627  -4.486  1.00 44.42 ? 81  THR X CB  1 
ATOM   658 O  OG1 . THR A 1 82 ? -9.374  -2.971  -3.467  1.00 44.84 ? 81  THR X OG1 1 
ATOM   659 C  CG2 . THR A 1 82 ? -11.480 -3.626  -4.427  1.00 43.69 ? 81  THR X CG2 1 
ATOM   660 N  N   . THR A 1 83 ? -10.650 -0.877  -7.139  1.00 46.11 ? 82  THR X N   1 
ATOM   661 C  CA  . THR A 1 83 ? -11.489 -0.288  -8.206  1.00 46.32 ? 82  THR X CA  1 
ATOM   662 C  C   . THR A 1 83 ? -10.913 -0.634  -9.588  1.00 46.58 ? 82  THR X C   1 
ATOM   663 O  O   . THR A 1 83 ? -11.657 -0.929  -10.507 1.00 46.76 ? 82  THR X O   1 
ATOM   664 C  CB  . THR A 1 83 ? -11.607 1.218   -8.064  1.00 46.05 ? 82  THR X CB  1 
ATOM   665 O  OG1 . THR A 1 83 ? -12.081 1.516   -6.748  1.00 45.55 ? 82  THR X OG1 1 
ATOM   666 C  CG2 . THR A 1 83 ? -12.595 1.774   -9.089  1.00 46.90 ? 82  THR X CG2 1 
ATOM   667 N  N   . ALA A 1 84 ? -9.590  -0.620  -9.717  1.00 46.87 ? 83  ALA X N   1 
ATOM   668 C  CA  . ALA A 1 84 ? -8.962  -0.984  -10.993 1.00 47.12 ? 83  ALA X CA  1 
ATOM   669 C  C   . ALA A 1 84 ? -9.223  -2.460  -11.373 1.00 47.65 ? 83  ALA X C   1 
ATOM   670 O  O   . ALA A 1 84 ? -9.522  -2.773  -12.544 1.00 47.64 ? 83  ALA X O   1 
ATOM   671 C  CB  . ALA A 1 84 ? -7.481  -0.676  -10.958 1.00 46.86 ? 83  ALA X CB  1 
ATOM   672 N  N   . CYS A 1 85 ? -9.105  -3.360  -10.400 1.00 47.53 ? 84  CYS X N   1 
ATOM   673 C  CA  . CYS A 1 85 ? -9.335  -4.788  -10.662 1.00 47.86 ? 84  CYS X CA  1 
ATOM   674 C  C   . CYS A 1 85 ? -10.811 -5.048  -11.008 1.00 47.82 ? 84  CYS X C   1 
ATOM   675 O  O   . CYS A 1 85 ? -11.148 -5.803  -11.943 1.00 47.73 ? 84  CYS X O   1 
ATOM   676 C  CB  . CYS A 1 85 ? -8.869  -5.630  -9.489  1.00 47.20 ? 84  CYS X CB  1 
ATOM   677 S  SG  . CYS A 1 85 ? -9.235  -7.375  -9.676  1.00 49.69 ? 84  CYS X SG  1 
ATOM   678 N  N   . HIS A 1 86 ? -11.677 -4.397  -10.241 1.00 47.65 ? 85  HIS X N   1 
ATOM   679 C  CA  . HIS A 1 86 ? -13.102 -4.392  -10.464 1.00 47.73 ? 85  HIS X CA  1 
ATOM   680 C  C   . HIS A 1 86 ? -13.440 -3.972  -11.908 1.00 47.37 ? 85  HIS X C   1 
ATOM   681 O  O   . HIS A 1 86 ? -14.176 -4.671  -12.619 1.00 47.46 ? 85  HIS X O   1 
ATOM   682 C  CB  . HIS A 1 86 ? -13.702 -3.444  -9.424  1.00 47.83 ? 85  HIS X CB  1 
ATOM   683 C  CG  . HIS A 1 86 ? -15.162 -3.194  -9.587  1.00 49.32 ? 85  HIS X CG  1 
ATOM   684 N  ND1 . HIS A 1 86 ? -15.704 -1.935  -9.472  1.00 51.10 ? 85  HIS X ND1 1 
ATOM   685 C  CD2 . HIS A 1 86 ? -16.195 -4.032  -9.830  1.00 51.12 ? 85  HIS X CD2 1 
ATOM   686 C  CE1 . HIS A 1 86 ? -17.014 -2.007  -9.640  1.00 52.92 ? 85  HIS X CE1 1 
ATOM   687 N  NE2 . HIS A 1 86 ? -17.337 -3.268  -9.860  1.00 52.84 ? 85  HIS X NE2 1 
ATOM   688 N  N   . GLU A 1 87 ? -12.868 -2.853  -12.350 1.00 46.73 ? 86  GLU X N   1 
ATOM   689 C  CA  . GLU A 1 87 ? -13.167 -2.305  -13.666 1.00 46.85 ? 86  GLU X CA  1 
ATOM   690 C  C   . GLU A 1 87 ? -12.553 -3.134  -14.807 1.00 45.98 ? 86  GLU X C   1 
ATOM   691 O  O   . GLU A 1 87 ? -13.112 -3.194  -15.892 1.00 45.31 ? 86  GLU X O   1 
ATOM   692 C  CB  . GLU A 1 87 ? -12.732 -0.840  -13.738 1.00 46.91 ? 86  GLU X CB  1 
ATOM   693 C  CG  . GLU A 1 87 ? -13.664 0.093   -12.954 1.00 47.59 ? 86  GLU X CG  1 
ATOM   694 C  CD  . GLU A 1 87 ? -13.172 1.543   -12.856 1.00 48.90 ? 86  GLU X CD  1 
ATOM   695 O  OE1 . GLU A 1 87 ? -12.144 1.927   -13.472 1.00 50.06 ? 86  GLU X OE1 1 
ATOM   696 O  OE2 . GLU A 1 87 ? -13.845 2.315   -12.143 1.00 54.43 ? 86  GLU X OE2 1 
ATOM   697 N  N   . PHE A 1 88 ? -11.405 -3.764  -14.564 1.00 45.46 ? 87  PHE X N   1 
ATOM   698 C  CA  . PHE A 1 88 ? -10.788 -4.663  -15.557 1.00 45.59 ? 87  PHE X CA  1 
ATOM   699 C  C   . PHE A 1 88 ? -11.753 -5.767  -16.005 1.00 46.20 ? 87  PHE X C   1 
ATOM   700 O  O   . PHE A 1 88 ? -11.927 -5.993  -17.196 1.00 45.66 ? 87  PHE X O   1 
ATOM   701 C  CB  . PHE A 1 88 ? -9.528  -5.312  -14.969 1.00 45.30 ? 87  PHE X CB  1 
ATOM   702 C  CG  . PHE A 1 88 ? -8.661  -6.004  -15.985 1.00 45.23 ? 87  PHE X CG  1 
ATOM   703 C  CD1 . PHE A 1 88 ? -7.658  -5.302  -16.658 1.00 43.98 ? 87  PHE X CD1 1 
ATOM   704 C  CD2 . PHE A 1 88 ? -8.836  -7.356  -16.260 1.00 43.95 ? 87  PHE X CD2 1 
ATOM   705 C  CE1 . PHE A 1 88 ? -6.844  -5.937  -17.586 1.00 44.29 ? 87  PHE X CE1 1 
ATOM   706 C  CE2 . PHE A 1 88 ? -8.020  -8.010  -17.182 1.00 43.94 ? 87  PHE X CE2 1 
ATOM   707 C  CZ  . PHE A 1 88 ? -7.023  -7.299  -17.846 1.00 44.46 ? 87  PHE X CZ  1 
ATOM   708 N  N   . PHE A 1 89 ? -12.359 -6.451  -15.033 1.00 47.77 ? 88  PHE X N   1 
ATOM   709 C  CA  . PHE A 1 89 ? -13.197 -7.633  -15.278 1.00 49.46 ? 88  PHE X CA  1 
ATOM   710 C  C   . PHE A 1 89 ? -14.681 -7.330  -15.237 1.00 51.20 ? 88  PHE X C   1 
ATOM   711 O  O   . PHE A 1 89 ? -15.446 -7.907  -16.008 1.00 51.19 ? 88  PHE X O   1 
ATOM   712 C  CB  . PHE A 1 89 ? -12.900 -8.731  -14.257 1.00 49.23 ? 88  PHE X CB  1 
ATOM   713 C  CG  . PHE A 1 89 ? -11.474 -9.165  -14.240 1.00 48.95 ? 88  PHE X CG  1 
ATOM   714 C  CD1 . PHE A 1 89 ? -11.041 -10.186 -15.068 1.00 48.70 ? 88  PHE X CD1 1 
ATOM   715 C  CD2 . PHE A 1 89 ? -10.564 -8.557  -13.394 1.00 49.17 ? 88  PHE X CD2 1 
ATOM   716 C  CE1 . PHE A 1 89 ? -9.709  -10.592 -15.059 1.00 49.45 ? 88  PHE X CE1 1 
ATOM   717 C  CE2 . PHE A 1 89 ? -9.226  -8.952  -13.374 1.00 49.86 ? 88  PHE X CE2 1 
ATOM   718 C  CZ  . PHE A 1 89 ? -8.797  -9.980  -14.205 1.00 49.29 ? 88  PHE X CZ  1 
ATOM   719 N  N   . GLU A 1 90 ? -15.069 -6.438  -14.319 1.00 53.48 ? 89  GLU X N   1 
ATOM   720 C  CA  . GLU A 1 90 ? -16.485 -6.040  -14.050 1.00 55.23 ? 89  GLU X CA  1 
ATOM   721 C  C   . GLU A 1 90 ? -17.570 -7.050  -14.447 1.00 56.44 ? 89  GLU X C   1 
ATOM   722 O  O   . GLU A 1 90 ? -18.432 -7.404  -13.623 1.00 58.10 ? 89  GLU X O   1 
ATOM   723 C  CB  . GLU A 1 90 ? -16.796 -4.650  -14.640 1.00 55.47 ? 89  GLU X CB  1 
ATOM   724 C  CG  . GLU A 1 90 ? -16.422 -4.489  -16.087 1.00 55.07 ? 89  GLU X CG  1 
ATOM   725 C  CD  . GLU A 1 90 ? -15.831 -3.110  -16.411 1.00 58.94 ? 89  GLU X CD  1 
ATOM   726 O  OE1 . GLU A 1 90 ? -16.117 -2.124  -15.663 1.00 59.54 ? 89  GLU X OE1 1 
ATOM   727 O  OE2 . GLU A 1 90 ? -15.055 -3.017  -17.407 1.00 52.22 ? 89  GLU X OE2 1 
HETATM 728 CA CA  . CA  B 2 .  ? 7.613   3.061   9.077   1.00 42.48 ? 92  CA  X CA  1 
HETATM 729 CA CA  . CA  C 2 .  ? 1.293   11.235  4.014   1.00 42.60 ? 93  CA  X CA  1 
HETATM 730 N  N1  . 53A D 3 .  ? 2.360   -12.021 -13.714 0.50 62.84 ? 94  53A X N1  1 
HETATM 731 N  N3  . 53A D 3 .  ? 3.498   -12.817 -13.904 0.50 62.67 ? 94  53A X N3  1 
HETATM 732 C  C4  . 53A D 3 .  ? 0.365   -10.030 -13.519 0.50 62.96 ? 94  53A X C4  1 
HETATM 733 C  C5  . 53A D 3 .  ? 0.054   -11.425 -13.069 0.50 62.38 ? 94  53A X C5  1 
HETATM 734 C  C6  . 53A D 3 .  ? 1.134   -12.446 -13.191 0.50 62.90 ? 94  53A X C6  1 
HETATM 735 O  O2  . 53A D 3 .  ? 2.357   -7.153  -12.777 0.50 65.85 ? 94  53A X O2  1 
HETATM 736 N  N4  . 53A D 3 .  ? 4.476   -11.939 -14.438 0.50 62.86 ? 94  53A X N4  1 
HETATM 737 O  O3  . 53A D 3 .  ? -0.343  -4.954  -13.362 0.50 66.76 ? 94  53A X O3  1 
HETATM 738 C  C10 . 53A D 3 .  ? -0.864  -6.060  -13.290 0.50 66.32 ? 94  53A X C10 1 
HETATM 739 C  C13 . 53A D 3 .  ? -2.340  -6.221  -13.540 0.50 66.52 ? 94  53A X C13 1 
HETATM 740 C  C7  . 53A D 3 .  ? -0.006  -7.248  -12.923 0.50 65.54 ? 94  53A X C7  1 
HETATM 741 C  C9  . 53A D 3 .  ? 1.375   -7.120  -13.506 0.50 66.18 ? 94  53A X C9  1 
HETATM 742 O  O5  . 53A D 3 .  ? 1.549   -6.979  -14.950 0.50 67.54 ? 94  53A X O5  1 
HETATM 743 C  C15 . 53A D 3 .  ? 1.951   -5.746  -15.555 0.50 67.53 ? 94  53A X C15 1 
HETATM 744 C  C19 . 53A D 3 .  ? 1.198   -5.534  -16.850 0.50 67.53 ? 94  53A X C19 1 
HETATM 745 S  S1  . 53A D 3 .  ? -0.768  -8.765  -13.444 0.50 63.76 ? 94  53A X S1  1 
HETATM 746 N  N2  . 53A D 3 .  ? 1.599   -9.772  -14.007 0.50 62.61 ? 94  53A X N2  1 
HETATM 747 C  C11 . 53A D 3 .  ? -1.185  -11.807 -12.557 0.50 62.53 ? 94  53A X C11 1 
HETATM 748 C  C16 . 53A D 3 .  ? -1.391  -13.136 -12.164 0.50 62.68 ? 94  53A X C16 1 
HETATM 749 C  C17 . 53A D 3 .  ? -0.377  -14.092 -12.278 0.50 62.77 ? 94  53A X C17 1 
HETATM 750 C  C12 . 53A D 3 .  ? 0.884   -13.759 -12.786 0.50 62.98 ? 94  53A X C12 1 
HETATM 751 C  C3  . 53A D 3 .  ? 3.927   -10.706 -14.557 0.50 62.71 ? 94  53A X C3  1 
HETATM 752 C  C1  . 53A D 3 .  ? 2.528   -10.759 -14.079 0.50 62.81 ? 94  53A X C1  1 
HETATM 753 C  C8  . 53A D 3 .  ? 4.427   -9.395  -15.049 0.50 62.71 ? 94  53A X C8  1 
HETATM 754 O  O1  . 53A D 3 .  ? 3.690   -8.673  -15.687 0.50 62.53 ? 94  53A X O1  1 
HETATM 755 O  O4  . 53A D 3 .  ? 5.803   -8.975  -14.789 0.50 63.59 ? 94  53A X O4  1 
HETATM 756 C  C14 . 53A D 3 .  ? 6.287   -7.670  -15.148 0.50 63.09 ? 94  53A X C14 1 
HETATM 757 C  C18 . 53A D 3 .  ? 5.356   -6.561  -14.691 0.50 62.28 ? 94  53A X C18 1 
HETATM 758 O  O   . HOH E 4 .  ? 4.627   -5.976  -7.280  1.00 41.12 ? 95  HOH X O   1 
HETATM 759 O  O   . HOH E 4 .  ? -8.509  2.901   -9.446  1.00 47.36 ? 96  HOH X O   1 
HETATM 760 O  O   . HOH E 4 .  ? -3.425  7.640   -0.647  1.00 39.04 ? 97  HOH X O   1 
HETATM 761 O  O   . HOH E 4 .  ? 7.541   -0.653  -11.778 1.00 44.16 ? 98  HOH X O   1 
HETATM 762 O  O   . HOH E 4 .  ? -15.660 -5.022  -19.104 1.00 56.08 ? 99  HOH X O   1 
HETATM 763 O  O   . HOH E 4 .  ? -3.316  -1.798  14.720  1.00 77.50 ? 100 HOH X O   1 
HETATM 764 O  O   . HOH E 4 .  ? 2.120   -1.602  -11.989 1.00 52.85 ? 101 HOH X O   1 
HETATM 765 O  O   . HOH E 4 .  ? 2.170   -10.915 -4.123  1.00 44.22 ? 102 HOH X O   1 
HETATM 766 O  O   . HOH E 4 .  ? -10.398 4.531   -5.350  1.00 40.40 ? 103 HOH X O   1 
HETATM 767 O  O   . HOH E 4 .  ? -4.194  7.706   9.303   1.00 50.45 ? 104 HOH X O   1 
HETATM 768 O  O   . HOH E 4 .  ? -5.289  9.587   -0.128  1.00 42.84 ? 105 HOH X O   1 
HETATM 769 O  O   . HOH E 4 .  ? 11.501  -2.555  3.997   1.00 59.91 ? 106 HOH X O   1 
HETATM 770 O  O   . HOH E 4 .  ? 12.713  5.072   2.391   1.00 42.20 ? 107 HOH X O   1 
HETATM 771 O  O   . HOH E 4 .  ? -0.394  -9.813  2.295   1.00 39.32 ? 108 HOH X O   1 
HETATM 772 O  O   . HOH E 4 .  ? 8.128   10.833  -3.121  1.00 46.71 ? 109 HOH X O   1 
HETATM 773 O  O   . HOH E 4 .  ? 10.299  -0.030  -11.439 1.00 41.17 ? 110 HOH X O   1 
HETATM 774 O  O   . HOH E 4 .  ? 11.659  -5.898  -3.449  1.00 50.61 ? 111 HOH X O   1 
HETATM 775 O  O   . HOH E 4 .  ? 6.699   -7.750  -7.371  1.00 39.51 ? 112 HOH X O   1 
HETATM 776 O  O   . HOH E 4 .  ? 0.867   10.686  6.050   1.00 41.66 ? 113 HOH X O   1 
HETATM 777 O  O   . HOH E 4 .  ? 3.910   -0.686  -9.655  1.00 53.18 ? 114 HOH X O   1 
HETATM 778 O  O   . HOH E 4 .  ? 9.640   7.881   2.715   1.00 56.81 ? 115 HOH X O   1 
HETATM 779 O  O   . HOH E 4 .  ? 6.703   -4.311  11.748  1.00 51.98 ? 116 HOH X O   1 
HETATM 780 O  O   . HOH E 4 .  ? 8.338   5.204   8.223   1.00 44.94 ? 117 HOH X O   1 
HETATM 781 O  O   . HOH E 4 .  ? -8.567  -1.668  -15.072 1.00 56.41 ? 118 HOH X O   1 
HETATM 782 O  O   . HOH E 4 .  ? 12.054  -0.449  -14.034 1.00 65.96 ? 119 HOH X O   1 
HETATM 783 O  O   . HOH E 4 .  ? 2.933   -12.629 0.827   1.00 49.47 ? 120 HOH X O   1 
HETATM 784 O  O   . HOH E 4 .  ? 13.491  2.767   -1.910  1.00 54.38 ? 121 HOH X O   1 
HETATM 785 O  O   . HOH E 4 .  ? 5.685   -11.701 2.150   1.00 46.95 ? 122 HOH X O   1 
HETATM 786 O  O   . HOH E 4 .  ? -4.768  -10.876 -12.237 1.00 68.21 ? 123 HOH X O   1 
HETATM 787 O  O   . HOH E 4 .  ? 10.882  -3.528  13.979  0.50 51.70 ? 124 HOH X O   1 
HETATM 788 O  O   . HOH E 4 .  ? -7.351  10.755  5.468   1.00 61.96 ? 125 HOH X O   1 
HETATM 789 O  O   . HOH E 4 .  ? 9.512   5.714   -14.323 1.00 53.54 ? 126 HOH X O   1 
HETATM 790 O  O   . HOH E 4 .  ? 15.306  5.330   -10.682 1.00 55.40 ? 127 HOH X O   1 
HETATM 791 O  O   . HOH E 4 .  ? -2.771  5.047   12.445  1.00 49.62 ? 128 HOH X O   1 
HETATM 792 O  O   . HOH E 4 .  ? 0.251   -13.670 12.048  1.00 58.09 ? 129 HOH X O   1 
HETATM 793 O  O   . HOH E 4 .  ? 4.157   -15.593 1.320   1.00 67.06 ? 130 HOH X O   1 
HETATM 794 O  O   . HOH E 4 .  ? -15.536 0.062   -16.161 1.00 67.21 ? 131 HOH X O   1 
HETATM 795 O  O   . HOH E 4 .  ? 2.244   -9.137  -11.436 1.00 70.06 ? 132 HOH X O   1 
HETATM 796 O  O   . HOH E 4 .  ? 6.347   -7.302  -11.822 1.00 52.15 ? 133 HOH X O   1 
HETATM 797 O  O   . HOH E 4 .  ? -4.513  -15.337 -13.377 1.00 66.79 ? 134 HOH X O   1 
# 
loop_
_pdbx_poly_seq_scheme.asym_id 
_pdbx_poly_seq_scheme.entity_id 
_pdbx_poly_seq_scheme.seq_id 
_pdbx_poly_seq_scheme.mon_id 
_pdbx_poly_seq_scheme.ndb_seq_num 
_pdbx_poly_seq_scheme.pdb_seq_num 
_pdbx_poly_seq_scheme.auth_seq_num 
_pdbx_poly_seq_scheme.pdb_mon_id 
_pdbx_poly_seq_scheme.auth_mon_id 
_pdbx_poly_seq_scheme.pdb_strand_id 
_pdbx_poly_seq_scheme.pdb_ins_code 
_pdbx_poly_seq_scheme.hetero 
A 1 1  MET 1  0  0  MET MET X . n 
A 1 2  SER 2  1  1  SER SER X . n 
A 1 3  GLU 3  2  2  GLU GLU X . n 
A 1 4  LEU 4  3  3  LEU LEU X . n 
A 1 5  GLU 5  4  4  GLU GLU X . n 
A 1 6  LYS 6  5  5  LYS LYS X . n 
A 1 7  ALA 7  6  6  ALA ALA X . n 
A 1 8  VAL 8  7  7  VAL VAL X . n 
A 1 9  VAL 9  8  8  VAL VAL X . n 
A 1 10 ALA 10 9  9  ALA ALA X . n 
A 1 11 LEU 11 10 10 LEU LEU X . n 
A 1 12 ILE 12 11 11 ILE ILE X . n 
A 1 13 ASP 13 12 12 ASP ASP X . n 
A 1 14 VAL 14 13 13 VAL VAL X . n 
A 1 15 PHE 15 14 14 PHE PHE X . n 
A 1 16 HIS 16 15 15 HIS HIS X . n 
A 1 17 GLN 17 16 16 GLN GLN X . n 
A 1 18 TYR 18 17 17 TYR TYR X . n 
A 1 19 SER 19 18 18 SER SER X . n 
A 1 20 GLY 20 19 19 GLY GLY X . n 
A 1 21 ARG 21 20 20 ARG ARG X . n 
A 1 22 GLU 22 21 21 GLU GLU X . n 
A 1 23 GLY 23 22 22 GLY GLY X . n 
A 1 24 ASP 24 23 23 ASP ASP X . n 
A 1 25 LYS 25 24 24 LYS LYS X . n 
A 1 26 HIS 26 25 25 HIS HIS X . n 
A 1 27 LYS 27 26 26 LYS LYS X . n 
A 1 28 LEU 28 27 27 LEU LEU X . n 
A 1 29 LYS 29 28 28 LYS LYS X . n 
A 1 30 LYS 30 29 29 LYS LYS X . n 
A 1 31 SER 31 30 30 SER SER X . n 
A 1 32 GLU 32 31 31 GLU GLU X . n 
A 1 33 LEU 33 32 32 LEU LEU X . n 
A 1 34 LYS 34 33 33 LYS LYS X . n 
A 1 35 GLU 35 34 34 GLU GLU X . n 
A 1 36 LEU 36 35 35 LEU LEU X . n 
A 1 37 ILE 37 36 36 ILE ILE X . n 
A 1 38 ASN 38 37 37 ASN ASN X . n 
A 1 39 ASN 39 38 38 ASN ASN X . n 
A 1 40 GLU 40 39 39 GLU GLU X . n 
A 1 41 LEU 41 40 40 LEU LEU X . n 
A 1 42 SER 42 41 41 SER SER X . n 
A 1 43 HIS 43 42 42 HIS HIS X . n 
A 1 44 PHE 44 43 43 PHE PHE X . n 
A 1 45 LEU 45 44 44 LEU LEU X . n 
A 1 46 GLU 46 45 45 GLU GLU X . n 
A 1 47 GLU 47 46 46 GLU GLU X . n 
A 1 48 ILE 48 47 47 ILE ILE X . n 
A 1 49 LYS 49 48 48 LYS LYS X . n 
A 1 50 GLU 50 49 49 GLU GLU X . n 
A 1 51 GLN 51 50 50 GLN GLN X . n 
A 1 52 GLU 52 51 51 GLU GLU X . n 
A 1 53 VAL 53 52 52 VAL VAL X . n 
A 1 54 VAL 54 53 53 VAL VAL X . n 
A 1 55 ASP 55 54 54 ASP ASP X . n 
A 1 56 LYS 56 55 55 LYS LYS X . n 
A 1 57 VAL 57 56 56 VAL VAL X . n 
A 1 58 MET 58 57 57 MET MET X . n 
A 1 59 GLU 59 58 58 GLU GLU X . n 
A 1 60 THR 60 59 59 THR THR X . n 
A 1 61 LEU 61 60 60 LEU LEU X . n 
A 1 62 ASP 62 61 61 ASP ASP X . n 
A 1 63 SER 63 62 62 SER SER X . n 
A 1 64 ASP 64 63 63 ASP ASP X . n 
A 1 65 GLY 65 64 64 GLY GLY X . n 
A 1 66 ASP 66 65 65 ASP ASP X . n 
A 1 67 GLY 67 66 66 GLY GLY X . n 
A 1 68 GLU 68 67 67 GLU GLU X . n 
A 1 69 CYS 69 68 68 CYS CYS X . n 
A 1 70 ASP 70 69 69 ASP ASP X . n 
A 1 71 PHE 71 70 70 PHE PHE X . n 
A 1 72 GLN 72 71 71 GLN GLN X . n 
A 1 73 GLU 73 72 72 GLU GLU X . n 
A 1 74 PHE 74 73 73 PHE PHE X . n 
A 1 75 MET 75 74 74 MET MET X . n 
A 1 76 ALA 76 75 75 ALA ALA X . n 
A 1 77 PHE 77 76 76 PHE PHE X . n 
A 1 78 VAL 78 77 77 VAL VAL X . n 
A 1 79 ALA 79 78 78 ALA ALA X . n 
A 1 80 MET 80 79 79 MET MET X . n 
A 1 81 ILE 81 80 80 ILE ILE X . n 
A 1 82 THR 82 81 81 THR THR X . n 
A 1 83 THR 83 82 82 THR THR X . n 
A 1 84 ALA 84 83 83 ALA ALA X . n 
A 1 85 CYS 85 84 84 CYS CYS X . n 
A 1 86 HIS 86 85 85 HIS HIS X . n 
A 1 87 GLU 87 86 86 GLU GLU X . n 
A 1 88 PHE 88 87 87 PHE PHE X . n 
A 1 89 PHE 89 88 88 PHE PHE X . n 
A 1 90 GLU 90 89 89 GLU GLU X . n 
A 1 91 HIS 91 90 ?  ?   ?   X . n 
A 1 92 GLU 92 91 ?  ?   ?   X . n 
# 
loop_
_pdbx_nonpoly_scheme.asym_id 
_pdbx_nonpoly_scheme.entity_id 
_pdbx_nonpoly_scheme.mon_id 
_pdbx_nonpoly_scheme.ndb_seq_num 
_pdbx_nonpoly_scheme.pdb_seq_num 
_pdbx_nonpoly_scheme.auth_seq_num 
_pdbx_nonpoly_scheme.pdb_mon_id 
_pdbx_nonpoly_scheme.auth_mon_id 
_pdbx_nonpoly_scheme.pdb_strand_id 
_pdbx_nonpoly_scheme.pdb_ins_code 
B 2 CA  1  92  90 CA  CA  X . 
C 2 CA  1  93  91 CA  CA  X . 
D 3 53A 1  94  1  53A 53A X . 
E 4 HOH 1  95  1  HOH HOH X . 
E 4 HOH 2  96  2  HOH HOH X . 
E 4 HOH 3  97  3  HOH HOH X . 
E 4 HOH 4  98  4  HOH HOH X . 
E 4 HOH 5  99  5  HOH HOH X . 
E 4 HOH 6  100 6  HOH HOH X . 
E 4 HOH 7  101 7  HOH HOH X . 
E 4 HOH 8  102 8  HOH HOH X . 
E 4 HOH 9  103 9  HOH HOH X . 
E 4 HOH 10 104 10 HOH HOH X . 
E 4 HOH 11 105 11 HOH HOH X . 
E 4 HOH 12 106 12 HOH HOH X . 
E 4 HOH 13 107 13 HOH HOH X . 
E 4 HOH 14 108 14 HOH HOH X . 
E 4 HOH 15 109 15 HOH HOH X . 
E 4 HOH 16 110 16 HOH HOH X . 
E 4 HOH 17 111 17 HOH HOH X . 
E 4 HOH 18 112 19 HOH HOH X . 
E 4 HOH 19 113 21 HOH HOH X . 
E 4 HOH 20 114 22 HOH HOH X . 
E 4 HOH 21 115 23 HOH HOH X . 
E 4 HOH 22 116 24 HOH HOH X . 
E 4 HOH 23 117 25 HOH HOH X . 
E 4 HOH 24 118 26 HOH HOH X . 
E 4 HOH 25 119 27 HOH HOH X . 
E 4 HOH 26 120 28 HOH HOH X . 
E 4 HOH 27 121 29 HOH HOH X . 
E 4 HOH 28 122 30 HOH HOH X . 
E 4 HOH 29 123 31 HOH HOH X . 
E 4 HOH 30 124 32 HOH HOH X . 
E 4 HOH 31 125 33 HOH HOH X . 
E 4 HOH 32 126 34 HOH HOH X . 
E 4 HOH 33 127 35 HOH HOH X . 
E 4 HOH 34 128 36 HOH HOH X . 
E 4 HOH 35 129 37 HOH HOH X . 
E 4 HOH 36 130 38 HOH HOH X . 
E 4 HOH 37 131 39 HOH HOH X . 
E 4 HOH 38 132 40 HOH HOH X . 
E 4 HOH 39 133 41 HOH HOH X . 
E 4 HOH 40 134 42 HOH HOH X . 
# 
_pdbx_struct_assembly.id                   1 
_pdbx_struct_assembly.details              author_defined_assembly 
_pdbx_struct_assembly.method_details       ? 
_pdbx_struct_assembly.oligomeric_details   dimeric 
_pdbx_struct_assembly.oligomeric_count     2 
# 
_pdbx_struct_assembly_gen.assembly_id       1 
_pdbx_struct_assembly_gen.oper_expression   1,2 
_pdbx_struct_assembly_gen.asym_id_list      A,B,C,D,E 
# 
loop_
_pdbx_struct_oper_list.id 
_pdbx_struct_oper_list.type 
_pdbx_struct_oper_list.name 
_pdbx_struct_oper_list.symmetry_operation 
_pdbx_struct_oper_list.matrix[1][1] 
_pdbx_struct_oper_list.matrix[1][2] 
_pdbx_struct_oper_list.matrix[1][3] 
_pdbx_struct_oper_list.vector[1] 
_pdbx_struct_oper_list.matrix[2][1] 
_pdbx_struct_oper_list.matrix[2][2] 
_pdbx_struct_oper_list.matrix[2][3] 
_pdbx_struct_oper_list.vector[2] 
_pdbx_struct_oper_list.matrix[3][1] 
_pdbx_struct_oper_list.matrix[3][2] 
_pdbx_struct_oper_list.matrix[3][3] 
_pdbx_struct_oper_list.vector[3] 
1 'identity operation'         1_555 x,y,z   1.0000000000  0.0000000000  0.0000000000 0.0000000000   0.0000000000  1.0000000000 0.0000000000  0.0000000000  0.0000000000 0.0000000000  1.0000000000  0.0000000000 
2 'crystal symmetry operation' 4_555 x,-y,-z -0.9622910229 -0.2696919031 0.0355283632 -20.8647244802 -0.2696919031 0.9288171744 -0.2540963086 -2.5161951161 0.0355283632 -0.2540963086 -0.9665261514 3.0451717410 
# 
loop_
_pdbx_struct_conn_angle.id 
_pdbx_struct_conn_angle.ptnr1_label_atom_id 
_pdbx_struct_conn_angle.ptnr1_label_alt_id 
_pdbx_struct_conn_angle.ptnr1_label_asym_id 
_pdbx_struct_conn_angle.ptnr1_label_comp_id 
_pdbx_struct_conn_angle.ptnr1_label_seq_id 
_pdbx_struct_conn_angle.ptnr1_auth_atom_id 
_pdbx_struct_conn_angle.ptnr1_auth_asym_id 
_pdbx_struct_conn_angle.ptnr1_auth_comp_id 
_pdbx_struct_conn_angle.ptnr1_auth_seq_id 
_pdbx_struct_conn_angle.ptnr1_PDB_ins_code 
_pdbx_struct_conn_angle.ptnr1_symmetry 
_pdbx_struct_conn_angle.ptnr2_label_atom_id 
_pdbx_struct_conn_angle.ptnr2_label_alt_id 
_pdbx_struct_conn_angle.ptnr2_label_asym_id 
_pdbx_struct_conn_angle.ptnr2_label_comp_id 
_pdbx_struct_conn_angle.ptnr2_label_seq_id 
_pdbx_struct_conn_angle.ptnr2_auth_atom_id 
_pdbx_struct_conn_angle.ptnr2_auth_asym_id 
_pdbx_struct_conn_angle.ptnr2_auth_comp_id 
_pdbx_struct_conn_angle.ptnr2_auth_seq_id 
_pdbx_struct_conn_angle.ptnr2_PDB_ins_code 
_pdbx_struct_conn_angle.ptnr2_symmetry 
_pdbx_struct_conn_angle.ptnr3_label_atom_id 
_pdbx_struct_conn_angle.ptnr3_label_alt_id 
_pdbx_struct_conn_angle.ptnr3_label_asym_id 
_pdbx_struct_conn_angle.ptnr3_label_comp_id 
_pdbx_struct_conn_angle.ptnr3_label_seq_id 
_pdbx_struct_conn_angle.ptnr3_auth_atom_id 
_pdbx_struct_conn_angle.ptnr3_auth_asym_id 
_pdbx_struct_conn_angle.ptnr3_auth_comp_id 
_pdbx_struct_conn_angle.ptnr3_auth_seq_id 
_pdbx_struct_conn_angle.ptnr3_PDB_ins_code 
_pdbx_struct_conn_angle.ptnr3_symmetry 
_pdbx_struct_conn_angle.value 
_pdbx_struct_conn_angle.value_esd 
1  O   ? A SER 19 ? X SER 18 ? 1_555 CA ? B CA . ? X CA 92 ? 1_555 O   ? A GLU 22 ? X GLU 21  ? 1_555 102.9 ? 
2  O   ? A SER 19 ? X SER 18 ? 1_555 CA ? B CA . ? X CA 92 ? 1_555 O   ? A ASP 24 ? X ASP 23  ? 1_555 85.4  ? 
3  O   ? A GLU 22 ? X GLU 21 ? 1_555 CA ? B CA . ? X CA 92 ? 1_555 O   ? A ASP 24 ? X ASP 23  ? 1_555 84.6  ? 
4  O   ? A SER 19 ? X SER 18 ? 1_555 CA ? B CA . ? X CA 92 ? 1_555 O   ? A LYS 27 ? X LYS 26  ? 1_555 88.6  ? 
5  O   ? A GLU 22 ? X GLU 21 ? 1_555 CA ? B CA . ? X CA 92 ? 1_555 O   ? A LYS 27 ? X LYS 26  ? 1_555 157.5 ? 
6  O   ? A ASP 24 ? X ASP 23 ? 1_555 CA ? B CA . ? X CA 92 ? 1_555 O   ? A LYS 27 ? X LYS 26  ? 1_555 77.0  ? 
7  O   ? A SER 19 ? X SER 18 ? 1_555 CA ? B CA . ? X CA 92 ? 1_555 OE1 ? A GLU 32 ? X GLU 31  ? 1_555 97.2  ? 
8  O   ? A GLU 22 ? X GLU 21 ? 1_555 CA ? B CA . ? X CA 92 ? 1_555 OE1 ? A GLU 32 ? X GLU 31  ? 1_555 118.3 ? 
9  O   ? A ASP 24 ? X ASP 23 ? 1_555 CA ? B CA . ? X CA 92 ? 1_555 OE1 ? A GLU 32 ? X GLU 31  ? 1_555 155.3 ? 
10 O   ? A LYS 27 ? X LYS 26 ? 1_555 CA ? B CA . ? X CA 92 ? 1_555 OE1 ? A GLU 32 ? X GLU 31  ? 1_555 78.5  ? 
11 O   ? A SER 19 ? X SER 18 ? 1_555 CA ? B CA . ? X CA 92 ? 1_555 OE2 ? A GLU 32 ? X GLU 31  ? 1_555 78.9  ? 
12 O   ? A GLU 22 ? X GLU 21 ? 1_555 CA ? B CA . ? X CA 92 ? 1_555 OE2 ? A GLU 32 ? X GLU 31  ? 1_555 77.1  ? 
13 O   ? A ASP 24 ? X ASP 23 ? 1_555 CA ? B CA . ? X CA 92 ? 1_555 OE2 ? A GLU 32 ? X GLU 31  ? 1_555 152.5 ? 
14 O   ? A LYS 27 ? X LYS 26 ? 1_555 CA ? B CA . ? X CA 92 ? 1_555 OE2 ? A GLU 32 ? X GLU 31  ? 1_555 124.5 ? 
15 OE1 ? A GLU 32 ? X GLU 31 ? 1_555 CA ? B CA . ? X CA 92 ? 1_555 OE2 ? A GLU 32 ? X GLU 31  ? 1_555 50.6  ? 
16 O   ? A SER 19 ? X SER 18 ? 1_555 CA ? B CA . ? X CA 92 ? 1_555 O   ? E HOH .  ? X HOH 117 ? 1_555 167.4 ? 
17 O   ? A GLU 22 ? X GLU 21 ? 1_555 CA ? B CA . ? X CA 92 ? 1_555 O   ? E HOH .  ? X HOH 117 ? 1_555 81.8  ? 
18 O   ? A ASP 24 ? X ASP 23 ? 1_555 CA ? B CA . ? X CA 92 ? 1_555 O   ? E HOH .  ? X HOH 117 ? 1_555 83.4  ? 
19 O   ? A LYS 27 ? X LYS 26 ? 1_555 CA ? B CA . ? X CA 92 ? 1_555 O   ? E HOH .  ? X HOH 117 ? 1_555 83.3  ? 
20 OE1 ? A GLU 32 ? X GLU 31 ? 1_555 CA ? B CA . ? X CA 92 ? 1_555 O   ? E HOH .  ? X HOH 117 ? 1_555 90.7  ? 
21 OE2 ? A GLU 32 ? X GLU 31 ? 1_555 CA ? B CA . ? X CA 92 ? 1_555 O   ? E HOH .  ? X HOH 117 ? 1_555 113.7 ? 
22 OD1 ? A ASP 62 ? X ASP 61 ? 1_555 CA ? C CA . ? X CA 93 ? 1_555 OD1 ? A ASP 64 ? X ASP 63  ? 1_555 88.6  ? 
23 OD1 ? A ASP 62 ? X ASP 61 ? 1_555 CA ? C CA . ? X CA 93 ? 1_555 OD1 ? A ASP 66 ? X ASP 65  ? 1_555 84.8  ? 
24 OD1 ? A ASP 64 ? X ASP 63 ? 1_555 CA ? C CA . ? X CA 93 ? 1_555 OD1 ? A ASP 66 ? X ASP 65  ? 1_555 77.0  ? 
25 OD1 ? A ASP 62 ? X ASP 61 ? 1_555 CA ? C CA . ? X CA 93 ? 1_555 O   ? A GLU 68 ? X GLU 67  ? 1_555 81.4  ? 
26 OD1 ? A ASP 64 ? X ASP 63 ? 1_555 CA ? C CA . ? X CA 93 ? 1_555 O   ? A GLU 68 ? X GLU 67  ? 1_555 158.1 ? 
27 OD1 ? A ASP 66 ? X ASP 65 ? 1_555 CA ? C CA . ? X CA 93 ? 1_555 O   ? A GLU 68 ? X GLU 67  ? 1_555 82.8  ? 
28 OD1 ? A ASP 62 ? X ASP 61 ? 1_555 CA ? C CA . ? X CA 93 ? 1_555 OE1 ? A GLU 73 ? X GLU 72  ? 1_555 115.1 ? 
29 OD1 ? A ASP 64 ? X ASP 63 ? 1_555 CA ? C CA . ? X CA 93 ? 1_555 OE1 ? A GLU 73 ? X GLU 72  ? 1_555 122.9 ? 
30 OD1 ? A ASP 66 ? X ASP 65 ? 1_555 CA ? C CA . ? X CA 93 ? 1_555 OE1 ? A GLU 73 ? X GLU 72  ? 1_555 150.2 ? 
31 O   ? A GLU 68 ? X GLU 67 ? 1_555 CA ? C CA . ? X CA 93 ? 1_555 OE1 ? A GLU 73 ? X GLU 72  ? 1_555 78.9  ? 
32 OD1 ? A ASP 62 ? X ASP 61 ? 1_555 CA ? C CA . ? X CA 93 ? 1_555 OE2 ? A GLU 73 ? X GLU 72  ? 1_555 90.7  ? 
33 OD1 ? A ASP 64 ? X ASP 63 ? 1_555 CA ? C CA . ? X CA 93 ? 1_555 OE2 ? A GLU 73 ? X GLU 72  ? 1_555 80.6  ? 
34 OD1 ? A ASP 66 ? X ASP 65 ? 1_555 CA ? C CA . ? X CA 93 ? 1_555 OE2 ? A GLU 73 ? X GLU 72  ? 1_555 157.2 ? 
35 O   ? A GLU 68 ? X GLU 67 ? 1_555 CA ? C CA . ? X CA 93 ? 1_555 OE2 ? A GLU 73 ? X GLU 72  ? 1_555 118.7 ? 
36 OE1 ? A GLU 73 ? X GLU 72 ? 1_555 CA ? C CA . ? X CA 93 ? 1_555 OE2 ? A GLU 73 ? X GLU 72  ? 1_555 50.2  ? 
37 OD1 ? A ASP 62 ? X ASP 61 ? 1_555 CA ? C CA . ? X CA 93 ? 1_555 O   ? E HOH .  ? X HOH 113 ? 1_555 166.5 ? 
38 OD1 ? A ASP 64 ? X ASP 63 ? 1_555 CA ? C CA . ? X CA 93 ? 1_555 O   ? E HOH .  ? X HOH 113 ? 1_555 85.7  ? 
39 OD1 ? A ASP 66 ? X ASP 65 ? 1_555 CA ? C CA . ? X CA 93 ? 1_555 O   ? E HOH .  ? X HOH 113 ? 1_555 82.0  ? 
40 O   ? A GLU 68 ? X GLU 67 ? 1_555 CA ? C CA . ? X CA 93 ? 1_555 O   ? E HOH .  ? X HOH 113 ? 1_555 99.6  ? 
41 OE1 ? A GLU 73 ? X GLU 72 ? 1_555 CA ? C CA . ? X CA 93 ? 1_555 O   ? E HOH .  ? X HOH 113 ? 1_555 78.2  ? 
42 OE2 ? A GLU 73 ? X GLU 72 ? 1_555 CA ? C CA . ? X CA 93 ? 1_555 O   ? E HOH .  ? X HOH 113 ? 1_555 100.4 ? 
# 
loop_
_pdbx_audit_revision_history.ordinal 
_pdbx_audit_revision_history.data_content_type 
_pdbx_audit_revision_history.major_revision 
_pdbx_audit_revision_history.minor_revision 
_pdbx_audit_revision_history.revision_date 
1 'Structure model' 1 0 2009-06-09 
2 'Structure model' 1 1 2011-07-13 
3 'Structure model' 1 2 2017-11-01 
4 'Structure model' 1 3 2023-09-06 
# 
_pdbx_audit_revision_details.ordinal             1 
_pdbx_audit_revision_details.revision_ordinal    1 
_pdbx_audit_revision_details.data_content_type   'Structure model' 
_pdbx_audit_revision_details.provider            repository 
_pdbx_audit_revision_details.type                'Initial release' 
_pdbx_audit_revision_details.description         ? 
_pdbx_audit_revision_details.details             ? 
# 
loop_
_pdbx_audit_revision_group.ordinal 
_pdbx_audit_revision_group.revision_ordinal 
_pdbx_audit_revision_group.data_content_type 
_pdbx_audit_revision_group.group 
1 2 'Structure model' Advisory                    
2 2 'Structure model' 'Version format compliance' 
3 3 'Structure model' 'Refinement description'    
4 4 'Structure model' 'Data collection'           
5 4 'Structure model' 'Database references'       
6 4 'Structure model' 'Derived calculations'      
7 4 'Structure model' 'Refinement description'    
# 
loop_
_pdbx_audit_revision_category.ordinal 
_pdbx_audit_revision_category.revision_ordinal 
_pdbx_audit_revision_category.data_content_type 
_pdbx_audit_revision_category.category 
1 3 'Structure model' software                      
2 4 'Structure model' chem_comp_atom                
3 4 'Structure model' chem_comp_bond                
4 4 'Structure model' database_2                    
5 4 'Structure model' pdbx_initial_refinement_model 
6 4 'Structure model' struct_site                   
# 
loop_
_pdbx_audit_revision_item.ordinal 
_pdbx_audit_revision_item.revision_ordinal 
_pdbx_audit_revision_item.data_content_type 
_pdbx_audit_revision_item.item 
1 4 'Structure model' '_database_2.pdbx_DOI'                
2 4 'Structure model' '_database_2.pdbx_database_accession' 
3 4 'Structure model' '_struct_site.pdbx_auth_asym_id'      
4 4 'Structure model' '_struct_site.pdbx_auth_comp_id'      
5 4 'Structure model' '_struct_site.pdbx_auth_seq_id'       
# 
loop_
_pdbx_refine_tls.id 
_pdbx_refine_tls.details 
_pdbx_refine_tls.method 
_pdbx_refine_tls.origin_x 
_pdbx_refine_tls.origin_y 
_pdbx_refine_tls.origin_z 
_pdbx_refine_tls.T[1][1] 
_pdbx_refine_tls.T[2][2] 
_pdbx_refine_tls.T[3][3] 
_pdbx_refine_tls.T[1][2] 
_pdbx_refine_tls.T[1][3] 
_pdbx_refine_tls.T[2][3] 
_pdbx_refine_tls.L[1][1] 
_pdbx_refine_tls.L[2][2] 
_pdbx_refine_tls.L[3][3] 
_pdbx_refine_tls.L[1][2] 
_pdbx_refine_tls.L[1][3] 
_pdbx_refine_tls.L[2][3] 
_pdbx_refine_tls.S[1][1] 
_pdbx_refine_tls.S[2][2] 
_pdbx_refine_tls.S[3][3] 
_pdbx_refine_tls.S[1][2] 
_pdbx_refine_tls.S[1][3] 
_pdbx_refine_tls.S[2][3] 
_pdbx_refine_tls.S[2][1] 
_pdbx_refine_tls.S[3][1] 
_pdbx_refine_tls.S[3][2] 
_pdbx_refine_tls.pdbx_refine_id 
1 ? refined -14.1290 -11.9492 6.0792   -0.0774 -0.1507 -0.0446 0.0639  0.0165  0.0525  36.7266 23.2421 7.7822  -1.0364 7.3988  -3.8119 0.3828  -0.1103 -0.2725 -0.2438 -2.1544 0.2014  -1.0607 0.8439  -0.1634 'X-RAY DIFFRACTION' 
2 ? refined -3.2904  -5.1123  8.0555   -0.1438 0.0608  -0.2134 0.0510  -0.0115 -0.0331 52.9396 8.3384  1.3210  16.8003 -6.9425 -3.3142 0.2691  -0.3159 0.0467  -1.2118 -0.4284 -0.2210 0.3427  0.1568  0.3678  'X-RAY DIFFRACTION' 
3 ? refined 6.6374   -0.4480  4.1256   -0.1847 -0.0607 -0.1493 -0.0171 -0.0193 -0.0329 6.7576  7.1172  6.4573  -0.3423 -0.1213 0.5864  0.0810  -0.0716 -0.0093 -0.5904 0.1675  -0.4991 0.4251  -0.1624 0.6783  'X-RAY DIFFRACTION' 
4 ? refined 5.3311   3.0632   -6.7096  -0.1577 -0.0650 -0.1329 -0.0276 -0.0258 0.0270  5.9994  9.4580  4.6583  1.9333  -1.5017 1.1530  -0.1685 0.2789  -0.1104 0.5447  0.4729  0.0417  -0.4222 -0.1642 0.3252  'X-RAY DIFFRACTION' 
5 ? refined -2.2523  5.4745   3.0000   -0.1643 -0.1654 -0.0337 0.0128  0.0502  -0.0520 15.8386 7.8868  9.8167  8.0797  6.0686  3.0629  0.3874  -0.1075 -0.2799 -0.7172 0.4393  0.1153  0.4402  -0.3241 -0.1580 'X-RAY DIFFRACTION' 
6 ? refined -10.3696 -3.0093  -10.7141 -0.0592 0.0152  -0.0045 0.0316  0.0211  0.0312  12.1282 10.5099 32.1904 -2.2378 9.1927  14.0586 0.4544  -0.1640 -0.2904 1.0262  -0.4633 0.3110  -0.6063 0.5770  -0.3075 'X-RAY DIFFRACTION' 
# 
loop_
_pdbx_refine_tls_group.id 
_pdbx_refine_tls_group.refine_tls_id 
_pdbx_refine_tls_group.beg_auth_asym_id 
_pdbx_refine_tls_group.end_auth_asym_id 
_pdbx_refine_tls_group.end_auth_seq_id 
_pdbx_refine_tls_group.selection 
_pdbx_refine_tls_group.beg_auth_seq_id 
_pdbx_refine_tls_group.beg_label_asym_id 
_pdbx_refine_tls_group.beg_label_seq_id 
_pdbx_refine_tls_group.end_label_asym_id 
_pdbx_refine_tls_group.end_label_seq_id 
_pdbx_refine_tls_group.pdbx_refine_id 
_pdbx_refine_tls_group.selection_details 
1 1 X X 5  ? 1  . . . . 'X-RAY DIFFRACTION' ? 
2 2 X X 16 ? 6  . . . . 'X-RAY DIFFRACTION' ? 
3 3 X X 40 ? 17 . . . . 'X-RAY DIFFRACTION' ? 
4 4 X X 63 ? 41 . . . . 'X-RAY DIFFRACTION' ? 
5 5 X X 78 ? 64 . . . . 'X-RAY DIFFRACTION' ? 
6 6 X X 88 ? 79 . . . . 'X-RAY DIFFRACTION' ? 
# 
_pdbx_phasing_MR.entry_id                     3GK4 
_pdbx_phasing_MR.method_rotation              ? 
_pdbx_phasing_MR.method_translation           ? 
_pdbx_phasing_MR.model_details                ? 
_pdbx_phasing_MR.R_factor                     ? 
_pdbx_phasing_MR.R_rigid_body                 ? 
_pdbx_phasing_MR.correlation_coeff_Fo_to_Fc   ? 
_pdbx_phasing_MR.correlation_coeff_Io_to_Ic   ? 
_pdbx_phasing_MR.d_res_high_rotation          2.240 
_pdbx_phasing_MR.d_res_low_rotation           32.160 
_pdbx_phasing_MR.d_res_high_translation       2.240 
_pdbx_phasing_MR.d_res_low_translation        32.160 
_pdbx_phasing_MR.packing                      ? 
_pdbx_phasing_MR.reflns_percent_rotation      ? 
_pdbx_phasing_MR.reflns_percent_translation   ? 
_pdbx_phasing_MR.sigma_F_rotation             ? 
_pdbx_phasing_MR.sigma_F_translation          ? 
_pdbx_phasing_MR.sigma_I_rotation             ? 
_pdbx_phasing_MR.sigma_I_translation          ? 
# 
_phasing.method   MR 
# 
loop_
_software.name 
_software.version 
_software.date 
_software.type 
_software.contact_author 
_software.contact_author_email 
_software.classification 
_software.location 
_software.language 
_software.citation_id 
_software.pdbx_ordinal 
DENZO       .     ?               package 'Zbyszek Otwinowski' hkl@hkl-xray.com       'data reduction'  http://www.hkl-xray.com/ ? 
? 1 
SCALEPACK   .     ?               package 'Zbyszek Otwinowski' hkl@hkl-xray.com       'data scaling'    http://www.hkl-xray.com/ ? 
? 2 
MOLREP      .     ?               program 'Alexei Vaguine'     alexei@ysbl.york.ac.uk phasing           
http://www.ccp4.ac.uk/dist/html/molrep.html  Fortran_77 ? 3 
REFMAC      .     ?               program 'Garib N. Murshudov' garib@ysbl.york.ac.uk  refinement        
http://www.ccp4.ac.uk/dist/html/refmac5.html Fortran_77 ? 4 
PDB_EXTRACT 3.006 'June 11, 2008' package PDB                  help@deposit.rcsb.org  'data extraction' 
http://sw-tools.pdb.org/apps/PDB_EXTRACT/    C++        ? 5 
HKL-2000    .     ?               ?       ?                    ?                      'data reduction'  ? ?          ? 6 
HKL-2000    .     ?               ?       ?                    ?                      'data scaling'    ? ?          ? 7 
# 
_pdbx_validate_close_contact.id               1 
_pdbx_validate_close_contact.PDB_model_num    1 
_pdbx_validate_close_contact.auth_atom_id_1   O 
_pdbx_validate_close_contact.auth_asym_id_1   X 
_pdbx_validate_close_contact.auth_comp_id_1   SER 
_pdbx_validate_close_contact.auth_seq_id_1    41 
_pdbx_validate_close_contact.PDB_ins_code_1   ? 
_pdbx_validate_close_contact.label_alt_id_1   ? 
_pdbx_validate_close_contact.auth_atom_id_2   O 
_pdbx_validate_close_contact.auth_asym_id_2   X 
_pdbx_validate_close_contact.auth_comp_id_2   HOH 
_pdbx_validate_close_contact.auth_seq_id_2    132 
_pdbx_validate_close_contact.PDB_ins_code_2   ? 
_pdbx_validate_close_contact.label_alt_id_2   ? 
_pdbx_validate_close_contact.dist             2.08 
# 
loop_
_pdbx_unobs_or_zero_occ_residues.id 
_pdbx_unobs_or_zero_occ_residues.PDB_model_num 
_pdbx_unobs_or_zero_occ_residues.polymer_flag 
_pdbx_unobs_or_zero_occ_residues.occupancy_flag 
_pdbx_unobs_or_zero_occ_residues.auth_asym_id 
_pdbx_unobs_or_zero_occ_residues.auth_comp_id 
_pdbx_unobs_or_zero_occ_residues.auth_seq_id 
_pdbx_unobs_or_zero_occ_residues.PDB_ins_code 
_pdbx_unobs_or_zero_occ_residues.label_asym_id 
_pdbx_unobs_or_zero_occ_residues.label_comp_id 
_pdbx_unobs_or_zero_occ_residues.label_seq_id 
1 1 Y 1 X HIS 90 ? A HIS 91 
2 1 Y 1 X GLU 91 ? A GLU 92 
# 
loop_
_chem_comp_atom.comp_id 
_chem_comp_atom.atom_id 
_chem_comp_atom.type_symbol 
_chem_comp_atom.pdbx_aromatic_flag 
_chem_comp_atom.pdbx_stereo_config 
_chem_comp_atom.pdbx_ordinal 
53A N1   N  N N 1   
53A N3   N  N N 2   
53A C4   C  N N 3   
53A C5   C  Y N 4   
53A C6   C  Y N 5   
53A O2   O  N N 6   
53A N4   N  N N 7   
53A O3   O  N N 8   
53A C10  C  N N 9   
53A C13  C  N N 10  
53A C7   C  N R 11  
53A C9   C  N N 12  
53A O5   O  N N 13  
53A C15  C  N N 14  
53A C19  C  N N 15  
53A S1   S  N N 16  
53A N2   N  N N 17  
53A C11  C  Y N 18  
53A C16  C  Y N 19  
53A C17  C  Y N 20  
53A C12  C  Y N 21  
53A C3   C  N N 22  
53A C1   C  N N 23  
53A C8   C  N N 24  
53A O1   O  N N 25  
53A O4   O  N N 26  
53A C14  C  N N 27  
53A C18  C  N N 28  
53A HN3  H  N N 29  
53A HN4  H  N N 30  
53A H13  H  N N 31  
53A H13A H  N N 32  
53A H13B H  N N 33  
53A H7   H  N N 34  
53A H15  H  N N 35  
53A H15A H  N N 36  
53A H19  H  N N 37  
53A H19A H  N N 38  
53A H19B H  N N 39  
53A H11  H  N N 40  
53A H16  H  N N 41  
53A H17  H  N N 42  
53A H12  H  N N 43  
53A H14  H  N N 44  
53A H14A H  N N 45  
53A H18  H  N N 46  
53A H18A H  N N 47  
53A H18B H  N N 48  
ALA N    N  N N 49  
ALA CA   C  N S 50  
ALA C    C  N N 51  
ALA O    O  N N 52  
ALA CB   C  N N 53  
ALA OXT  O  N N 54  
ALA H    H  N N 55  
ALA H2   H  N N 56  
ALA HA   H  N N 57  
ALA HB1  H  N N 58  
ALA HB2  H  N N 59  
ALA HB3  H  N N 60  
ALA HXT  H  N N 61  
ARG N    N  N N 62  
ARG CA   C  N S 63  
ARG C    C  N N 64  
ARG O    O  N N 65  
ARG CB   C  N N 66  
ARG CG   C  N N 67  
ARG CD   C  N N 68  
ARG NE   N  N N 69  
ARG CZ   C  N N 70  
ARG NH1  N  N N 71  
ARG NH2  N  N N 72  
ARG OXT  O  N N 73  
ARG H    H  N N 74  
ARG H2   H  N N 75  
ARG HA   H  N N 76  
ARG HB2  H  N N 77  
ARG HB3  H  N N 78  
ARG HG2  H  N N 79  
ARG HG3  H  N N 80  
ARG HD2  H  N N 81  
ARG HD3  H  N N 82  
ARG HE   H  N N 83  
ARG HH11 H  N N 84  
ARG HH12 H  N N 85  
ARG HH21 H  N N 86  
ARG HH22 H  N N 87  
ARG HXT  H  N N 88  
ASN N    N  N N 89  
ASN CA   C  N S 90  
ASN C    C  N N 91  
ASN O    O  N N 92  
ASN CB   C  N N 93  
ASN CG   C  N N 94  
ASN OD1  O  N N 95  
ASN ND2  N  N N 96  
ASN OXT  O  N N 97  
ASN H    H  N N 98  
ASN H2   H  N N 99  
ASN HA   H  N N 100 
ASN HB2  H  N N 101 
ASN HB3  H  N N 102 
ASN HD21 H  N N 103 
ASN HD22 H  N N 104 
ASN HXT  H  N N 105 
ASP N    N  N N 106 
ASP CA   C  N S 107 
ASP C    C  N N 108 
ASP O    O  N N 109 
ASP CB   C  N N 110 
ASP CG   C  N N 111 
ASP OD1  O  N N 112 
ASP OD2  O  N N 113 
ASP OXT  O  N N 114 
ASP H    H  N N 115 
ASP H2   H  N N 116 
ASP HA   H  N N 117 
ASP HB2  H  N N 118 
ASP HB3  H  N N 119 
ASP HD2  H  N N 120 
ASP HXT  H  N N 121 
CA  CA   CA N N 122 
CYS N    N  N N 123 
CYS CA   C  N R 124 
CYS C    C  N N 125 
CYS O    O  N N 126 
CYS CB   C  N N 127 
CYS SG   S  N N 128 
CYS OXT  O  N N 129 
CYS H    H  N N 130 
CYS H2   H  N N 131 
CYS HA   H  N N 132 
CYS HB2  H  N N 133 
CYS HB3  H  N N 134 
CYS HG   H  N N 135 
CYS HXT  H  N N 136 
GLN N    N  N N 137 
GLN CA   C  N S 138 
GLN C    C  N N 139 
GLN O    O  N N 140 
GLN CB   C  N N 141 
GLN CG   C  N N 142 
GLN CD   C  N N 143 
GLN OE1  O  N N 144 
GLN NE2  N  N N 145 
GLN OXT  O  N N 146 
GLN H    H  N N 147 
GLN H2   H  N N 148 
GLN HA   H  N N 149 
GLN HB2  H  N N 150 
GLN HB3  H  N N 151 
GLN HG2  H  N N 152 
GLN HG3  H  N N 153 
GLN HE21 H  N N 154 
GLN HE22 H  N N 155 
GLN HXT  H  N N 156 
GLU N    N  N N 157 
GLU CA   C  N S 158 
GLU C    C  N N 159 
GLU O    O  N N 160 
GLU CB   C  N N 161 
GLU CG   C  N N 162 
GLU CD   C  N N 163 
GLU OE1  O  N N 164 
GLU OE2  O  N N 165 
GLU OXT  O  N N 166 
GLU H    H  N N 167 
GLU H2   H  N N 168 
GLU HA   H  N N 169 
GLU HB2  H  N N 170 
GLU HB3  H  N N 171 
GLU HG2  H  N N 172 
GLU HG3  H  N N 173 
GLU HE2  H  N N 174 
GLU HXT  H  N N 175 
GLY N    N  N N 176 
GLY CA   C  N N 177 
GLY C    C  N N 178 
GLY O    O  N N 179 
GLY OXT  O  N N 180 
GLY H    H  N N 181 
GLY H2   H  N N 182 
GLY HA2  H  N N 183 
GLY HA3  H  N N 184 
GLY HXT  H  N N 185 
HIS N    N  N N 186 
HIS CA   C  N S 187 
HIS C    C  N N 188 
HIS O    O  N N 189 
HIS CB   C  N N 190 
HIS CG   C  Y N 191 
HIS ND1  N  Y N 192 
HIS CD2  C  Y N 193 
HIS CE1  C  Y N 194 
HIS NE2  N  Y N 195 
HIS OXT  O  N N 196 
HIS H    H  N N 197 
HIS H2   H  N N 198 
HIS HA   H  N N 199 
HIS HB2  H  N N 200 
HIS HB3  H  N N 201 
HIS HD1  H  N N 202 
HIS HD2  H  N N 203 
HIS HE1  H  N N 204 
HIS HE2  H  N N 205 
HIS HXT  H  N N 206 
HOH O    O  N N 207 
HOH H1   H  N N 208 
HOH H2   H  N N 209 
ILE N    N  N N 210 
ILE CA   C  N S 211 
ILE C    C  N N 212 
ILE O    O  N N 213 
ILE CB   C  N S 214 
ILE CG1  C  N N 215 
ILE CG2  C  N N 216 
ILE CD1  C  N N 217 
ILE OXT  O  N N 218 
ILE H    H  N N 219 
ILE H2   H  N N 220 
ILE HA   H  N N 221 
ILE HB   H  N N 222 
ILE HG12 H  N N 223 
ILE HG13 H  N N 224 
ILE HG21 H  N N 225 
ILE HG22 H  N N 226 
ILE HG23 H  N N 227 
ILE HD11 H  N N 228 
ILE HD12 H  N N 229 
ILE HD13 H  N N 230 
ILE HXT  H  N N 231 
LEU N    N  N N 232 
LEU CA   C  N S 233 
LEU C    C  N N 234 
LEU O    O  N N 235 
LEU CB   C  N N 236 
LEU CG   C  N N 237 
LEU CD1  C  N N 238 
LEU CD2  C  N N 239 
LEU OXT  O  N N 240 
LEU H    H  N N 241 
LEU H2   H  N N 242 
LEU HA   H  N N 243 
LEU HB2  H  N N 244 
LEU HB3  H  N N 245 
LEU HG   H  N N 246 
LEU HD11 H  N N 247 
LEU HD12 H  N N 248 
LEU HD13 H  N N 249 
LEU HD21 H  N N 250 
LEU HD22 H  N N 251 
LEU HD23 H  N N 252 
LEU HXT  H  N N 253 
LYS N    N  N N 254 
LYS CA   C  N S 255 
LYS C    C  N N 256 
LYS O    O  N N 257 
LYS CB   C  N N 258 
LYS CG   C  N N 259 
LYS CD   C  N N 260 
LYS CE   C  N N 261 
LYS NZ   N  N N 262 
LYS OXT  O  N N 263 
LYS H    H  N N 264 
LYS H2   H  N N 265 
LYS HA   H  N N 266 
LYS HB2  H  N N 267 
LYS HB3  H  N N 268 
LYS HG2  H  N N 269 
LYS HG3  H  N N 270 
LYS HD2  H  N N 271 
LYS HD3  H  N N 272 
LYS HE2  H  N N 273 
LYS HE3  H  N N 274 
LYS HZ1  H  N N 275 
LYS HZ2  H  N N 276 
LYS HZ3  H  N N 277 
LYS HXT  H  N N 278 
MET N    N  N N 279 
MET CA   C  N S 280 
MET C    C  N N 281 
MET O    O  N N 282 
MET CB   C  N N 283 
MET CG   C  N N 284 
MET SD   S  N N 285 
MET CE   C  N N 286 
MET OXT  O  N N 287 
MET H    H  N N 288 
MET H2   H  N N 289 
MET HA   H  N N 290 
MET HB2  H  N N 291 
MET HB3  H  N N 292 
MET HG2  H  N N 293 
MET HG3  H  N N 294 
MET HE1  H  N N 295 
MET HE2  H  N N 296 
MET HE3  H  N N 297 
MET HXT  H  N N 298 
PHE N    N  N N 299 
PHE CA   C  N S 300 
PHE C    C  N N 301 
PHE O    O  N N 302 
PHE CB   C  N N 303 
PHE CG   C  Y N 304 
PHE CD1  C  Y N 305 
PHE CD2  C  Y N 306 
PHE CE1  C  Y N 307 
PHE CE2  C  Y N 308 
PHE CZ   C  Y N 309 
PHE OXT  O  N N 310 
PHE H    H  N N 311 
PHE H2   H  N N 312 
PHE HA   H  N N 313 
PHE HB2  H  N N 314 
PHE HB3  H  N N 315 
PHE HD1  H  N N 316 
PHE HD2  H  N N 317 
PHE HE1  H  N N 318 
PHE HE2  H  N N 319 
PHE HZ   H  N N 320 
PHE HXT  H  N N 321 
SER N    N  N N 322 
SER CA   C  N S 323 
SER C    C  N N 324 
SER O    O  N N 325 
SER CB   C  N N 326 
SER OG   O  N N 327 
SER OXT  O  N N 328 
SER H    H  N N 329 
SER H2   H  N N 330 
SER HA   H  N N 331 
SER HB2  H  N N 332 
SER HB3  H  N N 333 
SER HG   H  N N 334 
SER HXT  H  N N 335 
THR N    N  N N 336 
THR CA   C  N S 337 
THR C    C  N N 338 
THR O    O  N N 339 
THR CB   C  N R 340 
THR OG1  O  N N 341 
THR CG2  C  N N 342 
THR OXT  O  N N 343 
THR H    H  N N 344 
THR H2   H  N N 345 
THR HA   H  N N 346 
THR HB   H  N N 347 
THR HG1  H  N N 348 
THR HG21 H  N N 349 
THR HG22 H  N N 350 
THR HG23 H  N N 351 
THR HXT  H  N N 352 
TYR N    N  N N 353 
TYR CA   C  N S 354 
TYR C    C  N N 355 
TYR O    O  N N 356 
TYR CB   C  N N 357 
TYR CG   C  Y N 358 
TYR CD1  C  Y N 359 
TYR CD2  C  Y N 360 
TYR CE1  C  Y N 361 
TYR CE2  C  Y N 362 
TYR CZ   C  Y N 363 
TYR OH   O  N N 364 
TYR OXT  O  N N 365 
TYR H    H  N N 366 
TYR H2   H  N N 367 
TYR HA   H  N N 368 
TYR HB2  H  N N 369 
TYR HB3  H  N N 370 
TYR HD1  H  N N 371 
TYR HD2  H  N N 372 
TYR HE1  H  N N 373 
TYR HE2  H  N N 374 
TYR HH   H  N N 375 
TYR HXT  H  N N 376 
VAL N    N  N N 377 
VAL CA   C  N S 378 
VAL C    C  N N 379 
VAL O    O  N N 380 
VAL CB   C  N N 381 
VAL CG1  C  N N 382 
VAL CG2  C  N N 383 
VAL OXT  O  N N 384 
VAL H    H  N N 385 
VAL H2   H  N N 386 
VAL HA   H  N N 387 
VAL HB   H  N N 388 
VAL HG11 H  N N 389 
VAL HG12 H  N N 390 
VAL HG13 H  N N 391 
VAL HG21 H  N N 392 
VAL HG22 H  N N 393 
VAL HG23 H  N N 394 
VAL HXT  H  N N 395 
# 
loop_
_chem_comp_bond.comp_id 
_chem_comp_bond.atom_id_1 
_chem_comp_bond.atom_id_2 
_chem_comp_bond.value_order 
_chem_comp_bond.pdbx_aromatic_flag 
_chem_comp_bond.pdbx_stereo_config 
_chem_comp_bond.pdbx_ordinal 
53A N1  N3   sing N N 1   
53A N1  C6   sing N N 2   
53A N1  C1   sing N N 3   
53A N3  N4   sing N N 4   
53A C4  C5   sing N N 5   
53A C4  S1   sing N N 6   
53A C4  N2   doub N N 7   
53A C5  C6   doub Y N 8   
53A C5  C11  sing Y N 9   
53A C6  C12  sing Y N 10  
53A O2  C9   doub N N 11  
53A N4  C3   sing N N 12  
53A O3  C10  doub N N 13  
53A C10 C13  sing N N 14  
53A C10 C7   sing N N 15  
53A C7  C9   sing N N 16  
53A C7  S1   sing N N 17  
53A C9  O5   sing N N 18  
53A O5  C15  sing N N 19  
53A C15 C19  sing N N 20  
53A N2  C1   sing N N 21  
53A C11 C16  doub Y N 22  
53A C16 C17  sing Y N 23  
53A C17 C12  doub Y N 24  
53A C3  C1   doub N N 25  
53A C3  C8   sing N N 26  
53A C8  O1   doub N N 27  
53A C8  O4   sing N N 28  
53A O4  C14  sing N N 29  
53A C14 C18  sing N N 30  
53A N3  HN3  sing N N 31  
53A N4  HN4  sing N N 32  
53A C13 H13  sing N N 33  
53A C13 H13A sing N N 34  
53A C13 H13B sing N N 35  
53A C7  H7   sing N N 36  
53A C15 H15  sing N N 37  
53A C15 H15A sing N N 38  
53A C19 H19  sing N N 39  
53A C19 H19A sing N N 40  
53A C19 H19B sing N N 41  
53A C11 H11  sing N N 42  
53A C16 H16  sing N N 43  
53A C17 H17  sing N N 44  
53A C12 H12  sing N N 45  
53A C14 H14  sing N N 46  
53A C14 H14A sing N N 47  
53A C18 H18  sing N N 48  
53A C18 H18A sing N N 49  
53A C18 H18B sing N N 50  
ALA N   CA   sing N N 51  
ALA N   H    sing N N 52  
ALA N   H2   sing N N 53  
ALA CA  C    sing N N 54  
ALA CA  CB   sing N N 55  
ALA CA  HA   sing N N 56  
ALA C   O    doub N N 57  
ALA C   OXT  sing N N 58  
ALA CB  HB1  sing N N 59  
ALA CB  HB2  sing N N 60  
ALA CB  HB3  sing N N 61  
ALA OXT HXT  sing N N 62  
ARG N   CA   sing N N 63  
ARG N   H    sing N N 64  
ARG N   H2   sing N N 65  
ARG CA  C    sing N N 66  
ARG CA  CB   sing N N 67  
ARG CA  HA   sing N N 68  
ARG C   O    doub N N 69  
ARG C   OXT  sing N N 70  
ARG CB  CG   sing N N 71  
ARG CB  HB2  sing N N 72  
ARG CB  HB3  sing N N 73  
ARG CG  CD   sing N N 74  
ARG CG  HG2  sing N N 75  
ARG CG  HG3  sing N N 76  
ARG CD  NE   sing N N 77  
ARG CD  HD2  sing N N 78  
ARG CD  HD3  sing N N 79  
ARG NE  CZ   sing N N 80  
ARG NE  HE   sing N N 81  
ARG CZ  NH1  sing N N 82  
ARG CZ  NH2  doub N N 83  
ARG NH1 HH11 sing N N 84  
ARG NH1 HH12 sing N N 85  
ARG NH2 HH21 sing N N 86  
ARG NH2 HH22 sing N N 87  
ARG OXT HXT  sing N N 88  
ASN N   CA   sing N N 89  
ASN N   H    sing N N 90  
ASN N   H2   sing N N 91  
ASN CA  C    sing N N 92  
ASN CA  CB   sing N N 93  
ASN CA  HA   sing N N 94  
ASN C   O    doub N N 95  
ASN C   OXT  sing N N 96  
ASN CB  CG   sing N N 97  
ASN CB  HB2  sing N N 98  
ASN CB  HB3  sing N N 99  
ASN CG  OD1  doub N N 100 
ASN CG  ND2  sing N N 101 
ASN ND2 HD21 sing N N 102 
ASN ND2 HD22 sing N N 103 
ASN OXT HXT  sing N N 104 
ASP N   CA   sing N N 105 
ASP N   H    sing N N 106 
ASP N   H2   sing N N 107 
ASP CA  C    sing N N 108 
ASP CA  CB   sing N N 109 
ASP CA  HA   sing N N 110 
ASP C   O    doub N N 111 
ASP C   OXT  sing N N 112 
ASP CB  CG   sing N N 113 
ASP CB  HB2  sing N N 114 
ASP CB  HB3  sing N N 115 
ASP CG  OD1  doub N N 116 
ASP CG  OD2  sing N N 117 
ASP OD2 HD2  sing N N 118 
ASP OXT HXT  sing N N 119 
CYS N   CA   sing N N 120 
CYS N   H    sing N N 121 
CYS N   H2   sing N N 122 
CYS CA  C    sing N N 123 
CYS CA  CB   sing N N 124 
CYS CA  HA   sing N N 125 
CYS C   O    doub N N 126 
CYS C   OXT  sing N N 127 
CYS CB  SG   sing N N 128 
CYS CB  HB2  sing N N 129 
CYS CB  HB3  sing N N 130 
CYS SG  HG   sing N N 131 
CYS OXT HXT  sing N N 132 
GLN N   CA   sing N N 133 
GLN N   H    sing N N 134 
GLN N   H2   sing N N 135 
GLN CA  C    sing N N 136 
GLN CA  CB   sing N N 137 
GLN CA  HA   sing N N 138 
GLN C   O    doub N N 139 
GLN C   OXT  sing N N 140 
GLN CB  CG   sing N N 141 
GLN CB  HB2  sing N N 142 
GLN CB  HB3  sing N N 143 
GLN CG  CD   sing N N 144 
GLN CG  HG2  sing N N 145 
GLN CG  HG3  sing N N 146 
GLN CD  OE1  doub N N 147 
GLN CD  NE2  sing N N 148 
GLN NE2 HE21 sing N N 149 
GLN NE2 HE22 sing N N 150 
GLN OXT HXT  sing N N 151 
GLU N   CA   sing N N 152 
GLU N   H    sing N N 153 
GLU N   H2   sing N N 154 
GLU CA  C    sing N N 155 
GLU CA  CB   sing N N 156 
GLU CA  HA   sing N N 157 
GLU C   O    doub N N 158 
GLU C   OXT  sing N N 159 
GLU CB  CG   sing N N 160 
GLU CB  HB2  sing N N 161 
GLU CB  HB3  sing N N 162 
GLU CG  CD   sing N N 163 
GLU CG  HG2  sing N N 164 
GLU CG  HG3  sing N N 165 
GLU CD  OE1  doub N N 166 
GLU CD  OE2  sing N N 167 
GLU OE2 HE2  sing N N 168 
GLU OXT HXT  sing N N 169 
GLY N   CA   sing N N 170 
GLY N   H    sing N N 171 
GLY N   H2   sing N N 172 
GLY CA  C    sing N N 173 
GLY CA  HA2  sing N N 174 
GLY CA  HA3  sing N N 175 
GLY C   O    doub N N 176 
GLY C   OXT  sing N N 177 
GLY OXT HXT  sing N N 178 
HIS N   CA   sing N N 179 
HIS N   H    sing N N 180 
HIS N   H2   sing N N 181 
HIS CA  C    sing N N 182 
HIS CA  CB   sing N N 183 
HIS CA  HA   sing N N 184 
HIS C   O    doub N N 185 
HIS C   OXT  sing N N 186 
HIS CB  CG   sing N N 187 
HIS CB  HB2  sing N N 188 
HIS CB  HB3  sing N N 189 
HIS CG  ND1  sing Y N 190 
HIS CG  CD2  doub Y N 191 
HIS ND1 CE1  doub Y N 192 
HIS ND1 HD1  sing N N 193 
HIS CD2 NE2  sing Y N 194 
HIS CD2 HD2  sing N N 195 
HIS CE1 NE2  sing Y N 196 
HIS CE1 HE1  sing N N 197 
HIS NE2 HE2  sing N N 198 
HIS OXT HXT  sing N N 199 
HOH O   H1   sing N N 200 
HOH O   H2   sing N N 201 
ILE N   CA   sing N N 202 
ILE N   H    sing N N 203 
ILE N   H2   sing N N 204 
ILE CA  C    sing N N 205 
ILE CA  CB   sing N N 206 
ILE CA  HA   sing N N 207 
ILE C   O    doub N N 208 
ILE C   OXT  sing N N 209 
ILE CB  CG1  sing N N 210 
ILE CB  CG2  sing N N 211 
ILE CB  HB   sing N N 212 
ILE CG1 CD1  sing N N 213 
ILE CG1 HG12 sing N N 214 
ILE CG1 HG13 sing N N 215 
ILE CG2 HG21 sing N N 216 
ILE CG2 HG22 sing N N 217 
ILE CG2 HG23 sing N N 218 
ILE CD1 HD11 sing N N 219 
ILE CD1 HD12 sing N N 220 
ILE CD1 HD13 sing N N 221 
ILE OXT HXT  sing N N 222 
LEU N   CA   sing N N 223 
LEU N   H    sing N N 224 
LEU N   H2   sing N N 225 
LEU CA  C    sing N N 226 
LEU CA  CB   sing N N 227 
LEU CA  HA   sing N N 228 
LEU C   O    doub N N 229 
LEU C   OXT  sing N N 230 
LEU CB  CG   sing N N 231 
LEU CB  HB2  sing N N 232 
LEU CB  HB3  sing N N 233 
LEU CG  CD1  sing N N 234 
LEU CG  CD2  sing N N 235 
LEU CG  HG   sing N N 236 
LEU CD1 HD11 sing N N 237 
LEU CD1 HD12 sing N N 238 
LEU CD1 HD13 sing N N 239 
LEU CD2 HD21 sing N N 240 
LEU CD2 HD22 sing N N 241 
LEU CD2 HD23 sing N N 242 
LEU OXT HXT  sing N N 243 
LYS N   CA   sing N N 244 
LYS N   H    sing N N 245 
LYS N   H2   sing N N 246 
LYS CA  C    sing N N 247 
LYS CA  CB   sing N N 248 
LYS CA  HA   sing N N 249 
LYS C   O    doub N N 250 
LYS C   OXT  sing N N 251 
LYS CB  CG   sing N N 252 
LYS CB  HB2  sing N N 253 
LYS CB  HB3  sing N N 254 
LYS CG  CD   sing N N 255 
LYS CG  HG2  sing N N 256 
LYS CG  HG3  sing N N 257 
LYS CD  CE   sing N N 258 
LYS CD  HD2  sing N N 259 
LYS CD  HD3  sing N N 260 
LYS CE  NZ   sing N N 261 
LYS CE  HE2  sing N N 262 
LYS CE  HE3  sing N N 263 
LYS NZ  HZ1  sing N N 264 
LYS NZ  HZ2  sing N N 265 
LYS NZ  HZ3  sing N N 266 
LYS OXT HXT  sing N N 267 
MET N   CA   sing N N 268 
MET N   H    sing N N 269 
MET N   H2   sing N N 270 
MET CA  C    sing N N 271 
MET CA  CB   sing N N 272 
MET CA  HA   sing N N 273 
MET C   O    doub N N 274 
MET C   OXT  sing N N 275 
MET CB  CG   sing N N 276 
MET CB  HB2  sing N N 277 
MET CB  HB3  sing N N 278 
MET CG  SD   sing N N 279 
MET CG  HG2  sing N N 280 
MET CG  HG3  sing N N 281 
MET SD  CE   sing N N 282 
MET CE  HE1  sing N N 283 
MET CE  HE2  sing N N 284 
MET CE  HE3  sing N N 285 
MET OXT HXT  sing N N 286 
PHE N   CA   sing N N 287 
PHE N   H    sing N N 288 
PHE N   H2   sing N N 289 
PHE CA  C    sing N N 290 
PHE CA  CB   sing N N 291 
PHE CA  HA   sing N N 292 
PHE C   O    doub N N 293 
PHE C   OXT  sing N N 294 
PHE CB  CG   sing N N 295 
PHE CB  HB2  sing N N 296 
PHE CB  HB3  sing N N 297 
PHE CG  CD1  doub Y N 298 
PHE CG  CD2  sing Y N 299 
PHE CD1 CE1  sing Y N 300 
PHE CD1 HD1  sing N N 301 
PHE CD2 CE2  doub Y N 302 
PHE CD2 HD2  sing N N 303 
PHE CE1 CZ   doub Y N 304 
PHE CE1 HE1  sing N N 305 
PHE CE2 CZ   sing Y N 306 
PHE CE2 HE2  sing N N 307 
PHE CZ  HZ   sing N N 308 
PHE OXT HXT  sing N N 309 
SER N   CA   sing N N 310 
SER N   H    sing N N 311 
SER N   H2   sing N N 312 
SER CA  C    sing N N 313 
SER CA  CB   sing N N 314 
SER CA  HA   sing N N 315 
SER C   O    doub N N 316 
SER C   OXT  sing N N 317 
SER CB  OG   sing N N 318 
SER CB  HB2  sing N N 319 
SER CB  HB3  sing N N 320 
SER OG  HG   sing N N 321 
SER OXT HXT  sing N N 322 
THR N   CA   sing N N 323 
THR N   H    sing N N 324 
THR N   H2   sing N N 325 
THR CA  C    sing N N 326 
THR CA  CB   sing N N 327 
THR CA  HA   sing N N 328 
THR C   O    doub N N 329 
THR C   OXT  sing N N 330 
THR CB  OG1  sing N N 331 
THR CB  CG2  sing N N 332 
THR CB  HB   sing N N 333 
THR OG1 HG1  sing N N 334 
THR CG2 HG21 sing N N 335 
THR CG2 HG22 sing N N 336 
THR CG2 HG23 sing N N 337 
THR OXT HXT  sing N N 338 
TYR N   CA   sing N N 339 
TYR N   H    sing N N 340 
TYR N   H2   sing N N 341 
TYR CA  C    sing N N 342 
TYR CA  CB   sing N N 343 
TYR CA  HA   sing N N 344 
TYR C   O    doub N N 345 
TYR C   OXT  sing N N 346 
TYR CB  CG   sing N N 347 
TYR CB  HB2  sing N N 348 
TYR CB  HB3  sing N N 349 
TYR CG  CD1  doub Y N 350 
TYR CG  CD2  sing Y N 351 
TYR CD1 CE1  sing Y N 352 
TYR CD1 HD1  sing N N 353 
TYR CD2 CE2  doub Y N 354 
TYR CD2 HD2  sing N N 355 
TYR CE1 CZ   doub Y N 356 
TYR CE1 HE1  sing N N 357 
TYR CE2 CZ   sing Y N 358 
TYR CE2 HE2  sing N N 359 
TYR CZ  OH   sing N N 360 
TYR OH  HH   sing N N 361 
TYR OXT HXT  sing N N 362 
VAL N   CA   sing N N 363 
VAL N   H    sing N N 364 
VAL N   H2   sing N N 365 
VAL CA  C    sing N N 366 
VAL CA  CB   sing N N 367 
VAL CA  HA   sing N N 368 
VAL C   O    doub N N 369 
VAL C   OXT  sing N N 370 
VAL CB  CG1  sing N N 371 
VAL CB  CG2  sing N N 372 
VAL CB  HB   sing N N 373 
VAL CG1 HG11 sing N N 374 
VAL CG1 HG12 sing N N 375 
VAL CG1 HG13 sing N N 376 
VAL CG2 HG21 sing N N 377 
VAL CG2 HG22 sing N N 378 
VAL CG2 HG23 sing N N 379 
VAL OXT HXT  sing N N 380 
# 
loop_
_pdbx_entity_nonpoly.entity_id 
_pdbx_entity_nonpoly.name 
_pdbx_entity_nonpoly.comp_id 
2 'CALCIUM ION'                                                                                                        CA  
3 'ethyl 5-{[(1R)-1-(ethoxycarbonyl)-2-oxopropyl]sulfanyl}-1,2-dihydro[1,2,3]triazolo[1,5-a]quinazoline-3-carboxylate' 53A 
4 water                                                                                                                HOH 
# 
_pdbx_initial_refinement_model.id               1 
_pdbx_initial_refinement_model.entity_id_list   ? 
_pdbx_initial_refinement_model.type             'experimental model' 
_pdbx_initial_refinement_model.source_name      PDB 
_pdbx_initial_refinement_model.accession_code   1MHO 
_pdbx_initial_refinement_model.details          'PDB ENTRY 1MHO' 
# 
